data_7KJ1
#
_entry.id   7KJ1
#
_cell.length_a   233.200
_cell.length_b   88.300
_cell.length_c   125.200
_cell.angle_alpha   90.000
_cell.angle_beta   99.200
_cell.angle_gamma   90.000
#
_symmetry.space_group_name_H-M   'C 1 2 1'
#
loop_
_entity.id
_entity.type
_entity.pdbx_description
1 polymer Peroxiredoxin-2
2 water water
#
_entity_poly.entity_id   1
_entity_poly.type   'polypeptide(L)'
_entity_poly.pdbx_seq_one_letter_code
;ASGNARIGKPAPDFKATAVVDGAFKEVKLSDYKGKYVVLFFYPLDFTFVCPTEIIAFSNRAEDFRKLGCEVLGVSVDSQF
THLAWINTPRKEGGLGPLNIPLLADVTRRLSEDYGVLKTDEGIAYRGLFIIDGKGVLRQITVNDLPVGRSVDEALRLVQA
FQYTDEHGEVSPAGWKPGSDTIKPNVDDSKEYFSKHN
;
_entity_poly.pdbx_strand_id   A,B,C,D,E,F,G,H,I,J
#
# COMPACT_ATOMS: atom_id res chain seq x y z
N ALA A 1 3.35 -13.55 -24.84
N ALA A 1 4.88 -11.90 -30.45
CA ALA A 1 2.78 -13.96 -23.56
CA ALA A 1 5.09 -11.65 -29.03
C ALA A 1 3.82 -13.87 -22.45
C ALA A 1 5.81 -12.83 -28.38
N SER A 2 5.09 -13.97 -22.84
N SER A 2 6.78 -12.53 -27.52
CA SER A 2 6.20 -13.81 -21.91
CA SER A 2 7.47 -13.55 -26.76
C SER A 2 7.42 -13.33 -22.69
C SER A 2 8.35 -12.91 -25.70
N GLY A 3 8.32 -12.67 -21.99
N GLY A 3 7.92 -12.96 -24.45
CA GLY A 3 9.53 -12.16 -22.61
CA GLY A 3 8.65 -12.33 -23.36
C GLY A 3 9.33 -10.78 -23.20
C GLY A 3 8.88 -10.85 -23.61
N ASN A 4 10.33 -10.37 -23.99
N ASN A 4 10.07 -10.50 -24.09
CA ASN A 4 10.38 -9.02 -24.55
CA ASN A 4 10.38 -9.14 -24.52
C ASN A 4 10.49 -8.99 -26.07
C ASN A 4 10.52 -9.02 -26.02
N ALA A 5 10.43 -10.14 -26.75
CA ALA A 5 10.54 -10.14 -28.20
C ALA A 5 9.24 -9.61 -28.81
N ARG A 6 9.35 -8.49 -29.52
CA ARG A 6 8.19 -7.84 -30.12
C ARG A 6 8.52 -7.44 -31.55
N ILE A 7 7.63 -7.82 -32.48
CA ILE A 7 7.83 -7.49 -33.89
CA ILE A 7 7.87 -7.49 -33.87
C ILE A 7 7.84 -5.98 -34.06
N GLY A 8 8.74 -5.49 -34.92
CA GLY A 8 8.85 -4.07 -35.19
C GLY A 8 9.60 -3.27 -34.15
N LYS A 9 10.13 -3.92 -33.12
CA LYS A 9 10.88 -3.27 -32.06
C LYS A 9 12.29 -3.87 -32.00
N PRO A 10 13.24 -3.17 -31.37
CA PRO A 10 14.59 -3.73 -31.24
C PRO A 10 14.56 -5.11 -30.63
N ALA A 11 15.17 -6.07 -31.32
CA ALA A 11 15.22 -7.42 -30.81
C ALA A 11 15.92 -7.44 -29.46
N PRO A 12 15.46 -8.26 -28.50
CA PRO A 12 16.14 -8.34 -27.20
C PRO A 12 17.63 -8.58 -27.36
N ASP A 13 18.45 -7.66 -26.84
CA ASP A 13 19.89 -7.83 -26.88
C ASP A 13 20.28 -9.14 -26.17
N PHE A 14 21.38 -9.74 -26.61
CA PHE A 14 21.85 -10.96 -25.98
C PHE A 14 23.36 -11.03 -26.06
N LYS A 15 23.92 -11.86 -25.18
CA LYS A 15 25.36 -12.06 -25.08
C LYS A 15 25.59 -13.41 -24.42
N ALA A 16 26.38 -14.26 -25.07
CA ALA A 16 26.56 -15.62 -24.57
C ALA A 16 27.90 -16.17 -25.04
N THR A 17 28.39 -17.16 -24.30
CA THR A 17 29.56 -17.92 -24.74
C THR A 17 29.11 -18.98 -25.74
N ALA A 18 29.84 -19.09 -26.85
CA ALA A 18 29.44 -19.95 -27.96
C ALA A 18 30.62 -20.78 -28.44
N VAL A 19 30.30 -21.90 -29.07
CA VAL A 19 31.28 -22.74 -29.72
C VAL A 19 31.37 -22.28 -31.17
N VAL A 20 32.52 -21.76 -31.56
CA VAL A 20 32.75 -21.26 -32.91
C VAL A 20 34.02 -21.91 -33.43
N ASP A 21 33.88 -22.79 -34.43
CA ASP A 21 35.03 -23.47 -35.04
C ASP A 21 35.74 -24.34 -34.01
N GLY A 22 34.97 -25.02 -33.16
CA GLY A 22 35.52 -25.91 -32.17
C GLY A 22 36.19 -25.25 -31.00
N ALA A 23 36.10 -23.92 -30.88
CA ALA A 23 36.67 -23.18 -29.78
C ALA A 23 35.58 -22.31 -29.15
N PHE A 24 35.88 -21.80 -27.96
CA PHE A 24 34.94 -20.96 -27.23
C PHE A 24 35.16 -19.49 -27.58
N LYS A 25 34.07 -18.76 -27.70
CA LYS A 25 34.12 -17.36 -28.09
C LYS A 25 32.87 -16.67 -27.58
N GLU A 26 33.00 -15.38 -27.23
CA GLU A 26 31.86 -14.58 -26.84
C GLU A 26 31.12 -14.09 -28.08
N VAL A 27 29.80 -14.24 -28.08
CA VAL A 27 28.94 -13.80 -29.17
C VAL A 27 27.87 -12.89 -28.60
N LYS A 28 27.59 -11.80 -29.31
CA LYS A 28 26.59 -10.85 -28.86
C LYS A 28 25.90 -10.22 -30.08
N LEU A 29 24.65 -9.83 -29.89
CA LEU A 29 23.85 -9.31 -31.01
C LEU A 29 24.53 -8.13 -31.68
N SER A 30 25.19 -7.27 -30.90
CA SER A 30 25.84 -6.10 -31.47
C SER A 30 26.91 -6.48 -32.47
N ASP A 31 27.44 -7.71 -32.40
CA ASP A 31 28.42 -8.16 -33.38
C ASP A 31 27.86 -8.19 -34.79
N TYR A 32 26.53 -8.29 -34.94
CA TYR A 32 25.90 -8.49 -36.23
C TYR A 32 25.18 -7.24 -36.74
N LYS A 33 25.59 -6.06 -36.27
CA LYS A 33 25.05 -4.82 -36.80
C LYS A 33 25.25 -4.77 -38.31
N GLY A 34 24.20 -4.35 -39.03
CA GLY A 34 24.25 -4.26 -40.47
C GLY A 34 23.99 -5.57 -41.20
N LYS A 35 23.85 -6.68 -40.49
N LYS A 35 23.84 -6.67 -40.49
CA LYS A 35 23.57 -7.97 -41.09
CA LYS A 35 23.57 -7.97 -41.08
C LYS A 35 22.26 -8.51 -40.53
C LYS A 35 22.25 -8.52 -40.54
N TYR A 36 21.56 -9.28 -41.37
CA TYR A 36 20.38 -10.01 -40.91
C TYR A 36 20.82 -11.18 -40.04
N VAL A 37 19.95 -11.58 -39.13
CA VAL A 37 20.27 -12.65 -38.18
C VAL A 37 19.07 -13.57 -38.07
N VAL A 38 19.32 -14.88 -38.16
CA VAL A 38 18.33 -15.90 -37.85
C VAL A 38 18.81 -16.60 -36.58
N LEU A 39 18.09 -16.38 -35.49
CA LEU A 39 18.42 -16.93 -34.18
C LEU A 39 17.38 -17.99 -33.85
N PHE A 40 17.82 -19.25 -33.78
CA PHE A 40 16.92 -20.36 -33.53
C PHE A 40 17.33 -21.06 -32.24
N PHE A 41 16.38 -21.17 -31.31
CA PHE A 41 16.56 -21.93 -30.08
C PHE A 41 16.20 -23.39 -30.32
N TYR A 42 16.78 -24.26 -29.50
CA TYR A 42 16.40 -25.66 -29.45
C TYR A 42 16.51 -26.15 -28.01
N PRO A 43 15.69 -27.11 -27.62
CA PRO A 43 15.60 -27.48 -26.20
C PRO A 43 16.89 -28.05 -25.61
N LEU A 44 17.35 -29.21 -26.08
CA LEU A 44 18.39 -29.96 -25.38
C LEU A 44 19.40 -30.56 -26.35
N ASP A 45 20.67 -30.46 -25.96
CA ASP A 45 21.72 -31.20 -26.64
C ASP A 45 21.54 -32.70 -26.44
N PHE A 46 22.07 -33.47 -27.38
CA PHE A 46 22.02 -34.93 -27.34
C PHE A 46 20.59 -35.45 -27.32
N THR A 47 19.71 -34.78 -28.07
CA THR A 47 18.35 -35.26 -28.31
C THR A 47 18.21 -35.60 -29.78
N PHE A 48 17.02 -35.36 -30.35
CA PHE A 48 16.62 -36.06 -31.58
C PHE A 48 16.24 -35.12 -32.71
N VAL A 49 15.23 -34.26 -32.54
CA VAL A 49 14.92 -33.29 -33.58
C VAL A 49 16.04 -32.25 -33.67
N CYS A 50 16.55 -31.80 -32.52
CA CYS A 50 17.53 -30.72 -32.49
C CYS A 50 18.71 -30.95 -33.43
N PRO A 51 19.42 -32.08 -33.40
CA PRO A 51 20.57 -32.23 -34.29
C PRO A 51 20.24 -32.07 -35.76
N THR A 52 19.04 -32.49 -36.19
CA THR A 52 18.68 -32.34 -37.60
C THR A 52 18.50 -30.87 -37.97
N GLU A 53 17.88 -30.09 -37.07
CA GLU A 53 17.73 -28.66 -37.32
C GLU A 53 19.10 -27.97 -37.33
N ILE A 54 19.93 -28.29 -36.35
CA ILE A 54 21.27 -27.68 -36.29
C ILE A 54 22.07 -28.05 -37.54
N ILE A 55 22.06 -29.33 -37.90
CA ILE A 55 22.81 -29.78 -39.07
C ILE A 55 22.29 -29.10 -40.33
N ALA A 56 20.97 -28.99 -40.46
CA ALA A 56 20.39 -28.37 -41.65
C ALA A 56 20.86 -26.93 -41.80
N PHE A 57 20.71 -26.13 -40.75
CA PHE A 57 21.15 -24.73 -40.82
C PHE A 57 22.65 -24.64 -41.06
N SER A 58 23.43 -25.53 -40.44
CA SER A 58 24.86 -25.54 -40.67
C SER A 58 25.17 -25.78 -42.14
N ASN A 59 24.51 -26.78 -42.74
CA ASN A 59 24.76 -27.07 -44.15
C ASN A 59 24.36 -25.89 -45.04
N ARG A 60 23.27 -25.22 -44.70
CA ARG A 60 22.74 -24.11 -45.47
C ARG A 60 23.31 -22.77 -45.04
N ALA A 61 24.34 -22.76 -44.18
CA ALA A 61 24.83 -21.52 -43.62
C ALA A 61 25.23 -20.53 -44.71
N GLU A 62 25.91 -21.01 -45.76
CA GLU A 62 26.43 -20.10 -46.77
C GLU A 62 25.33 -19.53 -47.65
N ASP A 63 24.21 -20.26 -47.80
CA ASP A 63 23.07 -19.67 -48.48
C ASP A 63 22.58 -18.41 -47.77
N PHE A 64 22.61 -18.44 -46.43
CA PHE A 64 22.21 -17.26 -45.67
C PHE A 64 23.30 -16.18 -45.71
N ARG A 65 24.57 -16.58 -45.53
CA ARG A 65 25.64 -15.60 -45.49
C ARG A 65 25.79 -14.87 -46.82
N LYS A 66 25.44 -15.53 -47.93
CA LYS A 66 25.50 -14.85 -49.22
C LYS A 66 24.50 -13.71 -49.32
N LEU A 67 23.46 -13.70 -48.50
CA LEU A 67 22.51 -12.60 -48.41
C LEU A 67 22.87 -11.64 -47.30
N GLY A 68 24.04 -11.77 -46.69
CA GLY A 68 24.37 -10.97 -45.54
C GLY A 68 23.53 -11.33 -44.32
N CYS A 69 23.27 -12.61 -44.12
CA CYS A 69 22.51 -13.09 -42.97
C CYS A 69 23.31 -14.15 -42.23
N GLU A 70 23.45 -13.97 -40.93
CA GLU A 70 24.18 -14.91 -40.08
C GLU A 70 23.18 -15.74 -39.27
N VAL A 71 23.48 -17.03 -39.14
CA VAL A 71 22.61 -17.98 -38.44
C VAL A 71 23.27 -18.38 -37.13
N LEU A 72 22.49 -18.36 -36.05
CA LEU A 72 22.97 -18.69 -34.72
C LEU A 72 22.02 -19.67 -34.07
N GLY A 73 22.58 -20.75 -33.52
CA GLY A 73 21.83 -21.69 -32.72
C GLY A 73 22.12 -21.49 -31.25
N VAL A 74 21.14 -21.80 -30.41
CA VAL A 74 21.27 -21.60 -28.97
C VAL A 74 20.39 -22.59 -28.24
N SER A 75 20.91 -23.13 -27.14
CA SER A 75 20.14 -23.88 -26.17
C SER A 75 20.69 -23.57 -24.78
N VAL A 76 19.99 -24.08 -23.76
CA VAL A 76 20.42 -23.85 -22.38
C VAL A 76 21.62 -24.68 -21.98
N ASP A 77 22.09 -25.58 -22.84
CA ASP A 77 23.26 -26.37 -22.52
C ASP A 77 24.53 -25.50 -22.51
N SER A 78 25.52 -25.95 -21.75
CA SER A 78 26.78 -25.23 -21.66
C SER A 78 27.62 -25.42 -22.93
N GLN A 79 28.63 -24.57 -23.08
CA GLN A 79 29.51 -24.68 -24.23
C GLN A 79 30.31 -25.98 -24.20
N PHE A 80 30.60 -26.50 -23.01
CA PHE A 80 31.32 -27.77 -22.91
C PHE A 80 30.47 -28.91 -23.44
N THR A 81 29.17 -28.89 -23.18
CA THR A 81 28.27 -29.89 -23.75
C THR A 81 28.10 -29.69 -25.25
N HIS A 82 28.03 -28.43 -25.69
CA HIS A 82 27.99 -28.15 -27.12
C HIS A 82 29.19 -28.77 -27.82
N LEU A 83 30.38 -28.63 -27.23
CA LEU A 83 31.58 -29.12 -27.87
C LEU A 83 31.63 -30.64 -27.86
N ALA A 84 31.20 -31.27 -26.77
CA ALA A 84 31.15 -32.72 -26.73
C ALA A 84 30.15 -33.27 -27.74
N TRP A 85 29.07 -32.54 -27.99
CA TRP A 85 28.12 -32.95 -29.01
C TRP A 85 28.70 -32.76 -30.40
N ILE A 86 29.45 -31.67 -30.61
CA ILE A 86 30.11 -31.44 -31.88
C ILE A 86 31.14 -32.52 -32.16
N ASN A 87 31.81 -32.99 -31.10
CA ASN A 87 32.80 -34.06 -31.23
C ASN A 87 32.18 -35.44 -31.24
N THR A 88 30.86 -35.53 -31.37
CA THR A 88 30.17 -36.81 -31.54
C THR A 88 29.80 -37.00 -32.99
N PRO A 89 30.10 -38.15 -33.61
CA PRO A 89 29.74 -38.33 -35.02
C PRO A 89 28.24 -38.24 -35.23
N ARG A 90 27.86 -37.70 -36.40
CA ARG A 90 26.45 -37.58 -36.72
C ARG A 90 25.78 -38.95 -36.81
N LYS A 91 26.55 -39.99 -37.16
CA LYS A 91 26.00 -41.34 -37.20
C LYS A 91 25.49 -41.76 -35.82
N GLU A 92 26.17 -41.33 -34.75
CA GLU A 92 25.79 -41.65 -33.39
C GLU A 92 24.89 -40.59 -32.77
N GLY A 93 24.29 -39.74 -33.59
CA GLY A 93 23.41 -38.70 -33.09
C GLY A 93 24.09 -37.40 -32.71
N GLY A 94 25.33 -37.20 -33.15
CA GLY A 94 26.05 -35.97 -32.88
C GLY A 94 25.84 -34.94 -33.98
N LEU A 95 26.56 -33.83 -33.85
CA LEU A 95 26.50 -32.75 -34.82
C LEU A 95 27.66 -32.76 -35.80
N GLY A 96 28.80 -33.32 -35.43
CA GLY A 96 29.99 -33.20 -36.23
C GLY A 96 30.42 -31.75 -36.32
N PRO A 97 31.46 -31.46 -37.10
CA PRO A 97 31.88 -30.07 -37.28
C PRO A 97 30.73 -29.21 -37.79
N LEU A 98 30.67 -27.97 -37.30
CA LEU A 98 29.58 -27.06 -37.63
C LEU A 98 30.12 -25.79 -38.27
N ASN A 99 29.28 -25.17 -39.08
CA ASN A 99 29.60 -23.91 -39.75
C ASN A 99 28.82 -22.74 -39.17
N ILE A 100 28.05 -22.96 -38.10
CA ILE A 100 27.33 -21.89 -37.42
C ILE A 100 27.73 -21.89 -35.94
N PRO A 101 27.65 -20.76 -35.25
CA PRO A 101 27.91 -20.77 -33.80
C PRO A 101 26.80 -21.47 -33.04
N LEU A 102 27.18 -22.06 -31.91
CA LEU A 102 26.24 -22.68 -30.99
C LEU A 102 26.39 -21.97 -29.64
N LEU A 103 25.37 -21.21 -29.26
CA LEU A 103 25.42 -20.41 -28.05
C LEU A 103 24.94 -21.23 -26.85
N ALA A 104 25.54 -20.95 -25.69
CA ALA A 104 25.18 -21.60 -24.44
C ALA A 104 24.39 -20.61 -23.59
N ASP A 105 23.12 -20.91 -23.35
CA ASP A 105 22.26 -20.06 -22.53
C ASP A 105 22.06 -20.71 -21.16
N VAL A 106 23.16 -20.89 -20.42
CA VAL A 106 23.08 -21.60 -19.14
C VAL A 106 22.29 -20.79 -18.12
N THR A 107 22.35 -19.46 -18.20
CA THR A 107 21.59 -18.61 -17.29
C THR A 107 20.12 -18.52 -17.68
N ARG A 108 19.71 -19.12 -18.79
N ARG A 108 19.71 -19.12 -18.79
CA ARG A 108 18.36 -19.02 -19.32
CA ARG A 108 18.36 -19.02 -19.33
C ARG A 108 17.95 -17.58 -19.62
C ARG A 108 17.95 -17.58 -19.64
N ARG A 109 18.89 -16.65 -19.64
CA ARG A 109 18.58 -15.25 -19.90
C ARG A 109 18.06 -15.06 -21.32
N LEU A 110 18.76 -15.65 -22.30
CA LEU A 110 18.32 -15.52 -23.68
C LEU A 110 16.93 -16.12 -23.88
N SER A 111 16.72 -17.33 -23.38
CA SER A 111 15.42 -18.00 -23.57
C SER A 111 14.30 -17.20 -22.91
N GLU A 112 14.55 -16.65 -21.73
CA GLU A 112 13.52 -15.85 -21.06
C GLU A 112 13.25 -14.56 -21.79
N ASP A 113 14.30 -13.88 -22.28
CA ASP A 113 14.11 -12.62 -22.98
C ASP A 113 13.38 -12.81 -24.30
N TYR A 114 13.51 -13.97 -24.93
CA TYR A 114 12.82 -14.28 -26.17
C TYR A 114 11.57 -15.11 -25.95
N GLY A 115 11.14 -15.28 -24.70
CA GLY A 115 9.85 -15.88 -24.41
C GLY A 115 9.64 -17.27 -24.95
N VAL A 116 10.70 -18.10 -24.96
CA VAL A 116 10.61 -19.46 -25.45
C VAL A 116 10.90 -20.50 -24.37
N LEU A 117 11.10 -20.07 -23.14
CA LEU A 117 11.47 -21.00 -22.07
C LEU A 117 10.25 -21.80 -21.64
N LYS A 118 10.32 -23.11 -21.79
CA LYS A 118 9.29 -24.02 -21.28
CA LYS A 118 9.29 -24.02 -21.28
C LYS A 118 9.51 -24.16 -19.78
N THR A 119 8.88 -23.26 -19.02
CA THR A 119 9.19 -23.11 -17.61
C THR A 119 9.17 -24.43 -16.85
N ASP A 120 8.18 -25.28 -17.11
CA ASP A 120 8.03 -26.49 -16.32
C ASP A 120 9.14 -27.50 -16.58
N GLU A 121 9.99 -27.28 -17.57
CA GLU A 121 11.13 -28.16 -17.85
C GLU A 121 12.47 -27.44 -17.90
N GLY A 122 12.49 -26.11 -17.99
CA GLY A 122 13.74 -25.39 -18.03
C GLY A 122 14.46 -25.43 -19.36
N ILE A 123 13.75 -25.73 -20.45
CA ILE A 123 14.33 -25.82 -21.79
C ILE A 123 13.57 -24.90 -22.71
N ALA A 124 14.22 -24.52 -23.80
CA ALA A 124 13.64 -23.59 -24.77
C ALA A 124 12.83 -24.35 -25.80
N TYR A 125 11.69 -23.77 -26.17
CA TYR A 125 10.94 -24.28 -27.31
C TYR A 125 11.72 -24.02 -28.59
N ARG A 126 11.20 -24.56 -29.70
CA ARG A 126 11.84 -24.40 -31.01
C ARG A 126 11.46 -23.04 -31.59
N GLY A 127 12.00 -22.00 -30.97
CA GLY A 127 11.73 -20.64 -31.38
C GLY A 127 12.80 -20.12 -32.32
N LEU A 128 12.36 -19.59 -33.45
CA LEU A 128 13.23 -18.99 -34.44
C LEU A 128 12.83 -17.53 -34.63
N PHE A 129 13.84 -16.66 -34.69
CA PHE A 129 13.62 -15.23 -34.78
C PHE A 129 14.51 -14.65 -35.88
N ILE A 130 13.92 -13.78 -36.71
CA ILE A 130 14.64 -13.10 -37.79
C ILE A 130 14.81 -11.65 -37.38
N ILE A 131 16.05 -11.17 -37.46
CA ILE A 131 16.41 -9.81 -37.07
C ILE A 131 17.11 -9.15 -38.24
N ASP A 132 16.77 -7.89 -38.51
CA ASP A 132 17.35 -7.17 -39.63
C ASP A 132 18.65 -6.49 -39.21
N GLY A 133 19.29 -5.81 -40.15
CA GLY A 133 20.56 -5.16 -39.89
C GLY A 133 20.50 -3.99 -38.93
N LYS A 134 19.29 -3.54 -38.57
CA LYS A 134 19.10 -2.48 -37.60
C LYS A 134 18.78 -3.00 -36.21
N GLY A 135 18.78 -4.32 -36.02
CA GLY A 135 18.45 -4.91 -34.74
C GLY A 135 16.97 -5.05 -34.46
N VAL A 136 16.12 -4.84 -35.47
CA VAL A 136 14.68 -4.86 -35.28
C VAL A 136 14.17 -6.27 -35.59
N LEU A 137 13.31 -6.79 -34.73
CA LEU A 137 12.74 -8.11 -34.91
C LEU A 137 11.68 -8.07 -36.02
N ARG A 138 11.79 -9.01 -36.98
CA ARG A 138 10.89 -9.04 -38.11
C ARG A 138 9.98 -10.26 -38.15
N GLN A 139 10.38 -11.37 -37.52
CA GLN A 139 9.62 -12.60 -37.66
C GLN A 139 9.79 -13.45 -36.41
N ILE A 140 8.71 -14.11 -35.99
CA ILE A 140 8.70 -15.02 -34.86
C ILE A 140 8.11 -16.34 -35.31
N THR A 141 8.86 -17.43 -35.09
CA THR A 141 8.39 -18.79 -35.36
C THR A 141 8.71 -19.64 -34.14
N VAL A 142 7.69 -20.30 -33.59
CA VAL A 142 7.84 -21.14 -32.41
C VAL A 142 7.10 -22.44 -32.64
N ASN A 143 7.82 -23.56 -32.61
CA ASN A 143 7.25 -24.88 -32.77
C ASN A 143 7.26 -25.63 -31.46
N ASP A 144 6.20 -26.40 -31.21
CA ASP A 144 6.24 -27.36 -30.12
C ASP A 144 7.38 -28.36 -30.35
N LEU A 145 7.79 -29.02 -29.27
CA LEU A 145 9.02 -29.80 -29.31
C LEU A 145 9.04 -30.89 -30.39
N PRO A 146 7.96 -31.63 -30.65
CA PRO A 146 8.07 -32.81 -31.52
C PRO A 146 8.11 -32.53 -33.01
N VAL A 147 8.08 -31.28 -33.46
CA VAL A 147 8.05 -30.96 -34.89
C VAL A 147 9.19 -30.00 -35.21
N GLY A 148 10.05 -30.42 -36.15
CA GLY A 148 11.17 -29.58 -36.55
C GLY A 148 10.75 -28.48 -37.52
N ARG A 149 11.64 -27.51 -37.67
CA ARG A 149 11.38 -26.34 -38.49
C ARG A 149 11.86 -26.56 -39.92
N SER A 150 11.61 -25.58 -40.78
CA SER A 150 11.96 -25.63 -42.20
C SER A 150 13.01 -24.56 -42.49
N VAL A 151 14.16 -24.98 -42.99
CA VAL A 151 15.18 -24.01 -43.36
C VAL A 151 14.79 -23.28 -44.64
N ASP A 152 14.09 -23.95 -45.55
CA ASP A 152 13.65 -23.31 -46.78
C ASP A 152 12.75 -22.11 -46.47
N GLU A 153 11.79 -22.28 -45.56
CA GLU A 153 10.91 -21.17 -45.20
C GLU A 153 11.69 -20.06 -44.50
N ALA A 154 12.66 -20.42 -43.66
CA ALA A 154 13.49 -19.41 -43.01
C ALA A 154 14.25 -18.59 -44.05
N LEU A 155 14.85 -19.26 -45.03
CA LEU A 155 15.53 -18.54 -46.10
C LEU A 155 14.56 -17.68 -46.89
N ARG A 156 13.40 -18.24 -47.23
CA ARG A 156 12.41 -17.47 -47.98
C ARG A 156 12.02 -16.21 -47.23
N LEU A 157 11.81 -16.32 -45.91
CA LEU A 157 11.42 -15.15 -45.12
C LEU A 157 12.51 -14.08 -45.15
N VAL A 158 13.76 -14.49 -44.92
CA VAL A 158 14.87 -13.53 -44.99
C VAL A 158 14.90 -12.86 -46.36
N GLN A 159 14.78 -13.65 -47.42
CA GLN A 159 14.74 -13.09 -48.76
C GLN A 159 13.60 -12.08 -48.90
N ALA A 160 12.43 -12.42 -48.35
CA ALA A 160 11.27 -11.53 -48.47
C ALA A 160 11.51 -10.22 -47.72
N PHE A 161 11.92 -10.30 -46.45
CA PHE A 161 12.14 -9.09 -45.66
C PHE A 161 13.19 -8.20 -46.30
N GLN A 162 14.22 -8.80 -46.90
CA GLN A 162 15.27 -8.00 -47.53
C GLN A 162 14.77 -7.35 -48.81
N TYR A 163 13.99 -8.08 -49.61
CA TYR A 163 13.49 -7.52 -50.86
C TYR A 163 12.51 -6.38 -50.58
N THR A 164 11.62 -6.56 -49.62
CA THR A 164 10.65 -5.52 -49.29
C THR A 164 11.32 -4.32 -48.61
N ASP A 165 12.38 -4.57 -47.82
CA ASP A 165 13.14 -3.46 -47.26
C ASP A 165 13.69 -2.55 -48.35
N GLU A 166 14.24 -3.14 -49.41
CA GLU A 166 14.94 -2.35 -50.41
C GLU A 166 13.98 -1.58 -51.30
N HIS A 167 12.90 -2.24 -51.75
CA HIS A 167 12.04 -1.69 -52.79
C HIS A 167 10.74 -1.09 -52.25
N GLY A 168 10.53 -1.12 -50.94
CA GLY A 168 9.32 -0.53 -50.39
C GLY A 168 8.04 -1.17 -50.86
N GLU A 169 8.12 -2.38 -51.42
CA GLU A 169 6.94 -3.14 -51.79
C GLU A 169 6.72 -4.26 -50.77
N VAL A 170 5.59 -4.95 -50.93
CA VAL A 170 5.19 -6.00 -49.99
C VAL A 170 5.07 -7.31 -50.76
N SER A 171 5.43 -8.41 -50.11
CA SER A 171 5.52 -9.71 -50.78
C SER A 171 4.27 -10.52 -50.50
N PRO A 172 3.53 -10.98 -51.52
CA PRO A 172 2.32 -11.76 -51.26
C PRO A 172 2.60 -13.14 -50.68
N ALA A 173 1.54 -13.90 -50.44
CA ALA A 173 1.68 -15.23 -49.86
C ALA A 173 2.55 -16.12 -50.75
N GLY A 174 3.45 -16.86 -50.12
CA GLY A 174 4.30 -17.79 -50.85
C GLY A 174 5.34 -17.16 -51.73
N TRP A 175 5.60 -15.86 -51.59
CA TRP A 175 6.55 -15.19 -52.45
C TRP A 175 7.93 -15.83 -52.35
N LYS A 176 8.61 -15.91 -53.48
CA LYS A 176 10.00 -16.32 -53.55
C LYS A 176 10.71 -15.41 -54.54
N PRO A 177 12.04 -15.36 -54.51
CA PRO A 177 12.77 -14.55 -55.49
C PRO A 177 12.30 -14.87 -56.90
N GLY A 178 11.98 -13.81 -57.66
CA GLY A 178 11.45 -13.93 -58.98
C GLY A 178 9.94 -13.74 -59.07
N SER A 179 9.23 -13.84 -57.95
CA SER A 179 7.79 -13.63 -57.94
C SER A 179 7.47 -12.15 -57.95
N ASP A 180 6.23 -11.84 -58.35
CA ASP A 180 5.75 -10.47 -58.34
C ASP A 180 5.44 -10.02 -56.92
N THR A 181 5.62 -8.73 -56.67
CA THR A 181 5.26 -8.10 -55.41
C THR A 181 4.12 -7.11 -55.67
N ILE A 182 3.64 -6.50 -54.58
CA ILE A 182 2.54 -5.54 -54.63
C ILE A 182 3.07 -4.20 -54.15
N LYS A 183 2.81 -3.16 -54.94
CA LYS A 183 3.06 -1.79 -54.48
C LYS A 183 1.96 -1.41 -53.51
N PRO A 184 2.28 -1.09 -52.25
CA PRO A 184 1.23 -0.99 -51.21
C PRO A 184 0.49 0.36 -51.20
N ASN A 185 -0.27 0.61 -52.26
CA ASN A 185 -1.22 1.72 -52.26
C ASN A 185 -2.37 1.37 -53.18
N VAL A 186 -3.52 1.99 -52.93
CA VAL A 186 -4.77 1.56 -53.56
C VAL A 186 -4.63 1.55 -55.08
N ASP A 187 -4.06 2.61 -55.64
CA ASP A 187 -3.99 2.73 -57.10
C ASP A 187 -2.98 1.75 -57.69
N ASP A 188 -1.74 1.79 -57.21
CA ASP A 188 -0.68 0.99 -57.83
C ASP A 188 -0.89 -0.50 -57.59
N SER A 189 -1.54 -0.88 -56.49
CA SER A 189 -1.77 -2.30 -56.22
C SER A 189 -2.62 -2.96 -57.30
N LYS A 190 -3.44 -2.18 -58.01
CA LYS A 190 -4.30 -2.75 -59.04
C LYS A 190 -3.48 -3.46 -60.11
N GLU A 191 -2.22 -3.05 -60.29
CA GLU A 191 -1.36 -3.72 -61.28
C GLU A 191 -1.24 -5.20 -60.97
N TYR A 192 -0.92 -5.54 -59.72
CA TYR A 192 -0.80 -6.94 -59.34
C TYR A 192 -2.17 -7.63 -59.38
N PHE A 193 -3.19 -7.00 -58.80
CA PHE A 193 -4.49 -7.64 -58.68
C PHE A 193 -5.09 -7.96 -60.04
N SER A 194 -4.95 -7.04 -61.01
CA SER A 194 -5.53 -7.27 -62.32
C SER A 194 -4.76 -8.34 -63.10
N LYS A 195 -3.45 -8.45 -62.86
CA LYS A 195 -2.66 -9.45 -63.57
C LYS A 195 -2.87 -10.85 -63.01
N HIS A 196 -2.91 -10.98 -61.68
CA HIS A 196 -2.90 -12.29 -61.03
C HIS A 196 -4.30 -12.83 -60.74
N ASN A 197 -5.34 -12.22 -61.30
CA ASN A 197 -6.69 -12.70 -61.10
C ASN A 197 -7.53 -12.55 -62.38
N ALA B 1 4.04 -17.96 -27.01
N ALA B 1 5.03 -12.21 -25.31
CA ALA B 1 4.52 -16.61 -26.72
CA ALA B 1 5.29 -10.93 -24.64
C ALA B 1 3.68 -15.57 -27.45
C ALA B 1 3.98 -10.32 -24.14
N SER B 2 2.52 -15.25 -26.91
N SER B 2 2.91 -10.58 -24.87
CA SER B 2 1.70 -14.15 -27.42
CA SER B 2 1.57 -10.15 -24.49
C SER B 2 0.47 -13.94 -26.54
C SER B 2 0.56 -11.21 -24.91
N GLY B 3 0.48 -12.87 -25.73
N GLY B 3 -0.58 -11.22 -24.23
CA GLY B 3 -0.63 -12.58 -24.85
CA GLY B 3 -1.60 -12.21 -24.50
C GLY B 3 -0.93 -13.72 -23.90
C GLY B 3 -1.41 -13.47 -23.70
N ASN B 4 -1.99 -14.47 -24.19
N ASN B 4 -2.15 -14.51 -24.10
CA ASN B 4 -2.29 -15.71 -23.49
CA ASN B 4 -2.17 -15.77 -23.38
C ASN B 4 -1.95 -16.94 -24.31
C ASN B 4 -1.89 -16.97 -24.29
N ALA B 5 -1.33 -16.75 -25.48
CA ALA B 5 -1.00 -17.84 -26.38
C ALA B 5 0.34 -18.44 -25.93
N ARG B 6 0.27 -19.63 -25.34
N ARG B 6 0.29 -19.65 -25.38
CA ARG B 6 1.45 -20.35 -24.88
CA ARG B 6 1.48 -20.32 -24.88
C ARG B 6 1.49 -21.71 -25.55
C ARG B 6 1.53 -21.73 -25.45
N ILE B 7 2.66 -22.08 -26.07
CA ILE B 7 2.81 -23.40 -26.65
C ILE B 7 2.61 -24.46 -25.58
N GLY B 8 1.92 -25.54 -25.93
CA GLY B 8 1.68 -26.63 -25.01
C GLY B 8 0.56 -26.41 -24.03
N LYS B 9 -0.03 -25.22 -23.98
CA LYS B 9 -1.16 -24.92 -23.13
C LYS B 9 -2.43 -24.78 -23.96
N PRO B 10 -3.60 -24.85 -23.32
CA PRO B 10 -4.85 -24.66 -24.08
C PRO B 10 -4.85 -23.30 -24.77
N ALA B 11 -5.14 -23.33 -26.08
CA ALA B 11 -5.13 -22.10 -26.85
C ALA B 11 -6.16 -21.12 -26.29
N PRO B 12 -5.89 -19.82 -26.32
CA PRO B 12 -6.88 -18.84 -25.87
C PRO B 12 -8.22 -19.05 -26.57
N ASP B 13 -9.28 -19.15 -25.78
CA ASP B 13 -10.62 -19.31 -26.34
C ASP B 13 -11.02 -18.05 -27.10
N PHE B 14 -11.90 -18.22 -28.08
CA PHE B 14 -12.37 -17.08 -28.86
C PHE B 14 -13.80 -17.32 -29.31
N LYS B 15 -14.53 -16.21 -29.45
CA LYS B 15 -15.91 -16.21 -29.92
CA LYS B 15 -15.91 -16.21 -29.92
C LYS B 15 -16.12 -14.95 -30.74
N ALA B 16 -16.48 -15.12 -32.01
CA ALA B 16 -16.59 -13.98 -32.91
C ALA B 16 -17.64 -14.24 -33.97
N THR B 17 -18.26 -13.16 -34.42
CA THR B 17 -19.10 -13.21 -35.62
C THR B 17 -18.21 -13.36 -36.85
N ALA B 18 -18.67 -14.17 -37.80
CA ALA B 18 -17.88 -14.48 -38.98
C ALA B 18 -18.78 -14.51 -40.20
N VAL B 19 -18.17 -14.28 -41.36
CA VAL B 19 -18.84 -14.46 -42.64
C VAL B 19 -18.51 -15.87 -43.12
N VAL B 20 -19.55 -16.70 -43.25
CA VAL B 20 -19.42 -18.07 -43.73
C VAL B 20 -20.40 -18.26 -44.87
N ASP B 21 -19.88 -18.55 -46.06
CA ASP B 21 -20.71 -18.76 -47.24
C ASP B 21 -21.62 -17.56 -47.50
N GLY B 22 -21.07 -16.36 -47.32
CA GLY B 22 -21.77 -15.13 -47.63
C GLY B 22 -22.79 -14.70 -46.60
N ALA B 23 -22.84 -15.34 -45.44
CA ALA B 23 -23.79 -15.00 -44.39
C ALA B 23 -23.06 -14.94 -43.06
N PHE B 24 -23.68 -14.26 -42.10
CA PHE B 24 -23.10 -14.06 -40.77
C PHE B 24 -23.44 -15.26 -39.89
N LYS B 25 -22.44 -15.73 -39.15
CA LYS B 25 -22.58 -16.88 -38.27
C LYS B 25 -21.56 -16.75 -37.15
N GLU B 26 -21.99 -17.04 -35.93
CA GLU B 26 -21.07 -17.06 -34.80
C GLU B 26 -20.16 -18.27 -34.89
N VAL B 27 -18.88 -18.05 -34.59
CA VAL B 27 -17.85 -19.09 -34.62
C VAL B 27 -17.11 -19.05 -33.30
N LYS B 28 -16.89 -20.22 -32.70
CA LYS B 28 -16.20 -20.34 -31.43
C LYS B 28 -15.25 -21.52 -31.46
N LEU B 29 -14.21 -21.45 -30.62
CA LEU B 29 -13.16 -22.46 -30.67
C LEU B 29 -13.69 -23.85 -30.34
N SER B 30 -14.64 -23.94 -29.42
CA SER B 30 -15.17 -25.25 -29.04
C SER B 30 -15.88 -25.94 -30.20
N ASP B 31 -16.24 -25.19 -31.25
CA ASP B 31 -16.85 -25.80 -32.42
C ASP B 31 -15.93 -26.80 -33.10
N TYR B 32 -14.61 -26.71 -32.85
CA TYR B 32 -13.62 -27.49 -33.56
C TYR B 32 -12.92 -28.51 -32.66
N LYS B 33 -13.56 -28.90 -31.56
CA LYS B 33 -13.06 -30.01 -30.76
C LYS B 33 -12.87 -31.24 -31.65
N GLY B 34 -11.72 -31.90 -31.50
CA GLY B 34 -11.39 -33.05 -32.31
C GLY B 34 -10.85 -32.73 -33.68
N LYS B 35 -10.80 -31.46 -34.06
CA LYS B 35 -10.24 -31.03 -35.33
C LYS B 35 -9.08 -30.07 -35.10
N TYR B 36 -8.13 -30.07 -36.02
CA TYR B 36 -7.07 -29.09 -36.02
C TYR B 36 -7.60 -27.76 -36.54
N VAL B 37 -7.00 -26.67 -36.06
CA VAL B 37 -7.42 -25.32 -36.42
C VAL B 37 -6.18 -24.51 -36.77
N VAL B 38 -6.18 -23.91 -37.95
CA VAL B 38 -5.19 -22.92 -38.34
C VAL B 38 -5.88 -21.55 -38.26
N LEU B 39 -5.55 -20.79 -37.23
CA LEU B 39 -6.09 -19.46 -37.02
C LEU B 39 -5.04 -18.45 -37.44
N PHE B 40 -5.31 -17.70 -38.51
CA PHE B 40 -4.35 -16.73 -39.03
C PHE B 40 -4.97 -15.34 -38.99
N PHE B 41 -4.28 -14.42 -38.33
CA PHE B 41 -4.67 -13.03 -38.26
C PHE B 41 -4.06 -12.27 -39.43
N TYR B 42 -4.73 -11.21 -39.85
CA TYR B 42 -4.21 -10.27 -40.83
C TYR B 42 -4.67 -8.86 -40.47
N PRO B 43 -3.87 -7.85 -40.82
CA PRO B 43 -4.14 -6.50 -40.28
C PRO B 43 -5.44 -5.85 -40.73
N LEU B 44 -5.67 -5.73 -42.04
CA LEU B 44 -6.74 -4.87 -42.52
C LEU B 44 -7.38 -5.43 -43.79
N ASP B 45 -8.70 -5.29 -43.88
CA ASP B 45 -9.40 -5.54 -45.12
C ASP B 45 -9.11 -4.43 -46.13
N PHE B 46 -9.25 -4.77 -47.41
CA PHE B 46 -9.04 -3.83 -48.50
C PHE B 46 -7.60 -3.32 -48.52
N THR B 47 -6.65 -4.20 -48.22
CA THR B 47 -5.24 -3.88 -48.38
C THR B 47 -4.58 -4.87 -49.33
N PHE B 48 -3.30 -5.20 -49.12
CA PHE B 48 -2.46 -5.67 -50.22
C PHE B 48 -1.92 -7.08 -50.00
N VAL B 49 -1.15 -7.33 -48.95
CA VAL B 49 -0.70 -8.70 -48.70
C VAL B 49 -1.87 -9.55 -48.21
N CYS B 50 -2.78 -8.96 -47.43
CA CYS B 50 -3.86 -9.71 -46.81
C CYS B 50 -4.70 -10.51 -47.80
N PRO B 51 -5.20 -9.94 -48.90
CA PRO B 51 -6.01 -10.75 -49.81
C PRO B 51 -5.26 -11.92 -50.41
N THR B 52 -3.96 -11.76 -50.69
CA THR B 52 -3.20 -12.88 -51.25
C THR B 52 -3.06 -14.01 -50.26
N GLU B 53 -3.00 -13.71 -48.97
CA GLU B 53 -2.95 -14.76 -47.95
C GLU B 53 -4.32 -15.41 -47.75
N ILE B 54 -5.38 -14.61 -47.68
CA ILE B 54 -6.72 -15.15 -47.50
C ILE B 54 -7.10 -15.99 -48.71
N ILE B 55 -6.85 -15.48 -49.90
CA ILE B 55 -7.19 -16.21 -51.13
C ILE B 55 -6.39 -17.50 -51.21
N ALA B 56 -5.12 -17.46 -50.81
CA ALA B 56 -4.30 -18.67 -50.85
C ALA B 56 -4.84 -19.74 -49.92
N PHE B 57 -5.22 -19.35 -48.70
CA PHE B 57 -5.78 -20.33 -47.77
C PHE B 57 -7.15 -20.81 -48.23
N SER B 58 -7.95 -19.92 -48.80
CA SER B 58 -9.25 -20.32 -49.31
C SER B 58 -9.11 -21.34 -50.43
N ASN B 59 -8.21 -21.08 -51.39
CA ASN B 59 -7.99 -21.99 -52.50
C ASN B 59 -7.52 -23.36 -52.04
N ARG B 60 -6.93 -23.45 -50.84
CA ARG B 60 -6.38 -24.70 -50.34
C ARG B 60 -7.05 -25.16 -49.06
N ALA B 61 -8.23 -24.62 -48.73
CA ALA B 61 -8.90 -25.00 -47.50
C ALA B 61 -9.26 -26.48 -47.48
N GLU B 62 -9.66 -27.02 -48.63
CA GLU B 62 -10.03 -28.43 -48.69
C GLU B 62 -8.82 -29.34 -48.50
N ASP B 63 -7.63 -28.86 -48.88
CA ASP B 63 -6.41 -29.61 -48.57
C ASP B 63 -6.24 -29.75 -47.06
N PHE B 64 -6.61 -28.72 -46.30
CA PHE B 64 -6.56 -28.81 -44.85
C PHE B 64 -7.72 -29.63 -44.30
N ARG B 65 -8.92 -29.47 -44.87
CA ARG B 65 -10.07 -30.21 -44.37
C ARG B 65 -9.92 -31.71 -44.57
N LYS B 66 -9.25 -32.13 -45.66
CA LYS B 66 -8.97 -33.55 -45.85
C LYS B 66 -8.19 -34.13 -44.69
N LEU B 67 -7.46 -33.30 -43.94
CA LEU B 67 -6.69 -33.73 -42.79
C LEU B 67 -7.43 -33.51 -41.47
N GLY B 68 -8.69 -33.08 -41.52
CA GLY B 68 -9.40 -32.71 -40.31
C GLY B 68 -8.97 -31.39 -39.73
N CYS B 69 -8.49 -30.48 -40.57
CA CYS B 69 -8.00 -29.17 -40.14
C CYS B 69 -8.89 -28.09 -40.75
N GLU B 70 -9.38 -27.18 -39.92
CA GLU B 70 -10.22 -26.08 -40.34
C GLU B 70 -9.44 -24.77 -40.27
N VAL B 71 -9.40 -24.04 -41.38
CA VAL B 71 -8.68 -22.78 -41.47
C VAL B 71 -9.63 -21.64 -41.13
N LEU B 72 -9.13 -20.67 -40.37
CA LEU B 72 -9.91 -19.51 -39.96
C LEU B 72 -9.08 -18.25 -40.10
N GLY B 73 -9.59 -17.26 -40.84
CA GLY B 73 -9.00 -15.96 -40.92
C GLY B 73 -9.71 -14.98 -40.00
N VAL B 74 -8.99 -13.97 -39.54
N VAL B 74 -8.97 -13.98 -39.54
CA VAL B 74 -9.56 -13.01 -38.60
CA VAL B 74 -9.48 -13.00 -38.58
C VAL B 74 -8.83 -11.68 -38.73
C VAL B 74 -8.84 -11.66 -38.86
N SER B 75 -9.58 -10.59 -38.56
CA SER B 75 -9.04 -9.25 -38.53
C SER B 75 -9.96 -8.39 -37.69
N VAL B 76 -9.50 -7.19 -37.34
CA VAL B 76 -10.30 -6.29 -36.54
C VAL B 76 -11.49 -5.72 -37.29
N ASP B 77 -11.57 -5.93 -38.60
CA ASP B 77 -12.67 -5.41 -39.39
C ASP B 77 -13.97 -6.10 -39.02
N SER B 78 -15.08 -5.41 -39.26
CA SER B 78 -16.40 -5.96 -38.97
C SER B 78 -16.83 -6.96 -40.02
N GLN B 79 -17.90 -7.70 -39.72
CA GLN B 79 -18.42 -8.66 -40.68
C GLN B 79 -19.02 -7.97 -41.91
N PHE B 80 -19.49 -6.73 -41.74
CA PHE B 80 -20.03 -6.01 -42.89
C PHE B 80 -18.92 -5.61 -43.85
N THR B 81 -17.75 -5.22 -43.31
CA THR B 81 -16.62 -4.93 -44.17
C THR B 81 -16.10 -6.21 -44.82
N HIS B 82 -15.99 -7.29 -44.04
CA HIS B 82 -15.66 -8.59 -44.61
C HIS B 82 -16.57 -8.92 -45.79
N LEU B 83 -17.88 -8.80 -45.59
CA LEU B 83 -18.82 -9.18 -46.63
C LEU B 83 -18.67 -8.30 -47.86
N ALA B 84 -18.51 -6.99 -47.65
CA ALA B 84 -18.26 -6.10 -48.79
C ALA B 84 -16.98 -6.48 -49.52
N TRP B 85 -15.96 -6.92 -48.78
CA TRP B 85 -14.71 -7.33 -49.40
C TRP B 85 -14.89 -8.62 -50.18
N ILE B 86 -15.68 -9.56 -49.63
CA ILE B 86 -15.97 -10.80 -50.34
C ILE B 86 -16.73 -10.52 -51.62
N ASN B 87 -17.60 -9.51 -51.61
CA ASN B 87 -18.38 -9.15 -52.80
C ASN B 87 -17.60 -8.24 -53.75
N THR B 88 -16.34 -7.95 -53.46
CA THR B 88 -15.49 -7.21 -54.38
C THR B 88 -14.69 -8.18 -55.25
N PRO B 89 -14.66 -8.01 -56.57
CA PRO B 89 -13.91 -8.95 -57.41
C PRO B 89 -12.43 -8.95 -57.08
N ARG B 90 -11.79 -10.11 -57.29
CA ARG B 90 -10.36 -10.22 -57.01
C ARG B 90 -9.53 -9.35 -57.94
N LYS B 91 -10.03 -9.07 -59.15
CA LYS B 91 -9.31 -8.18 -60.05
C LYS B 91 -9.12 -6.81 -59.44
N GLU B 92 -10.08 -6.36 -58.64
CA GLU B 92 -10.04 -5.05 -58.02
C GLU B 92 -9.45 -5.08 -56.61
N GLY B 93 -8.78 -6.17 -56.24
CA GLY B 93 -8.23 -6.31 -54.90
C GLY B 93 -9.16 -6.97 -53.91
N GLY B 94 -10.31 -7.46 -54.35
CA GLY B 94 -11.24 -8.12 -53.46
C GLY B 94 -10.89 -9.56 -53.21
N LEU B 95 -11.74 -10.22 -52.43
CA LEU B 95 -11.56 -11.63 -52.09
C LEU B 95 -12.39 -12.56 -52.95
N GLY B 96 -13.55 -12.11 -53.42
CA GLY B 96 -14.46 -12.97 -54.14
C GLY B 96 -15.00 -14.06 -53.24
N PRO B 97 -15.72 -15.02 -53.80
CA PRO B 97 -16.21 -16.14 -53.00
C PRO B 97 -15.10 -16.81 -52.22
N LEU B 98 -15.35 -17.07 -50.94
CA LEU B 98 -14.39 -17.67 -50.04
C LEU B 98 -14.86 -19.04 -49.58
N ASN B 99 -13.89 -19.91 -49.25
CA ASN B 99 -14.18 -21.23 -48.72
C ASN B 99 -13.68 -21.39 -47.29
N ILE B 100 -13.49 -20.28 -46.57
CA ILE B 100 -13.13 -20.32 -45.15
C ILE B 100 -13.87 -19.23 -44.41
N PRO B 101 -14.12 -19.43 -43.13
CA PRO B 101 -14.72 -18.36 -42.32
C PRO B 101 -13.78 -17.17 -42.18
N LEU B 102 -14.38 -15.99 -42.16
CA LEU B 102 -13.64 -14.73 -41.99
C LEU B 102 -14.22 -14.05 -40.75
N LEU B 103 -13.49 -14.13 -39.64
CA LEU B 103 -13.99 -13.64 -38.36
C LEU B 103 -13.76 -12.14 -38.24
N ALA B 104 -14.63 -11.50 -37.45
CA ALA B 104 -14.55 -10.07 -37.18
C ALA B 104 -14.12 -9.87 -35.72
N ASP B 105 -12.95 -9.27 -35.54
CA ASP B 105 -12.41 -9.01 -34.20
C ASP B 105 -12.56 -7.54 -33.85
N VAL B 106 -13.80 -7.05 -33.92
CA VAL B 106 -14.05 -5.62 -33.75
C VAL B 106 -13.68 -5.16 -32.35
N THR B 107 -13.85 -6.03 -31.34
CA THR B 107 -13.47 -5.68 -29.98
C THR B 107 -11.98 -5.83 -29.71
N ARG B 108 -11.21 -6.32 -30.67
N ARG B 108 -11.20 -6.32 -30.67
CA ARG B 108 -9.78 -6.57 -30.54
CA ARG B 108 -9.77 -6.56 -30.53
C ARG B 108 -9.46 -7.59 -29.45
C ARG B 108 -9.45 -7.61 -29.47
N ARG B 109 -10.48 -8.30 -28.94
CA ARG B 109 -10.24 -9.28 -27.89
C ARG B 109 -9.38 -10.43 -28.40
N LEU B 110 -9.70 -10.97 -29.57
CA LEU B 110 -8.92 -12.08 -30.12
C LEU B 110 -7.47 -11.66 -30.33
N SER B 111 -7.26 -10.50 -30.95
CA SER B 111 -5.89 -10.04 -31.20
C SER B 111 -5.14 -9.83 -29.89
N GLU B 112 -5.82 -9.33 -28.86
CA GLU B 112 -5.16 -9.13 -27.58
C GLU B 112 -4.88 -10.46 -26.89
N ASP B 113 -5.86 -11.38 -26.88
CA ASP B 113 -5.65 -12.67 -26.26
C ASP B 113 -4.54 -13.46 -26.95
N TYR B 114 -4.33 -13.22 -28.24
CA TYR B 114 -3.32 -13.93 -29.01
C TYR B 114 -2.06 -13.12 -29.23
N GLY B 115 -1.94 -11.95 -28.59
CA GLY B 115 -0.69 -11.21 -28.55
C GLY B 115 -0.16 -10.76 -29.89
N VAL B 116 -1.05 -10.39 -30.81
CA VAL B 116 -0.65 -9.97 -32.16
C VAL B 116 -1.12 -8.57 -32.50
N LEU B 117 -1.73 -7.85 -31.56
CA LEU B 117 -2.25 -6.52 -31.85
C LEU B 117 -1.10 -5.53 -31.91
N LYS B 118 -0.95 -4.86 -33.05
CA LYS B 118 -0.01 -3.75 -33.20
C LYS B 118 -0.64 -2.53 -32.55
N THR B 119 -0.26 -2.26 -31.30
CA THR B 119 -1.03 -1.33 -30.47
C THR B 119 -1.05 0.07 -31.08
N ASP B 120 0.08 0.55 -31.58
CA ASP B 120 0.13 1.93 -32.09
C ASP B 120 -0.77 2.12 -33.30
N GLU B 121 -1.15 1.04 -33.99
CA GLU B 121 -2.07 1.12 -35.12
C GLU B 121 -3.40 0.41 -34.88
N GLY B 122 -3.51 -0.40 -33.83
CA GLY B 122 -4.76 -1.07 -33.55
C GLY B 122 -5.12 -2.19 -34.50
N ILE B 123 -4.14 -2.75 -35.21
CA ILE B 123 -4.37 -3.83 -36.16
C ILE B 123 -3.50 -5.02 -35.77
N ALA B 124 -3.90 -6.18 -36.26
CA ALA B 124 -3.22 -7.43 -35.91
C ALA B 124 -2.06 -7.68 -36.85
N TYR B 125 -0.92 -8.09 -36.27
CA TYR B 125 0.18 -8.57 -37.07
C TYR B 125 -0.23 -9.86 -37.80
N ARG B 126 0.66 -10.34 -38.67
CA ARG B 126 0.39 -11.55 -39.44
C ARG B 126 0.71 -12.78 -38.58
N GLY B 127 -0.14 -12.97 -37.57
CA GLY B 127 0.02 -14.07 -36.64
C GLY B 127 -0.78 -15.28 -37.07
N LEU B 128 -0.11 -16.43 -37.11
CA LEU B 128 -0.72 -17.70 -37.46
C LEU B 128 -0.52 -18.69 -36.32
N PHE B 129 -1.57 -19.43 -36.01
CA PHE B 129 -1.56 -20.34 -34.87
C PHE B 129 -2.19 -21.67 -35.27
N ILE B 130 -1.57 -22.76 -34.82
CA ILE B 130 -2.04 -24.11 -35.09
C ILE B 130 -2.52 -24.72 -33.77
N ILE B 131 -3.77 -25.15 -33.75
CA ILE B 131 -4.40 -25.72 -32.56
C ILE B 131 -4.81 -27.15 -32.89
N ASP B 132 -4.54 -28.08 -31.98
CA ASP B 132 -4.88 -29.47 -32.20
C ASP B 132 -6.31 -29.76 -31.76
N GLY B 133 -6.75 -30.99 -32.02
CA GLY B 133 -8.11 -31.40 -31.69
C GLY B 133 -8.43 -31.36 -30.21
N LYS B 134 -7.42 -31.23 -29.35
CA LYS B 134 -7.63 -31.11 -27.91
C LYS B 134 -7.52 -29.66 -27.44
N GLY B 135 -7.48 -28.70 -28.36
CA GLY B 135 -7.48 -27.29 -27.99
C GLY B 135 -6.14 -26.76 -27.53
N VAL B 136 -5.05 -27.47 -27.79
CA VAL B 136 -3.73 -27.11 -27.31
C VAL B 136 -2.97 -26.42 -28.44
N LEU B 137 -2.39 -25.26 -28.13
CA LEU B 137 -1.60 -24.53 -29.13
C LEU B 137 -0.29 -25.26 -29.40
N ARG B 138 0.00 -25.48 -30.69
CA ARG B 138 1.18 -26.25 -31.09
C ARG B 138 2.23 -25.42 -31.83
N GLN B 139 1.84 -24.31 -32.45
CA GLN B 139 2.76 -23.59 -33.32
C GLN B 139 2.35 -22.13 -33.38
N ILE B 140 3.34 -21.24 -33.33
CA ILE B 140 3.15 -19.80 -33.43
C ILE B 140 4.00 -19.29 -34.59
N THR B 141 3.37 -18.53 -35.49
CA THR B 141 4.06 -17.89 -36.59
C THR B 141 3.54 -16.47 -36.70
N VAL B 142 4.43 -15.50 -36.58
CA VAL B 142 4.07 -14.08 -36.63
C VAL B 142 5.03 -13.37 -37.57
N ASN B 143 4.52 -12.80 -38.65
CA ASN B 143 5.29 -12.03 -39.60
C ASN B 143 5.06 -10.55 -39.40
N ASP B 144 6.08 -9.76 -39.70
CA ASP B 144 5.88 -8.32 -39.82
C ASP B 144 4.95 -8.04 -41.00
N LEU B 145 4.39 -6.84 -41.01
CA LEU B 145 3.31 -6.55 -41.97
C LEU B 145 3.69 -6.73 -43.44
N PRO B 146 4.90 -6.38 -43.89
CA PRO B 146 5.14 -6.36 -45.35
C PRO B 146 5.42 -7.71 -45.98
N VAL B 147 5.56 -8.80 -45.21
CA VAL B 147 5.93 -10.10 -45.76
C VAL B 147 4.80 -11.09 -45.49
N GLY B 148 4.25 -11.67 -46.56
CA GLY B 148 3.19 -12.63 -46.41
C GLY B 148 3.69 -14.01 -46.03
N ARG B 149 2.77 -14.83 -45.50
CA ARG B 149 3.09 -16.14 -44.98
C ARG B 149 3.04 -17.18 -46.10
N SER B 150 3.35 -18.43 -45.75
CA SER B 150 3.44 -19.54 -46.70
C SER B 150 2.41 -20.60 -46.33
N VAL B 151 1.44 -20.81 -47.22
CA VAL B 151 0.47 -21.87 -46.99
C VAL B 151 1.13 -23.24 -47.07
N ASP B 152 2.16 -23.38 -47.91
CA ASP B 152 2.89 -24.64 -47.99
C ASP B 152 3.48 -25.03 -46.64
N GLU B 153 4.08 -24.07 -45.94
CA GLU B 153 4.68 -24.36 -44.64
C GLU B 153 3.61 -24.62 -43.59
N ALA B 154 2.50 -23.87 -43.64
CA ALA B 154 1.42 -24.10 -42.70
C ALA B 154 0.87 -25.52 -42.86
N LEU B 155 0.68 -25.97 -44.10
CA LEU B 155 0.19 -27.32 -44.33
C LEU B 155 1.20 -28.36 -43.82
N ARG B 156 2.48 -28.16 -44.14
CA ARG B 156 3.50 -29.09 -43.67
C ARG B 156 3.50 -29.19 -42.15
N LEU B 157 3.37 -28.06 -41.46
CA LEU B 157 3.35 -28.09 -40.00
C LEU B 157 2.15 -28.86 -39.48
N VAL B 158 0.99 -28.68 -40.11
CA VAL B 158 -0.20 -29.42 -39.71
C VAL B 158 0.01 -30.91 -39.95
N GLN B 159 0.60 -31.27 -41.08
CA GLN B 159 0.87 -32.67 -41.37
C GLN B 159 1.84 -33.26 -40.35
N ALA B 160 2.84 -32.49 -39.95
CA ALA B 160 3.84 -33.00 -39.02
C ALA B 160 3.27 -33.20 -37.63
N PHE B 161 2.43 -32.26 -37.17
CA PHE B 161 1.87 -32.38 -35.83
C PHE B 161 0.87 -33.52 -35.74
N GLN B 162 0.11 -33.77 -36.82
CA GLN B 162 -0.81 -34.91 -36.81
C GLN B 162 -0.05 -36.22 -36.87
N TYR B 163 1.04 -36.27 -37.64
CA TYR B 163 1.82 -37.50 -37.74
C TYR B 163 2.51 -37.80 -36.41
N THR B 164 3.19 -36.80 -35.84
CA THR B 164 3.82 -37.01 -34.53
C THR B 164 2.77 -37.31 -33.46
N ASP B 165 1.61 -36.66 -33.55
CA ASP B 165 0.52 -36.97 -32.61
C ASP B 165 0.15 -38.44 -32.67
N GLU B 166 0.12 -39.02 -33.87
CA GLU B 166 -0.47 -40.35 -34.05
C GLU B 166 0.54 -41.46 -33.74
N HIS B 167 1.81 -41.28 -34.10
CA HIS B 167 2.80 -42.33 -34.00
C HIS B 167 3.81 -42.12 -32.88
N GLY B 168 3.65 -41.06 -32.09
CA GLY B 168 4.53 -40.87 -30.95
C GLY B 168 5.99 -40.67 -31.30
N GLU B 169 6.29 -40.28 -32.53
CA GLU B 169 7.65 -39.96 -32.95
C GLU B 169 7.75 -38.46 -33.22
N VAL B 170 8.99 -38.01 -33.47
CA VAL B 170 9.28 -36.59 -33.69
C VAL B 170 9.77 -36.42 -35.12
N SER B 171 9.35 -35.32 -35.75
CA SER B 171 9.69 -35.06 -37.15
C SER B 171 10.94 -34.20 -37.23
N PRO B 172 11.94 -34.57 -38.01
CA PRO B 172 13.16 -33.77 -38.12
C PRO B 172 12.95 -32.56 -39.03
N ALA B 173 14.01 -31.75 -39.15
CA ALA B 173 13.93 -30.54 -39.95
C ALA B 173 13.55 -30.85 -41.39
N GLY B 174 12.72 -29.99 -41.97
CA GLY B 174 12.29 -30.14 -43.35
C GLY B 174 11.45 -31.36 -43.61
N TRP B 175 10.92 -31.99 -42.56
CA TRP B 175 10.13 -33.21 -42.73
C TRP B 175 8.90 -32.95 -43.56
N LYS B 176 8.66 -33.83 -44.53
CA LYS B 176 7.44 -33.85 -45.32
C LYS B 176 6.88 -35.27 -45.29
N PRO B 177 5.59 -35.42 -45.58
CA PRO B 177 5.00 -36.77 -45.59
C PRO B 177 5.80 -37.72 -46.47
N GLY B 178 6.02 -38.93 -45.97
CA GLY B 178 6.84 -39.92 -46.64
C GLY B 178 8.25 -40.02 -46.10
N SER B 179 8.76 -38.96 -45.48
CA SER B 179 10.09 -38.98 -44.90
C SER B 179 10.08 -39.70 -43.56
N ASP B 180 11.27 -40.08 -43.10
CA ASP B 180 11.39 -40.78 -41.84
C ASP B 180 11.26 -39.83 -40.65
N THR B 181 10.71 -40.34 -39.57
CA THR B 181 10.69 -39.66 -38.28
C THR B 181 11.64 -40.36 -37.32
N ILE B 182 11.89 -39.72 -36.18
CA ILE B 182 12.83 -40.21 -35.19
C ILE B 182 12.06 -40.71 -33.98
N LYS B 183 12.36 -41.92 -33.54
CA LYS B 183 11.82 -42.41 -32.28
C LYS B 183 12.53 -41.71 -31.14
N PRO B 184 11.82 -40.97 -30.27
CA PRO B 184 12.51 -40.04 -29.35
C PRO B 184 13.02 -40.72 -28.08
N ASN B 185 13.98 -41.62 -28.24
CA ASN B 185 14.73 -42.15 -27.11
C ASN B 185 16.13 -42.48 -27.59
N VAL B 186 17.04 -42.64 -26.61
CA VAL B 186 18.47 -42.67 -26.92
C VAL B 186 18.79 -43.83 -27.86
N ASP B 187 18.32 -45.03 -27.53
CA ASP B 187 18.70 -46.21 -28.30
C ASP B 187 17.99 -46.27 -29.65
N ASP B 188 16.64 -46.20 -29.63
CA ASP B 188 15.89 -46.35 -30.86
C ASP B 188 16.22 -45.26 -31.88
N SER B 189 16.67 -44.09 -31.42
CA SER B 189 16.98 -43.00 -32.33
C SER B 189 18.21 -43.29 -33.19
N LYS B 190 19.04 -44.25 -32.79
N LYS B 190 19.05 -44.23 -32.76
CA LYS B 190 20.24 -44.56 -33.57
CA LYS B 190 20.26 -44.53 -33.51
C LYS B 190 19.87 -45.08 -34.95
C LYS B 190 19.95 -44.98 -34.92
N GLU B 191 18.70 -45.72 -35.09
N GLU B 191 18.80 -45.64 -35.12
CA GLU B 191 18.26 -46.19 -36.40
CA GLU B 191 18.48 -46.15 -36.44
C GLU B 191 18.28 -45.05 -37.42
C GLU B 191 18.32 -45.02 -37.45
N TYR B 192 17.69 -43.91 -37.05
CA TYR B 192 17.61 -42.76 -37.96
C TYR B 192 18.99 -42.17 -38.22
N PHE B 193 19.75 -41.92 -37.15
CA PHE B 193 21.01 -41.20 -37.30
C PHE B 193 22.00 -41.97 -38.15
N SER B 194 22.10 -43.29 -37.94
CA SER B 194 23.04 -44.08 -38.73
C SER B 194 22.57 -44.22 -40.18
N LYS B 195 21.25 -44.29 -40.38
CA LYS B 195 20.72 -44.44 -41.73
C LYS B 195 20.91 -43.17 -42.56
N HIS B 196 20.86 -42.00 -41.92
CA HIS B 196 20.84 -40.72 -42.64
C HIS B 196 22.17 -39.98 -42.58
N ASN B 197 23.21 -40.56 -41.97
CA ASN B 197 24.50 -39.91 -41.89
C ASN B 197 25.63 -40.89 -42.21
N ALA C 1 20.45 -19.48 3.33
N ALA C 1 26.03 -20.22 0.70
CA ALA C 1 19.05 -19.36 3.71
CA ALA C 1 25.02 -19.27 1.15
C ALA C 1 18.84 -18.12 4.58
C ALA C 1 24.84 -19.36 2.65
N SER C 2 19.91 -17.70 5.25
N SER C 2 24.79 -18.21 3.32
CA SER C 2 19.88 -16.50 6.08
CA SER C 2 24.58 -18.15 4.75
C SER C 2 21.29 -15.91 6.11
C SER C 2 24.33 -16.72 5.20
N GLY C 3 21.36 -14.61 6.35
N GLY C 3 23.05 -16.35 5.40
CA GLY C 3 22.63 -13.93 6.43
CA GLY C 3 22.70 -14.99 5.76
C GLY C 3 23.10 -13.39 5.10
C GLY C 3 23.15 -13.99 4.71
N ASN C 4 24.39 -13.05 5.05
N ASN C 4 24.28 -13.34 4.96
CA ASN C 4 24.99 -12.44 3.86
CA ASN C 4 24.95 -12.51 3.96
C ASN C 4 26.26 -13.15 3.41
C ASN C 4 26.22 -13.15 3.43
N ALA C 5 26.55 -14.35 3.89
CA ALA C 5 27.76 -15.07 3.49
C ALA C 5 27.50 -15.76 2.16
N ARG C 6 27.98 -15.17 1.07
CA ARG C 6 27.86 -15.73 -0.27
C ARG C 6 29.24 -16.05 -0.80
N ILE C 7 29.41 -17.27 -1.31
CA ILE C 7 30.69 -17.66 -1.90
C ILE C 7 30.94 -16.84 -3.15
N GLY C 8 32.19 -16.44 -3.35
CA GLY C 8 32.56 -15.62 -4.48
C GLY C 8 32.39 -14.13 -4.28
N LYS C 9 31.68 -13.72 -3.22
CA LYS C 9 31.47 -12.32 -2.90
C LYS C 9 32.24 -11.95 -1.64
N PRO C 10 32.45 -10.65 -1.39
CA PRO C 10 33.15 -10.24 -0.18
C PRO C 10 32.51 -10.83 1.07
N ALA C 11 33.34 -11.43 1.92
CA ALA C 11 32.82 -12.00 3.16
C ALA C 11 32.19 -10.90 4.00
N PRO C 12 31.11 -11.19 4.73
CA PRO C 12 30.52 -10.17 5.61
C PRO C 12 31.55 -9.59 6.56
N ASP C 13 31.65 -8.26 6.58
CA ASP C 13 32.56 -7.61 7.50
C ASP C 13 32.17 -7.93 8.93
N PHE C 14 33.17 -7.95 9.82
CA PHE C 14 32.90 -8.20 11.23
C PHE C 14 33.90 -7.42 12.08
N LYS C 15 33.47 -7.14 13.30
CA LYS C 15 34.27 -6.39 14.26
C LYS C 15 33.81 -6.82 15.65
N ALA C 16 34.76 -7.21 16.50
CA ALA C 16 34.38 -7.76 17.79
C ALA C 16 35.56 -7.69 18.75
N THR C 17 35.23 -7.65 20.05
CA THR C 17 36.22 -7.81 21.09
C THR C 17 36.59 -9.28 21.21
N ALA C 18 37.90 -9.55 21.38
CA ALA C 18 38.39 -10.92 21.44
C ALA C 18 39.46 -11.02 22.53
N VAL C 19 39.64 -12.24 23.02
CA VAL C 19 40.68 -12.54 23.99
C VAL C 19 41.91 -13.01 23.22
N VAL C 20 42.95 -12.18 23.23
CA VAL C 20 44.22 -12.48 22.55
C VAL C 20 45.32 -12.47 23.60
N ASP C 21 45.97 -13.61 23.79
CA ASP C 21 47.05 -13.75 24.76
C ASP C 21 46.59 -13.27 26.14
N GLY C 22 45.42 -13.74 26.55
CA GLY C 22 44.92 -13.44 27.87
C GLY C 22 44.47 -12.01 28.09
N ALA C 23 44.40 -11.20 27.03
CA ALA C 23 43.98 -9.81 27.14
C ALA C 23 42.93 -9.51 26.09
N PHE C 24 42.12 -8.49 26.36
CA PHE C 24 41.05 -8.10 25.45
C PHE C 24 41.59 -7.18 24.36
N LYS C 25 41.23 -7.47 23.11
CA LYS C 25 41.69 -6.69 21.97
C LYS C 25 40.62 -6.69 20.90
N GLU C 26 40.56 -5.61 20.14
CA GLU C 26 39.60 -5.50 19.06
C GLU C 26 40.13 -6.20 17.81
N VAL C 27 39.24 -6.94 17.15
CA VAL C 27 39.59 -7.72 15.97
C VAL C 27 38.66 -7.32 14.84
N LYS C 28 39.24 -6.92 13.71
CA LYS C 28 38.50 -6.57 12.50
C LYS C 28 38.90 -7.50 11.37
N LEU C 29 37.96 -7.73 10.45
CA LEU C 29 38.31 -8.47 9.24
C LEU C 29 39.37 -7.74 8.43
N SER C 30 39.25 -6.40 8.35
CA SER C 30 40.22 -5.62 7.60
C SER C 30 41.64 -5.81 8.11
N ASP C 31 41.80 -6.26 9.36
CA ASP C 31 43.12 -6.51 9.92
C ASP C 31 43.84 -7.66 9.20
N TYR C 32 43.16 -8.39 8.33
CA TYR C 32 43.72 -9.59 7.71
C TYR C 32 43.79 -9.48 6.19
N LYS C 33 43.69 -8.28 5.64
CA LYS C 33 43.88 -8.09 4.21
C LYS C 33 45.20 -8.70 3.78
N GLY C 34 45.16 -9.49 2.69
CA GLY C 34 46.33 -10.16 2.20
C GLY C 34 46.59 -11.52 2.82
N LYS C 35 45.88 -11.86 3.91
CA LYS C 35 46.03 -13.15 4.57
C LYS C 35 44.73 -13.93 4.47
N TYR C 36 44.85 -15.25 4.48
CA TYR C 36 43.68 -16.11 4.56
C TYR C 36 43.16 -16.13 6.00
N VAL C 37 41.86 -16.35 6.13
CA VAL C 37 41.20 -16.37 7.43
C VAL C 37 40.28 -17.58 7.49
N VAL C 38 40.45 -18.37 8.55
CA VAL C 38 39.51 -19.44 8.89
C VAL C 38 38.73 -18.95 10.10
N LEU C 39 37.48 -18.56 9.87
CA LEU C 39 36.58 -18.07 10.91
C LEU C 39 35.58 -19.17 11.22
N PHE C 40 35.66 -19.75 12.42
CA PHE C 40 34.79 -20.85 12.81
C PHE C 40 33.97 -20.46 14.03
N PHE C 41 32.66 -20.61 13.92
CA PHE C 41 31.73 -20.37 15.01
C PHE C 41 31.55 -21.64 15.84
N TYR C 42 31.20 -21.46 17.11
CA TYR C 42 30.81 -22.57 17.96
C TYR C 42 29.72 -22.09 18.91
N PRO C 43 28.83 -22.98 19.34
CA PRO C 43 27.62 -22.54 20.05
C PRO C 43 27.86 -21.87 21.40
N LEU C 44 28.53 -22.55 22.33
CA LEU C 44 28.56 -22.09 23.71
C LEU C 44 29.88 -22.44 24.38
N ASP C 45 30.35 -21.52 25.24
CA ASP C 45 31.46 -21.80 26.12
C ASP C 45 31.03 -22.77 27.22
N PHE C 46 32.01 -23.47 27.78
CA PHE C 46 31.79 -24.41 28.88
C PHE C 46 30.85 -25.54 28.47
N THR C 47 30.88 -25.93 27.20
CA THR C 47 30.18 -27.09 26.71
C THR C 47 31.22 -28.16 26.32
N PHE C 48 30.91 -29.00 25.33
CA PHE C 48 31.53 -30.30 25.21
C PHE C 48 32.26 -30.51 23.90
N VAL C 49 31.61 -30.34 22.75
CA VAL C 49 32.32 -30.44 21.48
C VAL C 49 33.21 -29.22 21.27
N CYS C 50 32.70 -28.04 21.63
CA CYS C 50 33.41 -26.79 21.37
C CYS C 50 34.84 -26.77 21.90
N PRO C 51 35.12 -27.17 23.14
CA PRO C 51 36.53 -27.14 23.60
C PRO C 51 37.46 -27.99 22.75
N THR C 52 37.00 -29.16 22.29
CA THR C 52 37.87 -29.99 21.47
C THR C 52 38.16 -29.33 20.13
N GLU C 53 37.21 -28.59 19.58
CA GLU C 53 37.44 -27.87 18.33
C GLU C 53 38.38 -26.69 18.54
N ILE C 54 38.12 -25.89 19.57
CA ILE C 54 38.96 -24.71 19.83
C ILE C 54 40.38 -25.16 20.15
N ILE C 55 40.51 -26.15 21.03
CA ILE C 55 41.84 -26.65 21.39
C ILE C 55 42.56 -27.20 20.15
N ALA C 56 41.84 -27.96 19.32
CA ALA C 56 42.48 -28.56 18.14
C ALA C 56 42.99 -27.48 17.19
N PHE C 57 42.20 -26.43 16.98
CA PHE C 57 42.66 -25.35 16.11
C PHE C 57 43.81 -24.58 16.74
N SER C 58 43.79 -24.41 18.06
CA SER C 58 44.88 -23.71 18.73
C SER C 58 46.19 -24.49 18.62
N ASN C 59 46.13 -25.81 18.75
CA ASN C 59 47.34 -26.62 18.63
C ASN C 59 47.92 -26.52 17.22
N ARG C 60 47.06 -26.43 16.21
CA ARG C 60 47.47 -26.34 14.82
C ARG C 60 47.54 -24.89 14.33
N ALA C 61 47.52 -23.92 15.24
CA ALA C 61 47.48 -22.52 14.82
C ALA C 61 48.64 -22.19 13.90
N GLU C 62 49.84 -22.65 14.24
CA GLU C 62 51.01 -22.33 13.41
C GLU C 62 50.99 -23.07 12.08
N ASP C 63 50.30 -24.22 11.99
CA ASP C 63 50.18 -24.90 10.71
C ASP C 63 49.45 -24.04 9.68
N PHE C 64 48.53 -23.20 10.14
CA PHE C 64 47.86 -22.24 9.26
C PHE C 64 48.66 -20.96 9.08
N ARG C 65 49.38 -20.52 10.11
CA ARG C 65 50.13 -19.28 10.00
C ARG C 65 51.35 -19.43 9.11
N LYS C 66 51.95 -20.64 9.06
CA LYS C 66 53.01 -20.87 8.10
C LYS C 66 52.53 -20.64 6.67
N LEU C 67 51.24 -20.88 6.41
CA LEU C 67 50.65 -20.69 5.10
C LEU C 67 50.09 -19.28 4.91
N GLY C 68 50.27 -18.39 5.87
CA GLY C 68 49.66 -17.08 5.79
C GLY C 68 48.18 -17.07 6.06
N CYS C 69 47.70 -17.97 6.90
CA CYS C 69 46.29 -18.08 7.24
C CYS C 69 46.11 -17.90 8.74
N GLU C 70 45.14 -17.08 9.13
CA GLU C 70 44.86 -16.80 10.53
C GLU C 70 43.54 -17.45 10.92
N VAL C 71 43.53 -18.11 12.07
CA VAL C 71 42.36 -18.84 12.55
C VAL C 71 41.70 -18.03 13.66
N LEU C 72 40.37 -17.91 13.60
CA LEU C 72 39.59 -17.17 14.57
C LEU C 72 38.38 -17.98 15.00
N GLY C 73 38.20 -18.14 16.31
CA GLY C 73 37.00 -18.75 16.86
C GLY C 73 36.06 -17.68 17.39
N VAL C 74 34.75 -17.96 17.34
CA VAL C 74 33.77 -17.01 17.80
CA VAL C 74 33.74 -17.00 17.75
C VAL C 74 32.58 -17.76 18.37
N SER C 75 31.91 -17.10 19.33
CA SER C 75 30.67 -17.59 19.92
C SER C 75 29.97 -16.38 20.53
N VAL C 76 28.68 -16.56 20.85
CA VAL C 76 27.91 -15.46 21.42
C VAL C 76 28.33 -15.10 22.83
N ASP C 77 29.18 -15.91 23.46
CA ASP C 77 29.64 -15.62 24.81
C ASP C 77 30.51 -14.37 24.82
N SER C 78 30.63 -13.78 26.00
CA SER C 78 31.39 -12.54 26.16
C SER C 78 32.88 -12.83 26.31
N GLN C 79 33.68 -11.77 26.19
CA GLN C 79 35.12 -11.91 26.38
C GLN C 79 35.45 -12.26 27.83
N PHE C 80 34.62 -11.83 28.78
CA PHE C 80 34.84 -12.20 30.17
C PHE C 80 34.62 -13.70 30.38
N THR C 81 33.63 -14.26 29.69
CA THR C 81 33.43 -15.71 29.76
C THR C 81 34.52 -16.46 29.03
N HIS C 82 34.90 -15.98 27.83
CA HIS C 82 36.04 -16.56 27.14
C HIS C 82 37.26 -16.64 28.05
N LEU C 83 37.60 -15.50 28.67
CA LEU C 83 38.78 -15.46 29.53
C LEU C 83 38.66 -16.45 30.68
N ALA C 84 37.46 -16.54 31.28
CA ALA C 84 37.26 -17.51 32.35
C ALA C 84 37.45 -18.93 31.85
N TRP C 85 37.01 -19.21 30.62
CA TRP C 85 37.18 -20.54 30.05
C TRP C 85 38.66 -20.82 29.78
N ILE C 86 39.38 -19.82 29.26
CA ILE C 86 40.81 -19.97 29.05
C ILE C 86 41.53 -20.27 30.36
N ASN C 87 41.12 -19.58 31.43
CA ASN C 87 41.71 -19.79 32.74
C ASN C 87 41.21 -21.04 33.44
N THR C 88 40.44 -21.89 32.73
CA THR C 88 40.01 -23.17 33.28
C THR C 88 40.89 -24.28 32.72
N PRO C 89 41.39 -25.20 33.55
CA PRO C 89 42.25 -26.27 33.03
C PRO C 89 41.52 -27.14 32.01
N ARG C 90 42.29 -27.60 31.02
CA ARG C 90 41.71 -28.48 30.00
C ARG C 90 41.21 -29.78 30.60
N LYS C 91 41.87 -30.28 31.64
CA LYS C 91 41.42 -31.51 32.31
C LYS C 91 40.04 -31.33 32.93
N GLU C 92 39.65 -30.10 33.26
CA GLU C 92 38.36 -29.81 33.85
C GLU C 92 37.33 -29.37 32.81
N GLY C 93 37.63 -29.54 31.53
CA GLY C 93 36.76 -29.08 30.47
C GLY C 93 37.06 -27.67 29.98
N GLY C 94 38.14 -27.06 30.46
CA GLY C 94 38.51 -25.73 30.04
C GLY C 94 39.33 -25.72 28.77
N LEU C 95 39.74 -24.51 28.38
CA LEU C 95 40.55 -24.34 27.18
C LEU C 95 42.05 -24.26 27.46
N GLY C 96 42.44 -23.84 28.66
CA GLY C 96 43.83 -23.60 28.95
C GLY C 96 44.36 -22.46 28.09
N PRO C 97 45.67 -22.22 28.15
CA PRO C 97 46.25 -21.16 27.31
C PRO C 97 45.95 -21.41 25.84
N LEU C 98 45.67 -20.34 25.11
CA LEU C 98 45.17 -20.42 23.75
C LEU C 98 46.12 -19.70 22.80
N ASN C 99 46.24 -20.24 21.59
CA ASN C 99 47.12 -19.68 20.56
C ASN C 99 46.32 -19.05 19.42
N ILE C 100 45.02 -18.85 19.58
CA ILE C 100 44.19 -18.20 18.58
C ILE C 100 43.29 -17.17 19.26
N PRO C 101 42.87 -16.12 18.57
CA PRO C 101 41.87 -15.21 19.15
C PRO C 101 40.53 -15.90 19.33
N LEU C 102 39.81 -15.47 20.36
CA LEU C 102 38.48 -15.99 20.68
C LEU C 102 37.53 -14.81 20.76
N LEU C 103 36.78 -14.57 19.69
CA LEU C 103 35.95 -13.38 19.58
C LEU C 103 34.63 -13.56 20.34
N ALA C 104 34.13 -12.45 20.86
CA ALA C 104 32.84 -12.41 21.54
C ALA C 104 31.80 -11.79 20.62
N ASP C 105 30.69 -12.50 20.43
CA ASP C 105 29.62 -12.03 19.56
C ASP C 105 28.34 -11.84 20.36
N VAL C 106 28.42 -11.03 21.42
CA VAL C 106 27.30 -10.88 22.34
C VAL C 106 26.08 -10.28 21.64
N THR C 107 26.30 -9.46 20.62
CA THR C 107 25.20 -8.86 19.88
C THR C 107 24.59 -9.79 18.85
N ARG C 108 25.14 -10.99 18.67
CA ARG C 108 24.71 -11.95 17.65
CA ARG C 108 24.72 -11.95 17.65
C ARG C 108 24.85 -11.39 16.23
N ARG C 109 25.51 -10.25 16.07
CA ARG C 109 25.63 -9.64 14.75
C ARG C 109 26.46 -10.52 13.80
N LEU C 110 27.61 -11.02 14.28
CA LEU C 110 28.44 -11.87 13.44
C LEU C 110 27.70 -13.14 13.03
N SER C 111 27.04 -13.78 14.01
CA SER C 111 26.33 -15.02 13.70
C SER C 111 25.20 -14.80 12.71
N GLU C 112 24.48 -13.68 12.84
CA GLU C 112 23.40 -13.39 11.91
C GLU C 112 23.93 -13.03 10.53
N ASP C 113 25.00 -12.23 10.48
CA ASP C 113 25.59 -11.87 9.19
C ASP C 113 26.08 -13.10 8.45
N TYR C 114 26.66 -14.07 9.17
CA TYR C 114 27.14 -15.31 8.58
C TYR C 114 26.08 -16.41 8.61
N GLY C 115 24.84 -16.09 8.94
CA GLY C 115 23.73 -17.02 8.79
C GLY C 115 23.90 -18.34 9.52
N VAL C 116 24.52 -18.32 10.71
CA VAL C 116 24.73 -19.53 11.49
C VAL C 116 23.97 -19.51 12.82
N LEU C 117 23.16 -18.50 13.07
CA LEU C 117 22.47 -18.38 14.35
C LEU C 117 21.32 -19.38 14.42
N LYS C 118 21.34 -20.24 15.42
CA LYS C 118 20.21 -21.11 15.75
C LYS C 118 19.21 -20.25 16.50
N THR C 119 18.16 -19.80 15.81
CA THR C 119 17.26 -18.79 16.37
CA THR C 119 17.26 -18.79 16.37
C THR C 119 16.57 -19.30 17.63
N ASP C 120 16.11 -20.54 17.63
CA ASP C 120 15.33 -21.03 18.76
C ASP C 120 16.17 -21.19 20.03
N GLU C 121 17.50 -21.17 19.93
CA GLU C 121 18.36 -21.21 21.09
C GLU C 121 19.25 -19.98 21.26
N GLY C 122 19.42 -19.17 20.21
CA GLY C 122 20.25 -18.00 20.31
C GLY C 122 21.73 -18.25 20.24
N ILE C 123 22.15 -19.41 19.73
CA ILE C 123 23.55 -19.79 19.66
C ILE C 123 23.92 -20.06 18.20
N ALA C 124 25.21 -20.02 17.93
CA ALA C 124 25.72 -20.22 16.59
C ALA C 124 25.94 -21.70 16.31
N TYR C 125 25.53 -22.14 15.12
CA TYR C 125 25.89 -23.46 14.65
C TYR C 125 27.40 -23.55 14.41
N ARG C 126 27.88 -24.76 14.18
CA ARG C 126 29.29 -25.00 13.93
C ARG C 126 29.62 -24.61 12.49
N GLY C 127 29.50 -23.31 12.24
CA GLY C 127 29.80 -22.76 10.93
C GLY C 127 31.26 -22.37 10.83
N LEU C 128 31.89 -22.78 9.73
CA LEU C 128 33.28 -22.47 9.45
C LEU C 128 33.38 -21.86 8.06
N PHE C 129 34.17 -20.79 7.95
CA PHE C 129 34.25 -20.01 6.72
C PHE C 129 35.70 -19.72 6.41
N ILE C 130 36.06 -19.85 5.13
CA ILE C 130 37.43 -19.62 4.66
C ILE C 130 37.41 -18.39 3.77
N ILE C 131 38.25 -17.42 4.11
CA ILE C 131 38.27 -16.12 3.44
C ILE C 131 39.69 -15.89 2.93
N ASP C 132 39.80 -15.50 1.65
CA ASP C 132 41.11 -15.29 1.05
C ASP C 132 41.63 -13.90 1.38
N GLY C 133 42.87 -13.62 0.96
CA GLY C 133 43.50 -12.35 1.27
C GLY C 133 42.78 -11.14 0.71
N LYS C 134 41.88 -11.35 -0.26
CA LYS C 134 41.10 -10.27 -0.84
C LYS C 134 39.75 -10.09 -0.16
N GLY C 135 39.53 -10.76 0.98
CA GLY C 135 38.27 -10.63 1.68
C GLY C 135 37.11 -11.35 1.05
N VAL C 136 37.38 -12.28 0.14
CA VAL C 136 36.33 -13.02 -0.58
C VAL C 136 36.12 -14.36 0.10
N LEU C 137 34.86 -14.72 0.30
CA LEU C 137 34.51 -15.99 0.93
C LEU C 137 34.72 -17.12 -0.07
N ARG C 138 35.54 -18.11 0.31
CA ARG C 138 35.84 -19.24 -0.57
C ARG C 138 35.15 -20.54 -0.16
N GLN C 139 34.76 -20.69 1.10
CA GLN C 139 34.26 -21.98 1.57
C GLN C 139 33.29 -21.77 2.74
N ILE C 140 32.27 -22.61 2.79
CA ILE C 140 31.29 -22.62 3.89
C ILE C 140 31.18 -24.05 4.41
N THR C 141 31.29 -24.21 5.73
CA THR C 141 31.13 -25.50 6.39
C THR C 141 30.32 -25.29 7.66
N VAL C 142 29.12 -25.87 7.70
CA VAL C 142 28.23 -25.76 8.85
C VAL C 142 27.85 -27.16 9.31
N ASN C 143 28.23 -27.51 10.53
CA ASN C 143 27.85 -28.77 11.14
C ASN C 143 26.75 -28.55 12.16
N ASP C 144 25.83 -29.51 12.25
CA ASP C 144 24.89 -29.54 13.36
C ASP C 144 25.67 -29.69 14.67
N LEU C 145 25.02 -29.32 15.77
CA LEU C 145 25.73 -29.20 17.04
C LEU C 145 26.39 -30.49 17.51
N PRO C 146 25.83 -31.68 17.30
CA PRO C 146 26.42 -32.88 17.92
C PRO C 146 27.76 -33.32 17.33
N VAL C 147 28.14 -32.83 16.15
CA VAL C 147 29.29 -33.36 15.41
C VAL C 147 30.31 -32.25 15.24
N GLY C 148 31.53 -32.50 15.71
CA GLY C 148 32.60 -31.54 15.57
C GLY C 148 33.26 -31.61 14.19
N ARG C 149 33.90 -30.49 13.83
CA ARG C 149 34.53 -30.36 12.52
C ARG C 149 35.89 -31.04 12.52
N SER C 150 36.57 -30.97 11.37
CA SER C 150 37.88 -31.59 11.18
C SER C 150 38.91 -30.51 10.86
N VAL C 151 39.90 -30.36 11.73
CA VAL C 151 40.96 -29.38 11.48
C VAL C 151 41.78 -29.79 10.27
N ASP C 152 41.95 -31.09 10.03
CA ASP C 152 42.72 -31.54 8.87
C ASP C 152 42.07 -31.09 7.58
N GLU C 153 40.75 -31.27 7.45
CA GLU C 153 40.06 -30.87 6.23
C GLU C 153 40.11 -29.36 6.05
N ALA C 154 40.00 -28.59 7.14
CA ALA C 154 40.12 -27.15 7.05
C ALA C 154 41.49 -26.76 6.50
N LEU C 155 42.55 -27.44 6.96
CA LEU C 155 43.89 -27.16 6.44
C LEU C 155 44.00 -27.57 4.98
N ARG C 156 43.41 -28.70 4.61
CA ARG C 156 43.44 -29.13 3.21
C ARG C 156 42.77 -28.10 2.31
N LEU C 157 41.63 -27.56 2.74
CA LEU C 157 40.92 -26.58 1.93
C LEU C 157 41.73 -25.31 1.76
N VAL C 158 42.30 -24.80 2.86
CA VAL C 158 43.13 -23.60 2.78
C VAL C 158 44.28 -23.84 1.81
N GLN C 159 44.97 -24.97 1.94
CA GLN C 159 46.05 -25.31 1.02
C GLN C 159 45.56 -25.31 -0.42
N ALA C 160 44.43 -25.96 -0.67
CA ALA C 160 43.92 -26.07 -2.04
C ALA C 160 43.59 -24.70 -2.62
N PHE C 161 42.92 -23.85 -1.84
CA PHE C 161 42.55 -22.53 -2.35
C PHE C 161 43.78 -21.68 -2.63
N GLN C 162 44.79 -21.77 -1.76
CA GLN C 162 46.02 -21.00 -1.98
C GLN C 162 46.75 -21.50 -3.21
N TYR C 163 46.84 -22.82 -3.40
CA TYR C 163 47.53 -23.38 -4.56
C TYR C 163 46.81 -22.99 -5.85
N THR C 164 45.52 -23.31 -5.94
CA THR C 164 44.75 -22.95 -7.12
C THR C 164 44.78 -21.43 -7.36
N ASP C 165 44.78 -20.64 -6.28
CA ASP C 165 44.86 -19.19 -6.43
C ASP C 165 46.13 -18.79 -7.19
N GLU C 166 47.26 -19.42 -6.85
CA GLU C 166 48.54 -19.00 -7.42
C GLU C 166 48.76 -19.55 -8.83
N HIS C 167 48.38 -20.80 -9.07
CA HIS C 167 48.74 -21.48 -10.31
C HIS C 167 47.62 -21.50 -11.34
N GLY C 168 46.42 -21.03 -11.00
CA GLY C 168 45.34 -20.99 -11.96
C GLY C 168 44.81 -22.34 -12.38
N GLU C 169 45.21 -23.41 -11.70
CA GLU C 169 44.66 -24.73 -11.94
C GLU C 169 43.61 -25.04 -10.86
N VAL C 170 43.00 -26.22 -10.95
CA VAL C 170 41.90 -26.60 -10.08
C VAL C 170 42.25 -27.91 -9.40
N SER C 171 41.88 -28.02 -8.12
CA SER C 171 42.27 -29.19 -7.31
C SER C 171 41.21 -30.28 -7.43
N PRO C 172 41.60 -31.54 -7.69
CA PRO C 172 40.60 -32.61 -7.75
C PRO C 172 40.07 -33.01 -6.39
N ALA C 173 39.10 -33.92 -6.37
CA ALA C 173 38.59 -34.45 -5.11
C ALA C 173 39.72 -35.07 -4.30
N GLY C 174 39.69 -34.84 -2.99
CA GLY C 174 40.69 -35.40 -2.11
C GLY C 174 42.09 -34.85 -2.30
N TRP C 175 42.24 -33.74 -3.01
CA TRP C 175 43.56 -33.19 -3.28
C TRP C 175 44.27 -32.84 -1.98
N LYS C 176 45.56 -33.13 -1.93
CA LYS C 176 46.44 -32.72 -0.85
C LYS C 176 47.76 -32.30 -1.47
N PRO C 177 48.56 -31.50 -0.77
CA PRO C 177 49.82 -31.02 -1.35
C PRO C 177 50.65 -32.18 -1.91
N GLY C 178 51.16 -31.97 -3.12
CA GLY C 178 51.90 -33.00 -3.83
C GLY C 178 51.08 -33.77 -4.84
N SER C 179 49.76 -33.62 -4.83
CA SER C 179 48.89 -34.28 -5.78
C SER C 179 48.71 -33.42 -7.03
N ASP C 180 48.37 -34.09 -8.14
CA ASP C 180 48.20 -33.39 -9.40
C ASP C 180 46.96 -32.52 -9.37
N THR C 181 47.09 -31.32 -9.93
CA THR C 181 45.95 -30.46 -10.22
C THR C 181 45.58 -30.59 -11.69
N ILE C 182 44.47 -29.96 -12.06
CA ILE C 182 43.94 -30.05 -13.42
C ILE C 182 44.01 -28.68 -14.07
N LYS C 183 44.42 -28.65 -15.33
CA LYS C 183 44.40 -27.42 -16.11
C LYS C 183 43.00 -27.25 -16.69
N PRO C 184 42.26 -26.21 -16.27
CA PRO C 184 40.82 -26.15 -16.58
C PRO C 184 40.53 -25.64 -18.00
N ASN C 185 41.01 -26.39 -18.99
CA ASN C 185 40.54 -26.24 -20.36
C ASN C 185 40.46 -27.63 -20.99
N VAL C 186 39.64 -27.73 -22.04
CA VAL C 186 39.30 -29.04 -22.59
C VAL C 186 40.57 -29.79 -23.02
N ASP C 187 41.50 -29.08 -23.67
CA ASP C 187 42.68 -29.74 -24.21
C ASP C 187 43.67 -30.11 -23.10
N ASP C 188 44.05 -29.13 -22.29
CA ASP C 188 45.10 -29.36 -21.29
C ASP C 188 44.64 -30.29 -20.17
N SER C 189 43.33 -30.38 -19.92
CA SER C 189 42.86 -31.29 -18.87
C SER C 189 43.06 -32.75 -19.26
N LYS C 190 43.15 -33.05 -20.55
CA LYS C 190 43.35 -34.44 -20.97
C LYS C 190 44.63 -35.01 -20.36
N GLU C 191 45.63 -34.17 -20.11
CA GLU C 191 46.83 -34.62 -19.41
C GLU C 191 46.48 -35.35 -18.12
N TYR C 192 45.63 -34.72 -17.29
CA TYR C 192 45.25 -35.33 -16.02
C TYR C 192 44.40 -36.57 -16.23
N PHE C 193 43.39 -36.47 -17.09
CA PHE C 193 42.43 -37.56 -17.22
C PHE C 193 43.07 -38.82 -17.79
N SER C 194 43.92 -38.66 -18.81
CA SER C 194 44.61 -39.83 -19.36
C SER C 194 45.54 -40.44 -18.32
N LYS C 195 46.19 -39.61 -17.50
CA LYS C 195 47.15 -40.10 -16.53
C LYS C 195 46.47 -40.90 -15.43
N HIS C 196 45.43 -40.33 -14.81
CA HIS C 196 44.84 -40.88 -13.61
C HIS C 196 43.68 -41.83 -13.87
N ASN C 197 43.50 -42.27 -15.11
CA ASN C 197 42.45 -43.25 -15.42
C ASN C 197 43.00 -44.34 -16.35
N ALA D 1 22.00 -23.08 6.38
N ALA D 1 21.98 -17.91 3.01
CA ALA D 1 22.29 -21.84 5.67
CA ALA D 1 21.75 -16.60 2.43
C ALA D 1 22.47 -22.09 4.18
C ALA D 1 20.65 -16.65 1.38
N SER D 2 21.35 -22.12 3.45
N SER D 2 20.46 -17.83 0.80
CA SER D 2 21.39 -22.30 2.01
CA SER D 2 19.40 -18.06 -0.16
C SER D 2 19.99 -22.29 1.41
C SER D 2 18.94 -19.51 -0.07
N GLY D 3 19.52 -21.11 0.99
N GLY D 3 17.73 -19.77 -0.54
CA GLY D 3 18.20 -20.99 0.40
CA GLY D 3 17.18 -21.10 -0.51
C GLY D 3 17.08 -21.41 1.34
C GLY D 3 16.48 -21.41 0.80
N ASN D 4 16.53 -22.59 1.12
N ASN D 4 16.29 -22.71 1.05
CA ASN D 4 15.62 -23.22 2.07
CA ASN D 4 15.58 -23.18 2.23
C ASN D 4 16.31 -24.31 2.89
C ASN D 4 16.32 -24.30 2.95
N ALA D 5 17.62 -24.47 2.71
CA ALA D 5 18.39 -25.51 3.39
C ALA D 5 18.88 -24.94 4.72
N ARG D 6 18.25 -25.37 5.81
CA ARG D 6 18.57 -24.91 7.14
C ARG D 6 18.92 -26.11 8.01
N ILE D 7 20.02 -26.01 8.76
CA ILE D 7 20.42 -27.09 9.65
C ILE D 7 19.30 -27.35 10.65
N GLY D 8 19.10 -28.63 10.97
CA GLY D 8 18.11 -29.02 11.96
C GLY D 8 16.68 -29.02 11.46
N LYS D 9 16.42 -28.50 10.28
CA LYS D 9 15.09 -28.47 9.68
C LYS D 9 14.98 -29.51 8.57
N PRO D 10 13.77 -29.90 8.19
CA PRO D 10 13.64 -30.86 7.07
C PRO D 10 14.33 -30.34 5.82
N ALA D 11 15.11 -31.20 5.19
CA ALA D 11 15.81 -30.82 3.97
C ALA D 11 14.79 -30.47 2.89
N PRO D 12 15.06 -29.47 2.05
CA PRO D 12 14.12 -29.14 0.98
C PRO D 12 13.84 -30.36 0.10
N ASP D 13 12.56 -30.65 -0.09
CA ASP D 13 12.18 -31.78 -0.92
C ASP D 13 12.66 -31.56 -2.36
N PHE D 14 12.90 -32.66 -3.06
CA PHE D 14 13.31 -32.57 -4.45
C PHE D 14 12.80 -33.78 -5.22
N LYS D 15 12.52 -33.57 -6.49
CA LYS D 15 12.13 -34.62 -7.43
C LYS D 15 12.74 -34.28 -8.77
N ALA D 16 13.49 -35.22 -9.34
CA ALA D 16 14.21 -34.94 -10.58
C ALA D 16 14.43 -36.22 -11.35
N THR D 17 14.58 -36.08 -12.66
CA THR D 17 14.96 -37.19 -13.52
C THR D 17 16.46 -37.43 -13.40
N ALA D 18 16.84 -38.70 -13.28
CA ALA D 18 18.23 -39.08 -13.04
C ALA D 18 18.61 -40.24 -13.95
N VAL D 19 19.91 -40.34 -14.20
CA VAL D 19 20.48 -41.48 -14.91
C VAL D 19 20.91 -42.51 -13.86
N VAL D 20 20.30 -43.70 -13.91
CA VAL D 20 20.54 -44.75 -12.93
C VAL D 20 20.85 -46.02 -13.70
N ASP D 21 22.10 -46.48 -13.61
CA ASP D 21 22.56 -47.66 -14.34
C ASP D 21 22.28 -47.52 -15.83
N GLY D 22 22.63 -46.34 -16.37
CA GLY D 22 22.51 -46.09 -17.79
C GLY D 22 21.10 -45.90 -18.30
N ALA D 23 20.13 -45.68 -17.42
CA ALA D 23 18.75 -45.48 -17.83
C ALA D 23 18.17 -44.32 -17.05
N PHE D 24 17.06 -43.77 -17.57
CA PHE D 24 16.40 -42.64 -16.96
C PHE D 24 15.37 -43.10 -15.95
N LYS D 25 15.35 -42.44 -14.78
CA LYS D 25 14.46 -42.82 -13.70
C LYS D 25 14.20 -41.60 -12.83
N GLU D 26 12.99 -41.53 -12.28
CA GLU D 26 12.65 -40.46 -11.36
C GLU D 26 13.19 -40.76 -9.98
N VAL D 27 13.68 -39.72 -9.31
CA VAL D 27 14.25 -39.84 -7.97
C VAL D 27 13.69 -38.69 -7.13
N LYS D 28 13.22 -39.02 -5.92
CA LYS D 28 12.70 -38.01 -5.01
C LYS D 28 13.16 -38.33 -3.60
N LEU D 29 13.35 -37.26 -2.82
CA LEU D 29 13.92 -37.40 -1.47
C LEU D 29 13.11 -38.39 -0.63
N SER D 30 11.78 -38.39 -0.79
CA SER D 30 10.94 -39.28 -0.01
C SER D 30 11.29 -40.75 -0.24
N ASP D 31 12.00 -41.06 -1.34
CA ASP D 31 12.41 -42.44 -1.59
C ASP D 31 13.45 -42.93 -0.59
N TYR D 32 14.10 -42.02 0.15
CA TYR D 32 15.20 -42.38 1.03
C TYR D 32 14.86 -42.21 2.50
N LYS D 33 13.57 -42.11 2.83
CA LYS D 33 13.18 -42.08 4.24
C LYS D 33 13.70 -43.31 4.95
N GLY D 34 14.38 -43.08 6.08
CA GLY D 34 15.01 -44.14 6.83
C GLY D 34 16.49 -44.30 6.56
N LYS D 35 16.97 -43.75 5.44
CA LYS D 35 18.38 -43.80 5.08
C LYS D 35 18.97 -42.39 5.09
N TYR D 36 20.26 -42.31 5.41
CA TYR D 36 20.98 -41.07 5.22
C TYR D 36 21.19 -40.80 3.73
N VAL D 37 21.35 -39.52 3.40
CA VAL D 37 21.56 -39.10 2.02
C VAL D 37 22.69 -38.09 1.99
N VAL D 38 23.64 -38.31 1.09
CA VAL D 38 24.67 -37.33 0.76
C VAL D 38 24.31 -36.78 -0.61
N LEU D 39 23.89 -35.52 -0.65
CA LEU D 39 23.48 -34.84 -1.88
C LEU D 39 24.53 -33.78 -2.20
N PHE D 40 25.27 -33.99 -3.29
CA PHE D 40 26.35 -33.09 -3.67
C PHE D 40 26.06 -32.49 -5.05
N PHE D 41 26.09 -31.16 -5.12
CA PHE D 41 25.94 -30.44 -6.37
C PHE D 41 27.31 -30.22 -7.00
N TYR D 42 27.31 -30.13 -8.34
CA TYR D 42 28.51 -29.74 -9.07
C TYR D 42 28.09 -28.87 -10.24
N PRO D 43 28.98 -27.96 -10.69
CA PRO D 43 28.56 -26.95 -11.66
C PRO D 43 28.16 -27.48 -13.03
N LEU D 44 29.05 -28.16 -13.75
CA LEU D 44 28.81 -28.47 -15.15
C LEU D 44 29.37 -29.83 -15.53
N ASP D 45 28.61 -30.56 -16.35
CA ASP D 45 29.11 -31.76 -16.98
C ASP D 45 30.22 -31.40 -17.98
N PHE D 46 31.03 -32.41 -18.31
CA PHE D 46 32.13 -32.25 -19.25
C PHE D 46 33.09 -31.14 -18.83
N THR D 47 33.28 -30.96 -17.52
CA THR D 47 34.30 -30.05 -17.02
C THR D 47 35.39 -30.85 -16.32
N PHE D 48 35.95 -30.32 -15.23
CA PHE D 48 37.26 -30.75 -14.77
C PHE D 48 37.25 -31.27 -13.34
N VAL D 49 36.93 -30.45 -12.34
CA VAL D 49 36.84 -30.96 -10.97
C VAL D 49 35.68 -31.91 -10.84
N CYS D 50 34.55 -31.59 -11.47
CA CYS D 50 33.32 -32.37 -11.33
C CYS D 50 33.51 -33.86 -11.57
N PRO D 51 34.12 -34.30 -12.68
CA PRO D 51 34.28 -35.75 -12.88
C PRO D 51 35.07 -36.43 -11.77
N THR D 52 36.06 -35.75 -11.19
CA THR D 52 36.85 -36.36 -10.13
C THR D 52 36.01 -36.55 -8.87
N GLU D 53 35.16 -35.57 -8.55
CA GLU D 53 34.27 -35.71 -7.41
C GLU D 53 33.22 -36.80 -7.64
N ILE D 54 32.62 -36.81 -8.84
CA ILE D 54 31.62 -37.83 -9.16
C ILE D 54 32.25 -39.21 -9.14
N ILE D 55 33.41 -39.35 -9.77
CA ILE D 55 34.07 -40.65 -9.82
C ILE D 55 34.45 -41.11 -8.43
N ALA D 56 35.06 -40.23 -7.63
CA ALA D 56 35.47 -40.60 -6.28
C ALA D 56 34.28 -41.07 -5.47
N PHE D 57 33.18 -40.30 -5.48
CA PHE D 57 31.97 -40.72 -4.78
C PHE D 57 31.44 -42.03 -5.34
N SER D 58 31.50 -42.20 -6.67
CA SER D 58 31.00 -43.41 -7.29
C SER D 58 31.80 -44.62 -6.83
N ASN D 59 33.13 -44.50 -6.82
CA ASN D 59 33.97 -45.62 -6.39
C ASN D 59 33.67 -46.02 -4.95
N ARG D 60 33.30 -45.06 -4.10
CA ARG D 60 33.06 -45.32 -2.69
C ARG D 60 31.58 -45.36 -2.33
N ALA D 61 30.70 -45.43 -3.34
CA ALA D 61 29.27 -45.49 -3.07
C ALA D 61 28.93 -46.64 -2.13
N GLU D 62 29.65 -47.76 -2.23
CA GLU D 62 29.32 -48.92 -1.41
C GLU D 62 29.75 -48.73 0.03
N ASP D 63 30.80 -47.93 0.27
CA ASP D 63 31.17 -47.60 1.64
C ASP D 63 30.05 -46.84 2.35
N PHE D 64 29.33 -45.99 1.60
CA PHE D 64 28.21 -45.26 2.18
C PHE D 64 26.99 -46.16 2.35
N ARG D 65 26.68 -46.98 1.34
CA ARG D 65 25.51 -47.83 1.42
C ARG D 65 25.66 -48.92 2.47
N LYS D 66 26.89 -49.28 2.86
CA LYS D 66 27.08 -50.15 4.01
C LYS D 66 26.66 -49.47 5.31
N LEU D 67 26.57 -48.14 5.32
CA LEU D 67 26.11 -47.39 6.48
C LEU D 67 24.63 -47.03 6.38
N GLY D 68 23.93 -47.51 5.36
CA GLY D 68 22.57 -47.07 5.13
C GLY D 68 22.47 -45.65 4.59
N CYS D 69 23.50 -45.19 3.90
CA CYS D 69 23.55 -43.85 3.35
C CYS D 69 23.64 -43.92 1.83
N GLU D 70 22.81 -43.15 1.15
CA GLU D 70 22.78 -43.11 -0.31
C GLU D 70 23.41 -41.81 -0.79
N VAL D 71 24.18 -41.91 -1.87
CA VAL D 71 24.89 -40.77 -2.45
C VAL D 71 24.22 -40.38 -3.76
N LEU D 72 24.00 -39.07 -3.94
CA LEU D 72 23.32 -38.54 -5.12
C LEU D 72 24.09 -37.34 -5.64
N GLY D 73 24.40 -37.37 -6.93
CA GLY D 73 25.02 -36.22 -7.61
C GLY D 73 23.96 -35.45 -8.38
N VAL D 74 24.11 -34.13 -8.43
CA VAL D 74 23.13 -33.26 -9.07
CA VAL D 74 23.14 -33.24 -9.04
C VAL D 74 23.87 -32.14 -9.79
N SER D 75 23.31 -31.73 -10.94
CA SER D 75 23.79 -30.58 -11.68
C SER D 75 22.66 -30.13 -12.60
N VAL D 76 22.82 -28.91 -13.14
CA VAL D 76 21.78 -28.35 -14.00
C VAL D 76 21.73 -29.01 -15.37
N ASP D 77 22.68 -29.86 -15.69
CA ASP D 77 22.69 -30.53 -16.99
C ASP D 77 21.55 -31.54 -17.09
N SER D 78 21.12 -31.80 -18.32
CA SER D 78 20.02 -32.71 -18.56
C SER D 78 20.47 -34.16 -18.43
N GLN D 79 19.49 -35.07 -18.33
CA GLN D 79 19.80 -36.49 -18.24
C GLN D 79 20.44 -37.01 -19.52
N PHE D 80 20.21 -36.35 -20.66
CA PHE D 80 20.86 -36.75 -21.90
C PHE D 80 22.34 -36.39 -21.90
N THR D 81 22.67 -35.19 -21.39
CA THR D 81 24.07 -34.83 -21.24
C THR D 81 24.74 -35.72 -20.20
N HIS D 82 24.06 -35.98 -19.08
CA HIS D 82 24.57 -36.92 -18.09
C HIS D 82 24.95 -38.24 -18.74
N LEU D 83 24.01 -38.84 -19.47
CA LEU D 83 24.26 -40.14 -20.09
C LEU D 83 25.39 -40.07 -21.10
N ALA D 84 25.40 -39.03 -21.93
CA ALA D 84 26.52 -38.84 -22.86
C ALA D 84 27.84 -38.82 -22.12
N TRP D 85 27.87 -38.19 -20.95
CA TRP D 85 29.11 -38.12 -20.17
C TRP D 85 29.44 -39.47 -19.56
N ILE D 86 28.43 -40.21 -19.11
CA ILE D 86 28.65 -41.55 -18.57
C ILE D 86 29.20 -42.46 -19.67
N ASN D 87 28.72 -42.30 -20.89
CA ASN D 87 29.19 -43.08 -22.02
C ASN D 87 30.50 -42.55 -22.60
N THR D 88 31.10 -41.54 -21.96
CA THR D 88 32.42 -41.05 -22.36
C THR D 88 33.47 -41.68 -21.46
N PRO D 89 34.55 -42.26 -22.00
CA PRO D 89 35.54 -42.89 -21.13
C PRO D 89 36.19 -41.90 -20.17
N ARG D 90 36.54 -42.40 -18.98
CA ARG D 90 37.19 -41.54 -17.99
C ARG D 90 38.53 -41.01 -18.50
N LYS D 91 39.25 -41.81 -19.28
CA LYS D 91 40.52 -41.34 -19.83
C LYS D 91 40.34 -40.07 -20.64
N GLU D 92 39.16 -39.85 -21.20
CA GLU D 92 38.85 -38.67 -22.00
C GLU D 92 38.08 -37.62 -21.20
N GLY D 93 38.10 -37.71 -19.87
CA GLY D 93 37.37 -36.79 -19.03
C GLY D 93 35.94 -37.18 -18.75
N GLY D 94 35.54 -38.40 -19.11
CA GLY D 94 34.19 -38.86 -18.85
C GLY D 94 34.05 -39.50 -17.48
N LEU D 95 32.85 -40.03 -17.23
CA LEU D 95 32.53 -40.65 -15.95
C LEU D 95 32.55 -42.17 -16.00
N GLY D 96 32.45 -42.76 -17.18
CA GLY D 96 32.33 -44.20 -17.29
C GLY D 96 31.13 -44.70 -16.52
N PRO D 97 31.07 -46.01 -16.26
CA PRO D 97 29.97 -46.55 -15.47
C PRO D 97 29.94 -45.93 -14.09
N LEU D 98 28.73 -45.62 -13.61
CA LEU D 98 28.54 -44.98 -12.32
C LEU D 98 27.75 -45.88 -11.38
N ASN D 99 28.09 -45.82 -10.10
N ASN D 99 28.09 -45.82 -10.10
CA ASN D 99 27.37 -46.55 -9.06
CA ASN D 99 27.39 -46.55 -9.05
C ASN D 99 26.51 -45.64 -8.21
C ASN D 99 26.41 -45.67 -8.28
N ILE D 100 26.23 -44.42 -8.69
CA ILE D 100 25.35 -43.49 -7.99
C ILE D 100 24.44 -42.80 -8.99
N PRO D 101 23.22 -42.45 -8.59
CA PRO D 101 22.36 -41.68 -9.50
C PRO D 101 22.95 -40.31 -9.80
N LEU D 102 22.57 -39.77 -10.95
CA LEU D 102 23.02 -38.45 -11.40
C LEU D 102 21.77 -37.68 -11.81
N LEU D 103 21.31 -36.80 -10.94
CA LEU D 103 20.07 -36.08 -11.17
C LEU D 103 20.28 -34.91 -12.11
N ALA D 104 19.23 -34.57 -12.86
CA ALA D 104 19.23 -33.46 -13.80
C ALA D 104 18.37 -32.34 -13.22
N ASP D 105 19.01 -31.21 -12.92
CA ASP D 105 18.31 -30.04 -12.38
C ASP D 105 18.15 -28.97 -13.47
N VAL D 106 17.43 -29.34 -14.52
CA VAL D 106 17.30 -28.46 -15.68
C VAL D 106 16.48 -27.22 -15.33
N THR D 107 15.52 -27.35 -14.40
CA THR D 107 14.73 -26.21 -13.97
C THR D 107 15.43 -25.36 -12.92
N ARG D 108 16.63 -25.75 -12.48
N ARG D 108 16.63 -25.75 -12.48
CA ARG D 108 17.38 -25.06 -11.43
CA ARG D 108 17.38 -25.06 -11.43
C ARG D 108 16.64 -25.03 -10.09
C ARG D 108 16.63 -25.01 -10.11
N ARG D 109 15.52 -25.75 -9.97
CA ARG D 109 14.75 -25.69 -8.74
C ARG D 109 15.53 -26.27 -7.56
N LEU D 110 16.18 -27.42 -7.76
CA LEU D 110 16.96 -28.01 -6.69
C LEU D 110 18.10 -27.09 -6.26
N SER D 111 18.82 -26.54 -7.23
CA SER D 111 19.94 -25.65 -6.89
C SER D 111 19.44 -24.41 -6.16
N GLU D 112 18.31 -23.85 -6.57
CA GLU D 112 17.77 -22.69 -5.89
C GLU D 112 17.24 -23.07 -4.50
N ASP D 113 16.56 -24.21 -4.39
CA ASP D 113 16.03 -24.64 -3.10
C ASP D 113 17.15 -24.89 -2.09
N TYR D 114 18.32 -25.30 -2.56
CA TYR D 114 19.47 -25.55 -1.70
C TYR D 114 20.46 -24.40 -1.71
N GLY D 115 20.08 -23.25 -2.26
CA GLY D 115 20.90 -22.05 -2.15
C GLY D 115 22.33 -22.20 -2.63
N VAL D 116 22.54 -22.94 -3.72
CA VAL D 116 23.87 -23.16 -4.26
C VAL D 116 24.00 -22.66 -5.69
N LEU D 117 22.96 -22.01 -6.23
CA LEU D 117 22.99 -21.55 -7.61
C LEU D 117 23.86 -20.31 -7.73
N LYS D 118 24.90 -20.40 -8.56
CA LYS D 118 25.72 -19.24 -8.92
C LYS D 118 24.96 -18.49 -10.00
N THR D 119 24.17 -17.49 -9.57
CA THR D 119 23.14 -16.94 -10.44
C THR D 119 23.72 -16.29 -11.69
N ASP D 120 24.87 -15.64 -11.57
CA ASP D 120 25.45 -14.96 -12.73
C ASP D 120 25.92 -15.92 -13.81
N GLU D 121 26.05 -17.21 -13.50
CA GLU D 121 26.42 -18.22 -14.49
C GLU D 121 25.36 -19.30 -14.69
N GLY D 122 24.39 -19.41 -13.79
CA GLY D 122 23.35 -20.42 -13.92
C GLY D 122 23.77 -21.81 -13.50
N ILE D 123 24.90 -21.96 -12.81
CA ILE D 123 25.42 -23.25 -12.41
C ILE D 123 25.45 -23.32 -10.89
N ALA D 124 25.47 -24.54 -10.37
CA ALA D 124 25.49 -24.79 -8.94
C ALA D 124 26.91 -24.79 -8.41
N TYR D 125 27.12 -24.13 -7.27
CA TYR D 125 28.38 -24.26 -6.57
C TYR D 125 28.56 -25.69 -6.09
N ARG D 126 29.73 -25.96 -5.52
CA ARG D 126 30.08 -27.30 -5.05
C ARG D 126 29.51 -27.52 -3.65
N GLY D 127 28.18 -27.58 -3.59
CA GLY D 127 27.48 -27.77 -2.34
C GLY D 127 27.22 -29.23 -2.06
N LEU D 128 27.50 -29.64 -0.82
CA LEU D 128 27.24 -30.99 -0.35
C LEU D 128 26.37 -30.91 0.90
N PHE D 129 25.35 -31.77 0.95
CA PHE D 129 24.37 -31.75 2.04
C PHE D 129 24.16 -33.16 2.56
N ILE D 130 24.19 -33.31 3.88
CA ILE D 130 23.96 -34.60 4.54
C ILE D 130 22.60 -34.56 5.21
N ILE D 131 21.74 -35.51 4.85
CA ILE D 131 20.37 -35.59 5.34
C ILE D 131 20.20 -36.93 6.06
N ASP D 132 19.59 -36.90 7.24
CA ASP D 132 19.45 -38.12 8.02
C ASP D 132 18.20 -38.89 7.60
N GLY D 133 17.97 -40.03 8.25
CA GLY D 133 16.85 -40.89 7.90
C GLY D 133 15.49 -40.27 8.14
N LYS D 134 15.42 -39.24 9.00
CA LYS D 134 14.18 -38.52 9.24
C LYS D 134 13.98 -37.35 8.28
N GLY D 135 14.86 -37.20 7.29
CA GLY D 135 14.77 -36.11 6.34
C GLY D 135 15.30 -34.79 6.84
N VAL D 136 15.98 -34.77 7.98
CA VAL D 136 16.46 -33.54 8.58
C VAL D 136 17.87 -33.25 8.06
N LEU D 137 18.10 -31.99 7.67
CA LEU D 137 19.42 -31.59 7.20
C LEU D 137 20.37 -31.48 8.39
N ARG D 138 21.55 -32.10 8.26
CA ARG D 138 22.52 -32.14 9.34
C ARG D 138 23.84 -31.45 9.02
N GLN D 139 24.19 -31.27 7.75
CA GLN D 139 25.49 -30.74 7.40
C GLN D 139 25.42 -29.99 6.07
N ILE D 140 26.15 -28.89 5.98
CA ILE D 140 26.27 -28.11 4.75
C ILE D 140 27.74 -27.90 4.46
N THR D 141 28.14 -28.19 3.23
CA THR D 141 29.49 -27.90 2.75
C THR D 141 29.38 -27.30 1.36
N VAL D 142 30.00 -26.14 1.15
CA VAL D 142 29.96 -25.46 -0.14
C VAL D 142 31.36 -24.95 -0.44
N ASN D 143 31.91 -25.37 -1.57
CA ASN D 143 33.22 -24.93 -2.03
C ASN D 143 33.06 -23.99 -3.22
N ASP D 144 33.97 -23.02 -3.30
CA ASP D 144 34.11 -22.29 -4.55
C ASP D 144 34.48 -23.28 -5.65
N LEU D 145 34.23 -22.87 -6.90
CA LEU D 145 34.35 -23.80 -8.01
C LEU D 145 35.74 -24.42 -8.17
N PRO D 146 36.85 -23.72 -7.92
CA PRO D 146 38.16 -24.30 -8.29
C PRO D 146 38.64 -25.43 -7.40
N VAL D 147 38.03 -25.65 -6.24
CA VAL D 147 38.53 -26.63 -5.27
C VAL D 147 37.49 -27.72 -5.06
N GLY D 148 37.93 -28.98 -5.11
CA GLY D 148 37.04 -30.10 -4.94
C GLY D 148 36.90 -30.55 -3.50
N ARG D 149 35.77 -31.19 -3.21
CA ARG D 149 35.47 -31.65 -1.87
C ARG D 149 36.20 -32.95 -1.57
N SER D 150 36.07 -33.43 -0.32
CA SER D 150 36.76 -34.62 0.16
C SER D 150 35.73 -35.69 0.49
N VAL D 151 35.80 -36.82 -0.22
CA VAL D 151 34.90 -37.93 0.06
C VAL D 151 35.20 -38.53 1.43
N ASP D 152 36.46 -38.47 1.88
CA ASP D 152 36.80 -38.98 3.20
C ASP D 152 36.07 -38.21 4.29
N GLU D 153 36.07 -36.88 4.20
CA GLU D 153 35.41 -36.07 5.22
C GLU D 153 33.90 -36.25 5.17
N ALA D 154 33.33 -36.41 3.97
CA ALA D 154 31.91 -36.67 3.87
C ALA D 154 31.54 -37.98 4.55
N LEU D 155 32.37 -39.01 4.37
CA LEU D 155 32.11 -40.29 5.01
C LEU D 155 32.28 -40.18 6.53
N ARG D 156 33.33 -39.46 6.98
CA ARG D 156 33.51 -39.27 8.41
C ARG D 156 32.30 -38.59 9.04
N LEU D 157 31.78 -37.55 8.38
CA LEU D 157 30.63 -36.83 8.92
C LEU D 157 29.40 -37.72 8.98
N VAL D 158 29.14 -38.51 7.93
CA VAL D 158 28.04 -39.44 7.96
C VAL D 158 28.19 -40.40 9.14
N GLN D 159 29.39 -40.96 9.32
CA GLN D 159 29.63 -41.86 10.45
C GLN D 159 29.38 -41.14 11.77
N ALA D 160 29.93 -39.94 11.91
CA ALA D 160 29.75 -39.19 13.16
C ALA D 160 28.28 -38.94 13.45
N PHE D 161 27.52 -38.52 12.43
CA PHE D 161 26.12 -38.21 12.64
C PHE D 161 25.32 -39.47 13.01
N GLN D 162 25.65 -40.60 12.39
CA GLN D 162 24.95 -41.83 12.72
C GLN D 162 25.33 -42.35 14.11
N TYR D 163 26.58 -42.14 14.52
CA TYR D 163 27.00 -42.59 15.85
C TYR D 163 26.37 -41.72 16.94
N THR D 164 26.46 -40.40 16.80
CA THR D 164 25.84 -39.52 17.79
C THR D 164 24.33 -39.69 17.81
N ASP D 165 23.72 -40.00 16.67
CA ASP D 165 22.29 -40.30 16.64
C ASP D 165 21.97 -41.48 17.55
N GLU D 166 22.72 -42.57 17.42
CA GLU D 166 22.35 -43.81 18.08
C GLU D 166 22.58 -43.75 19.58
N HIS D 167 23.68 -43.13 20.01
CA HIS D 167 24.11 -43.21 21.40
C HIS D 167 23.83 -41.96 22.21
N GLY D 168 23.35 -40.89 21.59
CA GLY D 168 23.06 -39.67 22.34
C GLY D 168 24.29 -38.96 22.86
N GLU D 169 25.46 -39.23 22.30
CA GLU D 169 26.69 -38.54 22.65
C GLU D 169 27.11 -37.64 21.49
N VAL D 170 28.13 -36.82 21.75
CA VAL D 170 28.59 -35.82 20.78
C VAL D 170 30.03 -36.15 20.40
N SER D 171 30.35 -35.98 19.12
CA SER D 171 31.65 -36.39 18.60
C SER D 171 32.61 -35.21 18.59
N PRO D 172 33.78 -35.32 19.21
CA PRO D 172 34.71 -34.18 19.23
C PRO D 172 35.38 -33.93 17.88
N ALA D 173 36.24 -32.92 17.83
CA ALA D 173 36.93 -32.58 16.59
C ALA D 173 37.74 -33.76 16.09
N GLY D 174 37.72 -33.95 14.77
CA GLY D 174 38.48 -35.03 14.15
C GLY D 174 38.05 -36.43 14.53
N TRP D 175 36.88 -36.58 15.16
CA TRP D 175 36.43 -37.91 15.56
C TRP D 175 36.36 -38.85 14.36
N LYS D 176 36.86 -40.05 14.54
CA LYS D 176 36.78 -41.13 13.58
C LYS D 176 36.24 -42.36 14.27
N PRO D 177 35.66 -43.31 13.53
CA PRO D 177 35.19 -44.54 14.14
C PRO D 177 36.24 -45.18 15.03
N GLY D 178 35.83 -45.60 16.22
CA GLY D 178 36.73 -46.18 17.19
C GLY D 178 37.22 -45.22 18.26
N SER D 179 37.05 -43.92 18.05
CA SER D 179 37.52 -42.93 19.01
C SER D 179 36.42 -42.63 20.04
N ASP D 180 36.82 -41.96 21.11
CA ASP D 180 35.90 -41.63 22.18
C ASP D 180 34.97 -40.50 21.78
N THR D 181 33.74 -40.58 22.27
CA THR D 181 32.78 -39.49 22.20
C THR D 181 32.55 -38.92 23.60
N ILE D 182 31.91 -37.75 23.65
CA ILE D 182 31.68 -37.03 24.89
C ILE D 182 30.22 -37.19 25.30
N LYS D 183 29.99 -37.42 26.59
CA LYS D 183 28.65 -37.42 27.15
C LYS D 183 28.25 -35.97 27.40
N PRO D 184 27.24 -35.44 26.69
CA PRO D 184 26.99 -33.98 26.71
C PRO D 184 26.23 -33.52 27.96
N ASN D 185 26.80 -33.79 29.13
CA ASN D 185 26.35 -33.17 30.37
C ASN D 185 27.56 -32.89 31.23
N VAL D 186 27.39 -31.94 32.16
CA VAL D 186 28.54 -31.36 32.87
C VAL D 186 29.33 -32.44 33.58
N ASP D 187 28.64 -33.29 34.34
CA ASP D 187 29.34 -34.29 35.17
C ASP D 187 29.97 -35.38 34.30
N ASP D 188 29.15 -36.06 33.49
CA ASP D 188 29.66 -37.20 32.74
C ASP D 188 30.72 -36.80 31.72
N SER D 189 30.75 -35.54 31.29
CA SER D 189 31.75 -35.11 30.31
C SER D 189 33.14 -35.07 30.90
N LYS D 190 33.27 -35.04 32.23
CA LYS D 190 34.59 -34.97 32.85
C LYS D 190 35.42 -36.21 32.54
N GLU D 191 34.75 -37.36 32.38
CA GLU D 191 35.47 -38.58 32.01
C GLU D 191 36.37 -38.34 30.79
N TYR D 192 35.80 -37.75 29.74
CA TYR D 192 36.58 -37.50 28.52
C TYR D 192 37.71 -36.50 28.79
N PHE D 193 37.37 -35.37 29.42
CA PHE D 193 38.33 -34.27 29.50
C PHE D 193 39.55 -34.65 30.33
N SER D 194 39.37 -35.43 31.40
CA SER D 194 40.51 -35.85 32.19
C SER D 194 41.29 -36.96 31.50
N LYS D 195 40.62 -37.80 30.71
CA LYS D 195 41.31 -38.88 30.01
C LYS D 195 42.20 -38.32 28.91
N HIS D 196 41.73 -37.32 28.17
CA HIS D 196 42.40 -36.83 26.98
C HIS D 196 43.18 -35.54 27.22
N ASN D 197 43.42 -35.18 28.48
CA ASN D 197 44.24 -34.01 28.79
C ASN D 197 45.12 -34.30 30.01
N ALA E 1 -19.20 10.00 -18.44
N ALA E 1 -20.38 15.70 -20.42
CA ALA E 1 -19.00 8.81 -17.62
CA ALA E 1 -19.37 14.76 -19.98
C ALA E 1 -17.65 8.19 -17.93
C ALA E 1 -19.28 13.57 -20.93
N SER E 2 -17.23 8.31 -19.19
N SER E 2 -18.05 13.11 -21.17
CA SER E 2 -15.92 7.87 -19.62
CA SER E 2 -17.82 11.96 -22.06
C SER E 2 -15.38 8.87 -20.63
C SER E 2 -16.33 11.62 -22.11
N GLY E 3 -14.06 8.91 -20.75
N GLY E 3 -15.93 10.59 -21.37
CA GLY E 3 -13.41 9.81 -21.68
CA GLY E 3 -14.53 10.21 -21.29
C GLY E 3 -13.05 11.15 -21.04
C GLY E 3 -13.64 11.36 -20.84
N ASN E 4 -12.79 12.13 -21.91
N ASN E 4 -13.07 12.08 -21.81
CA ASN E 4 -12.36 13.45 -21.46
CA ASN E 4 -12.38 13.33 -21.55
C ASN E 4 -13.15 14.59 -22.07
C ASN E 4 -13.10 14.54 -22.13
N ALA E 5 -14.18 14.32 -22.87
CA ALA E 5 -14.96 15.39 -23.48
C ALA E 5 -15.80 16.05 -22.40
N ARG E 6 -15.37 17.24 -21.98
CA ARG E 6 -16.03 18.00 -20.93
C ARG E 6 -16.45 19.35 -21.50
N ILE E 7 -17.76 19.63 -21.47
CA ILE E 7 -18.26 20.91 -21.96
C ILE E 7 -17.61 22.04 -21.19
N GLY E 8 -17.30 23.13 -21.89
CA GLY E 8 -16.60 24.25 -21.31
C GLY E 8 -15.10 24.10 -21.21
N LYS E 9 -14.57 22.91 -21.47
CA LYS E 9 -13.14 22.65 -21.45
C LYS E 9 -12.62 22.40 -22.84
N PRO E 10 -11.30 22.51 -23.05
CA PRO E 10 -10.74 22.22 -24.37
C PRO E 10 -11.12 20.83 -24.85
N ALA E 11 -11.66 20.76 -26.06
CA ALA E 11 -12.06 19.49 -26.63
C ALA E 11 -10.87 18.53 -26.67
N PRO E 12 -11.09 17.23 -26.49
CA PRO E 12 -9.99 16.28 -26.60
C PRO E 12 -9.31 16.37 -27.95
N ASP E 13 -7.99 16.52 -27.93
CA ASP E 13 -7.24 16.58 -29.17
C ASP E 13 -7.31 15.25 -29.90
N PHE E 14 -7.37 15.30 -31.23
CA PHE E 14 -7.40 14.10 -32.04
C PHE E 14 -6.55 14.27 -33.29
N LYS E 15 -6.08 13.14 -33.81
CA LYS E 15 -5.18 13.12 -34.95
C LYS E 15 -5.36 11.78 -35.64
N ALA E 16 -5.87 11.80 -36.87
CA ALA E 16 -6.25 10.56 -37.53
C ALA E 16 -6.10 10.69 -39.04
N THR E 17 -5.85 9.54 -39.68
CA THR E 17 -5.90 9.48 -41.13
C THR E 17 -7.35 9.48 -41.60
N ALA E 18 -7.61 10.25 -42.66
CA ALA E 18 -8.98 10.41 -43.15
C ALA E 18 -9.00 10.32 -44.66
N VAL E 19 -10.20 10.11 -45.20
CA VAL E 19 -10.45 10.13 -46.63
C VAL E 19 -11.00 11.50 -46.98
N VAL E 20 -10.27 12.25 -47.81
CA VAL E 20 -10.66 13.59 -48.22
C VAL E 20 -10.57 13.65 -49.74
N ASP E 21 -11.72 13.81 -50.40
CA ASP E 21 -11.78 13.88 -51.85
C ASP E 21 -11.10 12.67 -52.49
N GLY E 22 -11.50 11.48 -52.03
CA GLY E 22 -11.02 10.24 -52.60
C GLY E 22 -9.57 9.92 -52.34
N ALA E 23 -8.93 10.61 -51.40
CA ALA E 23 -7.52 10.39 -51.11
C ALA E 23 -7.31 10.42 -49.60
N PHE E 24 -6.18 9.87 -49.17
CA PHE E 24 -5.84 9.80 -47.76
C PHE E 24 -5.08 11.06 -47.35
N LYS E 25 -5.43 11.59 -46.18
CA LYS E 25 -4.87 12.84 -45.70
C LYS E 25 -4.98 12.86 -44.19
N GLU E 26 -3.90 13.27 -43.52
CA GLU E 26 -3.94 13.45 -42.08
C GLU E 26 -4.88 14.61 -41.73
N VAL E 27 -5.53 14.49 -40.57
CA VAL E 27 -6.51 15.47 -40.12
C VAL E 27 -6.39 15.58 -38.60
N LYS E 28 -6.17 16.80 -38.11
CA LYS E 28 -6.02 17.06 -36.69
C LYS E 28 -6.92 18.22 -36.28
N LEU E 29 -7.23 18.26 -34.98
CA LEU E 29 -8.09 19.33 -34.46
C LEU E 29 -7.45 20.69 -34.65
N SER E 30 -6.14 20.81 -34.41
CA SER E 30 -5.46 22.09 -34.56
C SER E 30 -5.67 22.68 -35.95
N ASP E 31 -5.87 21.84 -36.95
CA ASP E 31 -6.13 22.33 -38.30
C ASP E 31 -7.34 23.26 -38.36
N TYR E 32 -8.21 23.21 -37.36
CA TYR E 32 -9.50 23.90 -37.41
C TYR E 32 -9.60 25.03 -36.39
N LYS E 33 -8.49 25.45 -35.79
CA LYS E 33 -8.51 26.60 -34.91
C LYS E 33 -9.09 27.80 -35.65
N GLY E 34 -9.96 28.55 -34.96
CA GLY E 34 -10.67 29.65 -35.56
C GLY E 34 -11.95 29.26 -36.26
N LYS E 35 -12.25 27.97 -36.37
CA LYS E 35 -13.48 27.50 -37.01
C LYS E 35 -14.24 26.60 -36.05
N TYR E 36 -15.56 26.60 -36.19
CA TYR E 36 -16.38 25.64 -35.48
C TYR E 36 -16.23 24.25 -36.11
N VAL E 37 -16.44 23.22 -35.30
CA VAL E 37 -16.27 21.84 -35.74
C VAL E 37 -17.43 21.02 -35.21
N VAL E 38 -18.09 20.28 -36.10
CA VAL E 38 -19.10 19.30 -35.74
C VAL E 38 -18.50 17.93 -35.99
N LEU E 39 -18.08 17.26 -34.93
CA LEU E 39 -17.44 15.95 -34.99
C LEU E 39 -18.48 14.90 -34.59
N PHE E 40 -18.91 14.09 -35.55
CA PHE E 40 -19.94 13.07 -35.30
C PHE E 40 -19.36 11.69 -35.56
N PHE E 41 -19.45 10.83 -34.55
CA PHE E 41 -19.07 9.43 -34.66
C PHE E 41 -20.24 8.60 -35.17
N TYR E 42 -19.92 7.47 -35.79
CA TYR E 42 -20.92 6.48 -36.16
C TYR E 42 -20.30 5.10 -36.00
N PRO E 43 -21.12 4.07 -35.78
CA PRO E 43 -20.57 2.75 -35.41
C PRO E 43 -19.74 2.06 -36.50
N LEU E 44 -20.34 1.72 -37.63
CA LEU E 44 -19.68 0.84 -38.58
C LEU E 44 -19.98 1.22 -40.02
N ASP E 45 -18.96 1.12 -40.87
CA ASP E 45 -19.16 1.23 -42.31
C ASP E 45 -19.97 0.03 -42.82
N PHE E 46 -20.63 0.24 -43.96
CA PHE E 46 -21.44 -0.79 -44.60
C PHE E 46 -22.60 -1.24 -43.71
N THR E 47 -23.13 -0.33 -42.90
CA THR E 47 -24.34 -0.56 -42.13
C THR E 47 -25.47 0.33 -42.67
N PHE E 48 -26.36 0.79 -41.80
CA PHE E 48 -27.68 1.23 -42.24
C PHE E 48 -28.01 2.67 -41.86
N VAL E 49 -28.09 3.01 -40.58
CA VAL E 49 -28.34 4.41 -40.23
C VAL E 49 -27.14 5.27 -40.60
N CYS E 50 -25.93 4.73 -40.45
CA CYS E 50 -24.71 5.51 -40.70
C CYS E 50 -24.66 6.15 -42.07
N PRO E 51 -24.87 5.43 -43.18
CA PRO E 51 -24.82 6.10 -44.49
C PRO E 51 -25.78 7.26 -44.62
N THR E 52 -26.97 7.16 -44.01
CA THR E 52 -27.93 8.25 -44.10
C THR E 52 -27.44 9.48 -43.34
N GLU E 53 -26.70 9.28 -42.24
CA GLU E 53 -26.16 10.42 -41.50
C GLU E 53 -24.93 11.00 -42.20
N ILE E 54 -24.07 10.13 -42.74
CA ILE E 54 -22.90 10.62 -43.46
C ILE E 54 -23.33 11.36 -44.72
N ILE E 55 -24.35 10.85 -45.41
CA ILE E 55 -24.83 11.51 -46.62
C ILE E 55 -25.53 12.82 -46.28
N ALA E 56 -26.38 12.80 -45.25
CA ALA E 56 -27.10 14.01 -44.86
C ALA E 56 -26.13 15.14 -44.51
N PHE E 57 -25.12 14.83 -43.69
CA PHE E 57 -24.14 15.85 -43.34
C PHE E 57 -23.33 16.28 -44.55
N SER E 58 -23.04 15.35 -45.46
CA SER E 58 -22.28 15.70 -46.66
C SER E 58 -23.07 16.66 -47.54
N ASN E 59 -24.33 16.31 -47.84
CA ASN E 59 -25.15 17.18 -48.68
C ASN E 59 -25.33 18.56 -48.07
N ARG E 60 -25.31 18.64 -46.73
CA ARG E 60 -25.48 19.91 -46.02
CA ARG E 60 -25.47 19.90 -46.00
C ARG E 60 -24.15 20.52 -45.61
N ALA E 61 -23.03 19.99 -46.12
CA ALA E 61 -21.72 20.45 -45.67
C ALA E 61 -21.52 21.93 -45.93
N GLU E 62 -21.94 22.41 -47.11
N GLU E 62 -21.95 22.42 -47.10
CA GLU E 62 -21.73 23.81 -47.46
CA GLU E 62 -21.70 23.81 -47.45
C GLU E 62 -22.46 24.74 -46.50
C GLU E 62 -22.48 24.77 -46.56
N ASP E 63 -23.62 24.33 -46.00
CA ASP E 63 -24.35 25.17 -45.07
C ASP E 63 -23.56 25.42 -43.80
N PHE E 64 -22.76 24.44 -43.36
CA PHE E 64 -21.91 24.64 -42.20
C PHE E 64 -20.65 25.43 -42.56
N ARG E 65 -20.11 25.24 -43.77
CA ARG E 65 -18.91 25.96 -44.15
C ARG E 65 -19.20 27.44 -44.39
N LYS E 66 -20.38 27.77 -44.90
CA LYS E 66 -20.77 29.17 -45.01
C LYS E 66 -20.78 29.86 -43.66
N LEU E 67 -20.94 29.11 -42.57
CA LEU E 67 -20.87 29.66 -41.23
C LEU E 67 -19.48 29.59 -40.63
N GLY E 68 -18.51 29.04 -41.35
CA GLY E 68 -17.20 28.81 -40.78
C GLY E 68 -17.14 27.58 -39.90
N CYS E 69 -17.98 26.59 -40.16
CA CYS E 69 -18.02 25.35 -39.40
C CYS E 69 -17.67 24.18 -40.31
N GLU E 70 -16.75 23.34 -39.86
CA GLU E 70 -16.35 22.15 -40.60
C GLU E 70 -16.98 20.91 -39.97
N VAL E 71 -17.48 20.02 -40.82
CA VAL E 71 -18.15 18.80 -40.40
C VAL E 71 -17.21 17.63 -40.63
N LEU E 72 -17.01 16.81 -39.60
CA LEU E 72 -16.13 15.65 -39.66
C LEU E 72 -16.88 14.41 -39.24
N GLY E 73 -16.76 13.35 -40.03
CA GLY E 73 -17.29 12.04 -39.68
C GLY E 73 -16.17 11.11 -39.29
N VAL E 74 -16.46 10.18 -38.38
CA VAL E 74 -15.43 9.27 -37.89
C VAL E 74 -16.09 7.97 -37.44
N SER E 75 -15.40 6.86 -37.72
CA SER E 75 -15.74 5.56 -37.17
C SER E 75 -14.45 4.79 -36.96
N VAL E 76 -14.57 3.60 -36.36
CA VAL E 76 -13.39 2.78 -36.10
C VAL E 76 -12.90 2.05 -37.34
N ASP E 77 -13.64 2.11 -38.43
CA ASP E 77 -13.22 1.49 -39.68
C ASP E 77 -11.99 2.18 -40.24
N SER E 78 -11.20 1.43 -41.01
CA SER E 78 -9.98 1.96 -41.58
C SER E 78 -10.30 2.88 -42.76
N GLN E 79 -9.28 3.63 -43.19
CA GLN E 79 -9.44 4.50 -44.35
C GLN E 79 -9.65 3.70 -45.62
N PHE E 80 -9.10 2.48 -45.69
CA PHE E 80 -9.31 1.64 -46.86
C PHE E 80 -10.77 1.19 -46.95
N THR E 81 -11.39 0.91 -45.80
CA THR E 81 -12.81 0.57 -45.80
C THR E 81 -13.66 1.80 -46.13
N HIS E 82 -13.31 2.96 -45.56
CA HIS E 82 -13.99 4.20 -45.92
C HIS E 82 -14.01 4.38 -47.43
N LEU E 83 -12.82 4.33 -48.05
CA LEU E 83 -12.74 4.56 -49.49
C LEU E 83 -13.57 3.55 -50.26
N ALA E 84 -13.49 2.27 -49.89
CA ALA E 84 -14.32 1.26 -50.54
C ALA E 84 -15.80 1.60 -50.39
N TRP E 85 -16.18 2.15 -49.24
CA TRP E 85 -17.57 2.55 -49.04
C TRP E 85 -17.91 3.77 -49.88
N ILE E 86 -16.99 4.73 -49.95
CA ILE E 86 -17.19 5.89 -50.83
C ILE E 86 -17.27 5.44 -52.28
N ASN E 87 -16.43 4.50 -52.68
CA ASN E 87 -16.46 3.95 -54.03
C ASN E 87 -17.60 2.95 -54.23
N THR E 88 -18.57 2.91 -53.33
CA THR E 88 -19.76 2.08 -53.48
C THR E 88 -20.97 2.97 -53.74
N PRO E 89 -21.79 2.67 -54.75
CA PRO E 89 -22.92 3.55 -55.06
C PRO E 89 -23.91 3.64 -53.91
N ARG E 90 -24.58 4.79 -53.81
CA ARG E 90 -25.55 5.00 -52.73
C ARG E 90 -26.76 4.09 -52.88
N LYS E 91 -27.09 3.68 -54.11
CA LYS E 91 -28.22 2.76 -54.30
C LYS E 91 -27.94 1.41 -53.66
N GLU E 92 -26.68 0.98 -53.65
CA GLU E 92 -26.27 -0.28 -53.05
C GLU E 92 -25.87 -0.13 -51.57
N GLY E 93 -26.34 0.93 -50.91
CA GLY E 93 -25.98 1.16 -49.53
C GLY E 93 -24.65 1.82 -49.32
N GLY E 94 -24.04 2.38 -50.38
CA GLY E 94 -22.77 3.04 -50.26
C GLY E 94 -22.91 4.51 -49.90
N LEU E 95 -21.77 5.19 -49.82
CA LEU E 95 -21.73 6.61 -49.54
C LEU E 95 -21.67 7.48 -50.78
N GLY E 96 -21.12 6.96 -51.88
CA GLY E 96 -20.87 7.77 -53.04
C GLY E 96 -19.87 8.85 -52.72
N PRO E 97 -19.72 9.83 -53.61
CA PRO E 97 -18.79 10.92 -53.34
C PRO E 97 -19.25 11.75 -52.15
N LEU E 98 -18.30 12.06 -51.27
CA LEU E 98 -18.57 12.84 -50.07
C LEU E 98 -17.92 14.22 -50.17
N ASN E 99 -18.52 15.18 -49.47
CA ASN E 99 -17.98 16.53 -49.36
CA ASN E 99 -17.98 16.53 -49.35
C ASN E 99 -17.44 16.81 -47.96
N ILE E 100 -17.32 15.79 -47.11
CA ILE E 100 -16.77 15.93 -45.78
C ILE E 100 -15.66 14.91 -45.61
N PRO E 101 -14.72 15.16 -44.70
CA PRO E 101 -13.73 14.12 -44.39
C PRO E 101 -14.34 12.99 -43.59
N LEU E 102 -13.78 11.79 -43.79
CA LEU E 102 -14.20 10.58 -43.09
C LEU E 102 -12.97 10.03 -42.37
N LEU E 103 -12.91 10.23 -41.05
CA LEU E 103 -11.73 9.86 -40.29
C LEU E 103 -11.77 8.38 -39.91
N ALA E 104 -10.57 7.81 -39.76
CA ALA E 104 -10.41 6.41 -39.37
C ALA E 104 -9.91 6.36 -37.94
N ASP E 105 -10.68 5.71 -37.07
CA ASP E 105 -10.32 5.58 -35.66
C ASP E 105 -9.98 4.13 -35.35
N VAL E 106 -9.01 3.56 -36.08
CA VAL E 106 -8.71 2.14 -35.96
C VAL E 106 -8.19 1.81 -34.56
N THR E 107 -7.41 2.72 -33.97
CA THR E 107 -6.91 2.51 -32.62
C THR E 107 -7.97 2.71 -31.55
N ARG E 108 -9.16 3.17 -31.92
CA ARG E 108 -10.25 3.48 -31.00
CA ARG E 108 -10.25 3.48 -31.00
C ARG E 108 -9.89 4.60 -30.03
N ARG E 109 -8.78 5.32 -30.26
CA ARG E 109 -8.40 6.37 -29.33
C ARG E 109 -9.39 7.52 -29.37
N LEU E 110 -9.78 7.98 -30.56
CA LEU E 110 -10.74 9.06 -30.66
C LEU E 110 -12.05 8.70 -29.96
N SER E 111 -12.54 7.48 -30.17
CA SER E 111 -13.79 7.07 -29.55
C SER E 111 -13.64 6.98 -28.03
N GLU E 112 -12.48 6.51 -27.56
CA GLU E 112 -12.25 6.45 -26.13
C GLU E 112 -12.08 7.84 -25.53
N ASP E 113 -11.34 8.72 -26.21
CA ASP E 113 -11.12 10.06 -25.67
C ASP E 113 -12.43 10.85 -25.60
N TYR E 114 -13.35 10.62 -26.54
CA TYR E 114 -14.64 11.28 -26.53
C TYR E 114 -15.72 10.43 -25.84
N GLY E 115 -15.33 9.34 -25.19
CA GLY E 115 -16.25 8.57 -24.37
C GLY E 115 -17.48 8.06 -25.07
N VAL E 116 -17.36 7.67 -26.34
CA VAL E 116 -18.48 7.15 -27.12
C VAL E 116 -18.25 5.71 -27.56
N LEU E 117 -17.21 5.06 -27.05
CA LEU E 117 -16.89 3.69 -27.46
C LEU E 117 -17.84 2.73 -26.76
N LYS E 118 -18.69 2.06 -27.53
CA LYS E 118 -19.49 0.96 -27.01
C LYS E 118 -18.59 -0.23 -26.75
N THR E 119 -18.12 -0.37 -25.51
CA THR E 119 -17.02 -1.27 -25.22
C THR E 119 -17.33 -2.70 -25.66
N ASP E 120 -18.50 -3.21 -25.28
CA ASP E 120 -18.79 -4.62 -25.53
C ASP E 120 -18.83 -4.97 -27.01
N GLU E 121 -18.91 -3.97 -27.90
CA GLU E 121 -18.88 -4.20 -29.33
C GLU E 121 -17.68 -3.56 -30.03
N GLY E 122 -16.90 -2.74 -29.34
CA GLY E 122 -15.75 -2.12 -29.96
C GLY E 122 -16.07 -1.05 -30.98
N ILE E 123 -17.29 -0.53 -30.97
CA ILE E 123 -17.73 0.47 -31.94
C ILE E 123 -18.18 1.72 -31.18
N ALA E 124 -18.30 2.82 -31.93
CA ALA E 124 -18.67 4.10 -31.35
C ALA E 124 -20.19 4.29 -31.43
N TYR E 125 -20.76 4.78 -30.33
CA TYR E 125 -22.13 5.25 -30.37
C TYR E 125 -22.25 6.47 -31.29
N ARG E 126 -23.49 6.87 -31.57
CA ARG E 126 -23.75 8.03 -32.43
C ARG E 126 -23.55 9.31 -31.62
N GLY E 127 -22.27 9.57 -31.29
CA GLY E 127 -21.89 10.76 -30.57
C GLY E 127 -21.58 11.90 -31.52
N LEU E 128 -22.12 13.07 -31.21
CA LEU E 128 -21.89 14.29 -32.00
C LEU E 128 -21.41 15.38 -31.06
N PHE E 129 -20.35 16.08 -31.45
CA PHE E 129 -19.73 17.10 -30.61
C PHE E 129 -19.54 18.36 -31.43
N ILE E 130 -19.84 19.50 -30.81
CA ILE E 130 -19.70 20.81 -31.42
C ILE E 130 -18.57 21.54 -30.70
N ILE E 131 -17.54 21.91 -31.44
CA ILE E 131 -16.37 22.60 -30.90
CA ILE E 131 -16.36 22.61 -30.91
C ILE E 131 -16.33 24.00 -31.49
N ASP E 132 -15.93 24.97 -30.68
CA ASP E 132 -15.87 26.36 -31.13
C ASP E 132 -14.49 26.69 -31.69
N GLY E 133 -14.37 27.88 -32.26
CA GLY E 133 -13.13 28.30 -32.89
C GLY E 133 -11.93 28.31 -31.96
N LYS E 134 -12.17 28.34 -30.64
CA LYS E 134 -11.11 28.30 -29.66
C LYS E 134 -10.78 26.88 -29.20
N GLY E 135 -11.40 25.88 -29.81
CA GLY E 135 -11.16 24.50 -29.42
C GLY E 135 -11.86 24.07 -28.15
N VAL E 136 -12.96 24.72 -27.79
CA VAL E 136 -13.69 24.44 -26.56
C VAL E 136 -14.94 23.63 -26.91
N LEU E 137 -15.14 22.52 -26.21
CA LEU E 137 -16.34 21.72 -26.40
C LEU E 137 -17.55 22.49 -25.88
N ARG E 138 -18.58 22.63 -26.72
CA ARG E 138 -19.77 23.38 -26.37
C ARG E 138 -21.03 22.53 -26.30
N GLN E 139 -21.03 21.34 -26.90
CA GLN E 139 -22.26 20.58 -27.04
C GLN E 139 -21.92 19.11 -27.22
N ILE E 140 -22.70 18.25 -26.56
CA ILE E 140 -22.56 16.80 -26.65
C ILE E 140 -23.92 16.21 -27.00
N THR E 141 -23.94 15.33 -28.00
CA THR E 141 -25.15 14.62 -28.40
C THR E 141 -24.77 13.18 -28.70
N VAL E 142 -25.37 12.23 -27.97
CA VAL E 142 -25.10 10.81 -28.16
C VAL E 142 -26.42 10.08 -28.26
N ASN E 143 -26.66 9.45 -29.41
CA ASN E 143 -27.84 8.62 -29.64
C ASN E 143 -27.46 7.16 -29.52
N ASP E 144 -28.38 6.36 -28.99
CA ASP E 144 -28.25 4.92 -29.11
C ASP E 144 -28.21 4.53 -30.59
N LEU E 145 -27.71 3.33 -30.87
CA LEU E 145 -27.43 2.95 -32.25
C LEU E 145 -28.64 3.00 -33.17
N PRO E 146 -29.85 2.60 -32.76
CA PRO E 146 -30.96 2.48 -33.73
C PRO E 146 -31.63 3.78 -34.13
N VAL E 147 -31.24 4.93 -33.59
CA VAL E 147 -31.90 6.20 -33.89
C VAL E 147 -30.87 7.17 -34.47
N GLY E 148 -31.15 7.68 -35.67
CA GLY E 148 -30.25 8.61 -36.31
C GLY E 148 -30.40 10.02 -35.77
N ARG E 149 -29.37 10.82 -36.02
CA ARG E 149 -29.33 12.19 -35.53
C ARG E 149 -29.99 13.13 -36.54
N SER E 150 -30.00 14.42 -36.20
CA SER E 150 -30.67 15.45 -37.00
C SER E 150 -29.68 16.51 -37.41
N VAL E 151 -29.50 16.68 -38.73
CA VAL E 151 -28.61 17.72 -39.22
C VAL E 151 -29.19 19.10 -38.96
N ASP E 152 -30.52 19.23 -39.06
CA ASP E 152 -31.16 20.51 -38.78
C ASP E 152 -30.83 20.98 -37.36
N GLU E 153 -31.02 20.11 -36.37
CA GLU E 153 -30.74 20.49 -35.00
C GLU E 153 -29.26 20.78 -34.79
N ALA E 154 -28.38 20.05 -35.48
CA ALA E 154 -26.95 20.34 -35.37
C ALA E 154 -26.63 21.71 -35.94
N LEU E 155 -27.30 22.10 -37.03
CA LEU E 155 -27.10 23.41 -37.61
C LEU E 155 -27.64 24.50 -36.70
N ARG E 156 -28.85 24.30 -36.16
CA ARG E 156 -29.42 25.28 -35.24
C ARG E 156 -28.48 25.55 -34.07
N LEU E 157 -27.87 24.49 -33.53
CA LEU E 157 -26.99 24.66 -32.38
C LEU E 157 -25.74 25.44 -32.75
N VAL E 158 -25.12 25.12 -33.89
CA VAL E 158 -23.94 25.85 -34.33
C VAL E 158 -24.29 27.33 -34.52
N GLN E 159 -25.45 27.60 -35.14
CA GLN E 159 -25.90 28.98 -35.29
C GLN E 159 -26.07 29.64 -33.93
N ALA E 160 -26.71 28.95 -32.99
CA ALA E 160 -26.98 29.54 -31.69
C ALA E 160 -25.68 29.81 -30.93
N PHE E 161 -24.73 28.86 -30.98
CA PHE E 161 -23.48 29.07 -30.26
C PHE E 161 -22.66 30.20 -30.88
N GLN E 162 -22.78 30.42 -32.19
CA GLN E 162 -22.06 31.51 -32.82
C GLN E 162 -22.73 32.86 -32.53
N TYR E 163 -24.06 32.89 -32.56
CA TYR E 163 -24.76 34.14 -32.25
C TYR E 163 -24.52 34.57 -30.81
N THR E 164 -24.70 33.64 -29.87
CA THR E 164 -24.48 33.96 -28.46
C THR E 164 -23.01 34.29 -28.19
N ASP E 165 -22.09 33.63 -28.90
CA ASP E 165 -20.69 34.03 -28.81
C ASP E 165 -20.49 35.46 -29.28
N GLU E 166 -21.17 35.84 -30.36
CA GLU E 166 -20.95 37.14 -30.99
C GLU E 166 -21.55 38.28 -30.17
N HIS E 167 -22.80 38.11 -29.73
CA HIS E 167 -23.56 39.20 -29.13
C HIS E 167 -23.65 39.13 -27.61
N GLY E 168 -23.03 38.13 -26.99
CA GLY E 168 -23.03 38.06 -25.54
C GLY E 168 -24.40 37.87 -24.92
N GLU E 169 -25.37 37.40 -25.68
CA GLU E 169 -26.70 37.08 -25.19
C GLU E 169 -26.89 35.56 -25.22
N VAL E 170 -27.99 35.11 -24.61
CA VAL E 170 -28.30 33.69 -24.50
C VAL E 170 -29.56 33.40 -25.30
N SER E 171 -29.61 32.22 -25.93
CA SER E 171 -30.71 31.87 -26.83
C SER E 171 -31.73 31.02 -26.09
N PRO E 172 -33.03 31.33 -26.17
CA PRO E 172 -34.03 30.52 -25.46
C PRO E 172 -34.28 29.19 -26.16
N ALA E 173 -35.18 28.39 -25.57
CA ALA E 173 -35.54 27.11 -26.16
C ALA E 173 -36.09 27.31 -27.56
N GLY E 174 -35.68 26.43 -28.48
CA GLY E 174 -36.16 26.44 -29.84
C GLY E 174 -35.66 27.58 -30.70
N TRP E 175 -34.74 28.41 -30.19
CA TRP E 175 -34.25 29.56 -30.95
C TRP E 175 -33.75 29.14 -32.32
N LYS E 176 -34.15 29.91 -33.33
CA LYS E 176 -33.62 29.82 -34.68
C LYS E 176 -33.22 31.22 -35.12
N PRO E 177 -32.42 31.33 -36.17
CA PRO E 177 -32.03 32.66 -36.66
C PRO E 177 -33.25 33.54 -36.91
N GLY E 178 -33.16 34.79 -36.48
CA GLY E 178 -34.24 35.74 -36.57
C GLY E 178 -35.03 35.90 -35.29
N SER E 179 -35.03 34.88 -34.44
CA SER E 179 -35.74 34.96 -33.17
C SER E 179 -34.95 35.80 -32.17
N ASP E 180 -35.64 36.24 -31.12
CA ASP E 180 -35.02 37.07 -30.10
C ASP E 180 -34.15 36.23 -29.17
N THR E 181 -33.12 36.87 -28.63
CA THR E 181 -32.30 36.31 -27.56
C THR E 181 -32.55 37.10 -26.29
N ILE E 182 -31.96 36.62 -25.19
CA ILE E 182 -32.17 37.20 -23.86
C ILE E 182 -30.87 37.85 -23.40
N LYS E 183 -30.99 39.06 -22.86
CA LYS E 183 -29.86 39.72 -22.21
C LYS E 183 -29.70 39.12 -20.82
N PRO E 184 -28.61 38.38 -20.55
CA PRO E 184 -28.54 37.58 -19.31
C PRO E 184 -28.22 38.43 -18.07
N ASN E 185 -29.12 39.35 -17.74
CA ASN E 185 -29.09 40.02 -16.45
C ASN E 185 -30.52 40.29 -16.02
N VAL E 186 -30.69 40.46 -14.71
CA VAL E 186 -32.03 40.53 -14.13
C VAL E 186 -32.84 41.65 -14.78
N ASP E 187 -32.29 42.85 -14.83
CA ASP E 187 -33.05 44.00 -15.32
C ASP E 187 -33.34 43.88 -16.81
N ASP E 188 -32.32 43.63 -17.62
CA ASP E 188 -32.50 43.65 -19.07
C ASP E 188 -33.27 42.44 -19.57
N SER E 189 -33.22 41.32 -18.84
CA SER E 189 -34.00 40.15 -19.25
C SER E 189 -35.49 40.43 -19.27
N LYS E 190 -35.95 41.42 -18.49
CA LYS E 190 -37.38 41.73 -18.45
C LYS E 190 -37.91 42.14 -19.82
N GLU E 191 -37.04 42.66 -20.68
CA GLU E 191 -37.46 43.00 -22.04
C GLU E 191 -38.03 41.78 -22.75
N TYR E 192 -37.33 40.65 -22.68
CA TYR E 192 -37.79 39.43 -23.34
C TYR E 192 -39.03 38.87 -22.65
N PHE E 193 -39.02 38.82 -21.32
CA PHE E 193 -40.09 38.15 -20.60
C PHE E 193 -41.42 38.89 -20.75
N SER E 194 -41.39 40.22 -20.67
CA SER E 194 -42.62 40.99 -20.87
C SER E 194 -43.13 40.87 -22.29
N LYS E 195 -42.24 40.74 -23.27
CA LYS E 195 -42.64 40.72 -24.67
C LYS E 195 -43.19 39.36 -25.09
N HIS E 196 -42.70 38.26 -24.49
CA HIS E 196 -43.05 36.92 -24.93
C HIS E 196 -44.00 36.21 -23.98
N ASN E 197 -44.73 36.95 -23.16
CA ASN E 197 -45.71 36.35 -22.26
C ASN E 197 -46.89 37.29 -22.04
N ALA F 1 -22.54 8.65 -21.53
N ALA F 1 -17.24 10.75 -18.76
CA ALA F 1 -21.28 9.36 -21.30
CA ALA F 1 -16.11 11.40 -18.10
C ALA F 1 -21.48 10.56 -20.39
C ALA F 1 -16.35 11.49 -16.60
N SER F 2 -21.83 10.30 -19.13
N SER F 2 -17.59 11.82 -16.24
CA SER F 2 -21.95 11.36 -18.14
CA SER F 2 -18.01 11.86 -14.84
C SER F 2 -22.02 10.78 -16.73
C SER F 2 -19.45 11.38 -14.76
N GLY F 3 -20.94 10.91 -15.97
N GLY F 3 -19.80 10.84 -13.61
CA GLY F 3 -20.88 10.37 -14.62
CA GLY F 3 -21.13 10.31 -13.42
C GLY F 3 -21.14 8.87 -14.58
C GLY F 3 -21.23 8.86 -13.83
N ASN F 4 -22.34 8.48 -14.15
N ASN F 4 -22.47 8.38 -13.93
CA ASN F 4 -22.79 7.10 -14.22
CA ASN F 4 -22.75 6.99 -14.27
C ASN F 4 -23.74 6.87 -15.39
C ASN F 4 -23.78 6.87 -15.39
N ALA F 5 -23.93 7.88 -16.23
CA ALA F 5 -24.88 7.83 -17.34
C ALA F 5 -24.22 7.13 -18.53
N ARG F 6 -24.65 5.91 -18.81
CA ARG F 6 -24.13 5.12 -19.91
C ARG F 6 -25.28 4.72 -20.81
N ILE F 7 -25.19 5.09 -22.09
CA ILE F 7 -26.21 4.70 -23.05
C ILE F 7 -26.23 3.18 -23.16
N GLY F 8 -27.43 2.62 -23.29
CA GLY F 8 -27.61 1.19 -23.36
C GLY F 8 -27.63 0.48 -22.03
N LYS F 9 -27.39 1.19 -20.93
CA LYS F 9 -27.40 0.63 -19.59
C LYS F 9 -28.50 1.30 -18.77
N PRO F 10 -28.93 0.67 -17.68
CA PRO F 10 -29.93 1.31 -16.82
C PRO F 10 -29.51 2.70 -16.40
N ALA F 11 -30.38 3.67 -16.66
CA ALA F 11 -30.09 5.05 -16.29
C ALA F 11 -29.82 5.14 -14.79
N PRO F 12 -28.95 6.05 -14.37
CA PRO F 12 -28.70 6.21 -12.93
C PRO F 12 -29.99 6.48 -12.18
N ASP F 13 -30.19 5.73 -11.10
CA ASP F 13 -31.38 5.93 -10.28
C ASP F 13 -31.37 7.33 -9.68
N PHE F 14 -32.57 7.87 -9.47
CA PHE F 14 -32.69 9.18 -8.83
C PHE F 14 -33.97 9.25 -8.02
N LYS F 15 -33.89 9.97 -6.90
CA LYS F 15 -35.03 10.31 -6.08
C LYS F 15 -34.84 11.73 -5.57
N ALA F 16 -35.92 12.50 -5.50
CA ALA F 16 -35.80 13.87 -5.05
C ALA F 16 -37.19 14.45 -4.79
N THR F 17 -37.26 15.35 -3.82
CA THR F 17 -38.47 16.12 -3.62
C THR F 17 -38.73 17.00 -4.83
N ALA F 18 -39.98 17.05 -5.26
CA ALA F 18 -40.36 17.81 -6.45
C ALA F 18 -41.61 18.64 -6.15
N VAL F 19 -41.82 19.67 -6.96
CA VAL F 19 -43.06 20.42 -6.95
C VAL F 19 -43.96 19.82 -8.03
N VAL F 20 -45.13 19.34 -7.62
CA VAL F 20 -46.08 18.70 -8.51
C VAL F 20 -47.45 19.33 -8.27
N ASP F 21 -47.99 19.99 -9.28
CA ASP F 21 -49.29 20.66 -9.18
C ASP F 21 -49.34 21.55 -7.94
N GLY F 22 -48.25 22.30 -7.72
CA GLY F 22 -48.20 23.28 -6.65
C GLY F 22 -47.93 22.73 -5.27
N ALA F 23 -47.67 21.43 -5.14
CA ALA F 23 -47.39 20.81 -3.85
C ALA F 23 -46.11 20.00 -3.93
N PHE F 24 -45.58 19.65 -2.75
CA PHE F 24 -44.33 18.92 -2.65
C PHE F 24 -44.60 17.42 -2.61
N LYS F 25 -43.85 16.67 -3.40
CA LYS F 25 -44.03 15.23 -3.53
C LYS F 25 -42.70 14.59 -3.91
N GLU F 26 -42.47 13.39 -3.38
CA GLU F 26 -41.29 12.63 -3.77
C GLU F 26 -41.47 12.05 -5.17
N VAL F 27 -40.42 12.17 -5.98
CA VAL F 27 -40.41 11.64 -7.33
C VAL F 27 -39.14 10.82 -7.51
N LYS F 28 -39.30 9.56 -7.92
CA LYS F 28 -38.17 8.67 -8.14
C LYS F 28 -38.32 7.97 -9.49
N LEU F 29 -37.17 7.56 -10.04
CA LEU F 29 -37.16 6.93 -11.37
C LEU F 29 -38.08 5.72 -11.43
N SER F 30 -38.11 4.92 -10.36
CA SER F 30 -38.94 3.72 -10.37
C SER F 30 -40.41 4.03 -10.55
N ASP F 31 -40.84 5.27 -10.31
CA ASP F 31 -42.22 5.65 -10.56
C ASP F 31 -42.59 5.55 -12.02
N TYR F 32 -41.61 5.56 -12.93
CA TYR F 32 -41.87 5.67 -14.35
C TYR F 32 -41.52 4.40 -15.12
N LYS F 33 -41.28 3.29 -14.43
CA LYS F 33 -41.06 2.02 -15.11
CA LYS F 33 -41.07 2.01 -15.10
C LYS F 33 -42.24 1.73 -16.03
N GLY F 34 -41.92 1.29 -17.25
CA GLY F 34 -42.94 1.06 -18.27
C GLY F 34 -43.31 2.29 -19.07
N LYS F 35 -42.75 3.45 -18.73
CA LYS F 35 -42.97 4.69 -19.47
C LYS F 35 -41.64 5.30 -19.85
N TYR F 36 -41.62 6.01 -20.97
CA TYR F 36 -40.44 6.77 -21.33
C TYR F 36 -40.31 8.00 -20.42
N VAL F 37 -39.09 8.49 -20.31
CA VAL F 37 -38.78 9.62 -19.43
C VAL F 37 -37.80 10.54 -20.12
N VAL F 38 -38.12 11.83 -20.15
CA VAL F 38 -37.20 12.88 -20.59
C VAL F 38 -36.83 13.69 -19.35
N LEU F 39 -35.60 13.49 -18.88
CA LEU F 39 -35.07 14.17 -17.70
C LEU F 39 -34.10 15.24 -18.18
N PHE F 40 -34.46 16.51 -17.99
CA PHE F 40 -33.63 17.62 -18.42
C PHE F 40 -33.20 18.44 -17.21
N PHE F 41 -31.88 18.62 -17.08
CA PHE F 41 -31.31 19.48 -16.07
C PHE F 41 -31.20 20.91 -16.58
N TYR F 42 -31.29 21.86 -15.67
CA TYR F 42 -30.98 23.25 -15.95
C TYR F 42 -30.24 23.85 -14.76
N PRO F 43 -29.42 24.88 -15.00
CA PRO F 43 -28.52 25.35 -13.93
C PRO F 43 -29.21 26.00 -12.73
N LEU F 44 -30.00 27.05 -12.95
CA LEU F 44 -30.43 27.91 -11.85
C LEU F 44 -31.84 28.43 -12.06
N ASP F 45 -32.64 28.37 -10.99
CA ASP F 45 -33.92 29.05 -10.98
C ASP F 45 -33.72 30.56 -11.01
N PHE F 46 -34.74 31.27 -11.52
CA PHE F 46 -34.72 32.72 -11.60
C PHE F 46 -33.60 33.22 -12.51
N THR F 47 -33.26 32.45 -13.54
CA THR F 47 -32.33 32.92 -14.56
C THR F 47 -33.06 33.09 -15.88
N PHE F 48 -32.41 32.81 -17.01
CA PHE F 48 -32.82 33.39 -18.28
C PHE F 48 -33.18 32.34 -19.34
N VAL F 49 -32.26 31.46 -19.73
CA VAL F 49 -32.62 30.40 -20.66
C VAL F 49 -33.52 29.38 -19.98
N CYS F 50 -33.23 29.07 -18.73
CA CYS F 50 -33.95 28.01 -18.00
C CYS F 50 -35.46 28.19 -18.03
N PRO F 51 -36.03 29.36 -17.70
CA PRO F 51 -37.50 29.47 -17.75
C PRO F 51 -38.08 29.13 -19.11
N THR F 52 -37.44 29.57 -20.19
CA THR F 52 -37.98 29.31 -21.52
C THR F 52 -37.98 27.82 -21.83
N GLU F 53 -36.95 27.10 -21.38
CA GLU F 53 -36.92 25.65 -21.57
C GLU F 53 -37.99 24.97 -20.74
N ILE F 54 -38.08 25.33 -19.45
CA ILE F 54 -39.09 24.74 -18.58
C ILE F 54 -40.48 25.01 -19.13
N ILE F 55 -40.74 26.25 -19.52
CA ILE F 55 -42.05 26.62 -20.06
C ILE F 55 -42.32 25.87 -21.36
N ALA F 56 -41.29 25.73 -22.21
CA ALA F 56 -41.48 25.04 -23.48
C ALA F 56 -41.88 23.59 -23.26
N PHE F 57 -41.23 22.90 -22.32
CA PHE F 57 -41.59 21.51 -22.04
C PHE F 57 -42.94 21.42 -21.33
N SER F 58 -43.23 22.35 -20.43
CA SER F 58 -44.51 22.34 -19.75
C SER F 58 -45.67 22.43 -20.75
N ASN F 59 -45.56 23.34 -21.71
CA ASN F 59 -46.65 23.53 -22.67
C ASN F 59 -46.82 22.33 -23.57
N ARG F 60 -45.74 21.59 -23.84
CA ARG F 60 -45.79 20.40 -24.71
C ARG F 60 -45.89 19.11 -23.90
N ALA F 61 -46.14 19.19 -22.60
CA ALA F 61 -46.12 18.00 -21.76
C ALA F 61 -47.06 16.93 -22.30
N GLU F 62 -48.27 17.31 -22.67
CA GLU F 62 -49.24 16.32 -23.13
C GLU F 62 -48.82 15.70 -24.46
N ASP F 63 -48.06 16.43 -25.28
CA ASP F 63 -47.53 15.82 -26.50
C ASP F 63 -46.64 14.63 -26.18
N PHE F 64 -45.91 14.70 -25.07
CA PHE F 64 -45.10 13.57 -24.64
C PHE F 64 -45.95 12.52 -23.91
N ARG F 65 -46.91 12.97 -23.10
CA ARG F 65 -47.73 12.02 -22.36
C ARG F 65 -48.61 11.18 -23.28
N LYS F 66 -49.09 11.76 -24.39
CA LYS F 66 -49.81 10.96 -25.37
C LYS F 66 -48.95 9.84 -25.94
N LEU F 67 -47.63 9.97 -25.86
CA LEU F 67 -46.71 8.95 -26.33
C LEU F 67 -46.27 8.00 -25.21
N GLY F 68 -46.82 8.14 -24.01
CA GLY F 68 -46.36 7.34 -22.88
C GLY F 68 -45.03 7.79 -22.34
N CYS F 69 -44.72 9.09 -22.44
CA CYS F 69 -43.45 9.64 -22.01
C CYS F 69 -43.69 10.79 -21.04
N GLU F 70 -42.99 10.79 -19.92
CA GLU F 70 -43.12 11.81 -18.88
C GLU F 70 -41.88 12.70 -18.90
N VAL F 71 -42.09 13.99 -18.68
CA VAL F 71 -41.03 15.00 -18.71
C VAL F 71 -40.79 15.52 -17.31
N LEU F 72 -39.53 15.52 -16.88
CA LEU F 72 -39.14 16.00 -15.57
C LEU F 72 -38.02 17.03 -15.72
N GLY F 73 -38.16 18.16 -15.04
CA GLY F 73 -37.09 19.14 -14.92
C GLY F 73 -36.42 19.01 -13.57
N VAL F 74 -35.14 19.42 -13.50
CA VAL F 74 -34.40 19.32 -12.25
C VAL F 74 -33.31 20.39 -12.23
N SER F 75 -33.11 20.99 -11.06
CA SER F 75 -32.00 21.88 -10.82
C SER F 75 -31.56 21.70 -9.38
N VAL F 76 -30.42 22.30 -9.03
CA VAL F 76 -29.94 22.20 -7.67
C VAL F 76 -30.73 23.07 -6.69
N ASP F 77 -31.68 23.86 -7.18
CA ASP F 77 -32.51 24.70 -6.33
C ASP F 77 -33.47 23.86 -5.51
N SER F 78 -33.86 24.38 -4.35
CA SER F 78 -34.78 23.69 -3.48
C SER F 78 -36.20 23.77 -4.01
N GLN F 79 -37.07 22.94 -3.44
CA GLN F 79 -38.47 22.94 -3.88
C GLN F 79 -39.18 24.23 -3.48
N PHE F 80 -38.75 24.87 -2.39
CA PHE F 80 -39.34 26.14 -2.00
C PHE F 80 -39.03 27.21 -3.04
N THR F 81 -37.80 27.24 -3.54
CA THR F 81 -37.46 28.15 -4.64
C THR F 81 -38.21 27.79 -5.90
N HIS F 82 -38.34 26.50 -6.19
CA HIS F 82 -39.17 26.07 -7.32
C HIS F 82 -40.58 26.62 -7.19
N LEU F 83 -41.18 26.49 -6.01
CA LEU F 83 -42.54 26.97 -5.81
C LEU F 83 -42.62 28.47 -5.98
N ALA F 84 -41.71 29.21 -5.32
CA ALA F 84 -41.67 30.66 -5.48
C ALA F 84 -41.56 31.04 -6.95
N TRP F 85 -40.71 30.35 -7.70
CA TRP F 85 -40.57 30.65 -9.12
C TRP F 85 -41.85 30.33 -9.87
N ILE F 86 -42.51 29.22 -9.52
CA ILE F 86 -43.79 28.88 -10.14
C ILE F 86 -44.83 29.96 -9.84
N ASN F 87 -44.81 30.49 -8.63
CA ASN F 87 -45.75 31.54 -8.25
C ASN F 87 -45.36 32.92 -8.80
N THR F 88 -44.23 33.01 -9.51
CA THR F 88 -43.85 34.26 -10.18
C THR F 88 -44.45 34.29 -11.57
N PRO F 89 -45.11 35.37 -11.98
CA PRO F 89 -45.70 35.41 -13.33
C PRO F 89 -44.63 35.28 -14.40
N ARG F 90 -45.04 34.78 -15.57
CA ARG F 90 -44.11 34.59 -16.66
C ARG F 90 -43.61 35.92 -17.22
N LYS F 91 -44.47 36.93 -17.23
CA LYS F 91 -44.05 38.25 -17.72
C LYS F 91 -42.90 38.80 -16.90
N GLU F 92 -42.77 38.39 -15.64
CA GLU F 92 -41.68 38.81 -14.77
C GLU F 92 -40.53 37.81 -14.76
N GLY F 93 -40.48 36.91 -15.75
CA GLY F 93 -39.44 35.92 -15.78
C GLY F 93 -39.71 34.68 -14.94
N GLY F 94 -40.96 34.48 -14.54
CA GLY F 94 -41.33 33.31 -13.77
C GLY F 94 -41.81 32.17 -14.65
N LEU F 95 -42.21 31.09 -13.99
CA LEU F 95 -42.70 29.90 -14.68
C LEU F 95 -44.22 29.85 -14.76
N GLY F 96 -44.92 30.46 -13.82
CA GLY F 96 -46.36 30.35 -13.76
C GLY F 96 -46.77 28.91 -13.54
N PRO F 97 -48.07 28.62 -13.64
CA PRO F 97 -48.53 27.24 -13.49
C PRO F 97 -47.77 26.31 -14.43
N LEU F 98 -47.46 25.12 -13.92
CA LEU F 98 -46.57 24.18 -14.60
C LEU F 98 -47.24 22.82 -14.73
N ASN F 99 -47.08 22.19 -15.89
CA ASN F 99 -47.67 20.88 -16.15
CA ASN F 99 -47.67 20.89 -16.17
C ASN F 99 -46.64 19.76 -16.05
N ILE F 100 -45.46 20.04 -15.51
CA ILE F 100 -44.42 19.02 -15.35
C ILE F 100 -43.83 19.12 -13.95
N PRO F 101 -43.35 18.03 -13.36
CA PRO F 101 -42.66 18.14 -12.07
C PRO F 101 -41.36 18.92 -12.20
N LEU F 102 -40.94 19.50 -11.07
CA LEU F 102 -39.69 20.26 -11.00
C LEU F 102 -38.91 19.74 -9.80
N LEU F 103 -37.91 18.90 -10.06
CA LEU F 103 -37.18 18.22 -9.00
C LEU F 103 -36.12 19.14 -8.39
N ALA F 104 -35.80 18.87 -7.12
CA ALA F 104 -34.86 19.67 -6.35
C ALA F 104 -33.64 18.81 -6.03
N ASP F 105 -32.52 19.09 -6.69
CA ASP F 105 -31.29 18.33 -6.49
C ASP F 105 -30.35 19.10 -5.54
N VAL F 106 -30.85 19.32 -4.32
CA VAL F 106 -30.13 20.15 -3.37
C VAL F 106 -28.82 19.49 -2.94
N THR F 107 -28.79 18.16 -2.89
CA THR F 107 -27.56 17.44 -2.56
C THR F 107 -26.63 17.31 -3.76
N ARG F 108 -27.03 17.77 -4.93
N ARG F 108 -27.02 17.78 -4.94
CA ARG F 108 -26.27 17.65 -6.18
CA ARG F 108 -26.26 17.65 -6.18
C ARG F 108 -26.05 16.20 -6.58
C ARG F 108 -26.09 16.20 -6.62
N ARG F 109 -26.73 15.26 -5.94
CA ARG F 109 -26.51 13.84 -6.27
C ARG F 109 -26.99 13.52 -7.68
N LEU F 110 -28.14 14.07 -8.09
CA LEU F 110 -28.63 13.79 -9.43
C LEU F 110 -27.70 14.40 -10.49
N SER F 111 -27.24 15.62 -10.27
CA SER F 111 -26.34 16.24 -11.24
C SER F 111 -25.01 15.50 -11.32
N GLU F 112 -24.50 15.03 -10.18
CA GLU F 112 -23.26 14.27 -10.19
C GLU F 112 -23.43 12.91 -10.85
N ASP F 113 -24.52 12.22 -10.53
CA ASP F 113 -24.73 10.87 -11.08
C ASP F 113 -24.93 10.92 -12.59
N TYR F 114 -25.55 11.99 -13.10
CA TYR F 114 -25.73 12.16 -14.54
C TYR F 114 -24.61 12.96 -15.19
N GLY F 115 -23.54 13.25 -14.45
CA GLY F 115 -22.35 13.86 -15.02
C GLY F 115 -22.59 15.19 -15.70
N VAL F 116 -23.42 16.05 -15.12
CA VAL F 116 -23.71 17.36 -15.69
C VAL F 116 -23.41 18.49 -14.71
N LEU F 117 -22.75 18.19 -13.59
CA LEU F 117 -22.47 19.21 -12.58
C LEU F 117 -21.29 20.06 -13.04
N LYS F 118 -21.55 21.33 -13.34
CA LYS F 118 -20.50 22.31 -13.58
C LYS F 118 -19.86 22.62 -12.23
N THR F 119 -18.75 21.94 -11.93
CA THR F 119 -18.27 21.89 -10.55
C THR F 119 -17.82 23.26 -10.05
N ASP F 120 -17.16 24.04 -10.90
CA ASP F 120 -16.63 25.32 -10.44
C ASP F 120 -17.73 26.27 -10.00
N GLU F 121 -18.98 26.04 -10.44
CA GLU F 121 -20.11 26.87 -10.02
C GLU F 121 -21.12 26.12 -9.18
N GLY F 122 -21.12 24.78 -9.20
CA GLY F 122 -22.07 24.01 -8.44
C GLY F 122 -23.44 23.89 -9.07
N ILE F 123 -23.54 24.09 -10.37
CA ILE F 123 -24.82 24.05 -11.08
C ILE F 123 -24.72 23.02 -12.20
N ALA F 124 -25.89 22.61 -12.68
CA ALA F 124 -25.97 21.60 -13.72
C ALA F 124 -25.96 22.24 -15.10
N TYR F 125 -25.18 21.65 -16.02
CA TYR F 125 -25.29 22.03 -17.41
C TYR F 125 -26.67 21.64 -17.94
N ARG F 126 -26.94 22.06 -19.17
CA ARG F 126 -28.23 21.78 -19.81
C ARG F 126 -28.21 20.37 -20.38
N GLY F 127 -28.22 19.39 -19.47
CA GLY F 127 -28.18 17.99 -19.84
C GLY F 127 -29.58 17.41 -19.92
N LEU F 128 -29.89 16.79 -21.04
CA LEU F 128 -31.17 16.14 -21.28
C LEU F 128 -30.92 14.65 -21.51
N PHE F 129 -31.77 13.82 -20.93
CA PHE F 129 -31.61 12.37 -20.99
C PHE F 129 -32.96 11.73 -21.29
N ILE F 130 -32.97 10.79 -22.24
CA ILE F 130 -34.17 10.05 -22.62
C ILE F 130 -34.01 8.62 -22.13
N ILE F 131 -34.98 8.18 -21.32
CA ILE F 131 -34.96 6.86 -20.70
C ILE F 131 -36.21 6.11 -21.12
N ASP F 132 -36.05 4.85 -21.49
CA ASP F 132 -37.17 4.05 -21.99
C ASP F 132 -37.90 3.37 -20.82
N GLY F 133 -39.01 2.70 -21.14
CA GLY F 133 -39.82 2.07 -20.12
C GLY F 133 -39.12 0.95 -19.37
N LYS F 134 -38.00 0.46 -19.90
CA LYS F 134 -37.19 -0.54 -19.20
C LYS F 134 -36.17 0.07 -18.26
N GLY F 135 -36.15 1.40 -18.12
CA GLY F 135 -35.16 2.06 -17.31
C GLY F 135 -33.81 2.19 -17.96
N VAL F 136 -33.72 2.04 -19.28
CA VAL F 136 -32.46 2.07 -20.01
C VAL F 136 -32.29 3.44 -20.65
N LEU F 137 -31.10 4.01 -20.48
CA LEU F 137 -30.78 5.30 -21.09
C LEU F 137 -30.59 5.14 -22.59
N ARG F 138 -31.30 5.98 -23.37
CA ARG F 138 -31.26 5.88 -24.82
C ARG F 138 -30.63 7.07 -25.51
N GLN F 139 -30.53 8.23 -24.85
CA GLN F 139 -30.09 9.44 -25.52
C GLN F 139 -29.49 10.39 -24.49
N ILE F 140 -28.44 11.11 -24.89
CA ILE F 140 -27.80 12.12 -24.06
C ILE F 140 -27.64 13.38 -24.89
N THR F 141 -28.00 14.52 -24.30
CA THR F 141 -27.84 15.83 -24.91
C THR F 141 -27.41 16.81 -23.83
N VAL F 142 -26.29 17.49 -24.04
CA VAL F 142 -25.78 18.46 -23.08
C VAL F 142 -25.34 19.70 -23.83
N ASN F 143 -26.01 20.82 -23.58
CA ASN F 143 -25.63 22.11 -24.14
C ASN F 143 -24.85 22.92 -23.11
N ASP F 144 -23.91 23.71 -23.60
CA ASP F 144 -23.31 24.72 -22.75
C ASP F 144 -24.39 25.70 -22.30
N LEU F 145 -24.10 26.45 -21.23
CA LEU F 145 -25.13 27.25 -20.59
C LEU F 145 -25.79 28.29 -21.50
N PRO F 146 -25.11 28.92 -22.46
CA PRO F 146 -25.75 30.02 -23.19
C PRO F 146 -26.83 29.58 -24.17
N VAL F 147 -26.85 28.33 -24.63
CA VAL F 147 -27.71 27.91 -25.72
C VAL F 147 -28.76 26.94 -25.20
N GLY F 148 -30.03 27.25 -25.45
CA GLY F 148 -31.12 26.40 -25.00
C GLY F 148 -31.36 25.22 -25.94
N ARG F 149 -32.11 24.26 -25.43
CA ARG F 149 -32.40 23.02 -26.14
C ARG F 149 -33.66 23.17 -27.00
N SER F 150 -33.91 22.15 -27.81
CA SER F 150 -35.06 22.12 -28.72
C SER F 150 -36.06 21.07 -28.21
N VAL F 151 -37.24 21.52 -27.81
CA VAL F 151 -38.28 20.58 -27.43
C VAL F 151 -38.73 19.77 -28.64
N ASP F 152 -38.68 20.36 -29.83
CA ASP F 152 -39.08 19.63 -31.03
C ASP F 152 -38.17 18.43 -31.27
N GLU F 153 -36.85 18.63 -31.15
CA GLU F 153 -35.92 17.52 -31.35
C GLU F 153 -36.11 16.45 -30.28
N ALA F 154 -36.38 16.86 -29.04
CA ALA F 154 -36.61 15.89 -27.98
C ALA F 154 -37.82 15.01 -28.28
N LEU F 155 -38.90 15.63 -28.75
CA LEU F 155 -40.07 14.84 -29.12
C LEU F 155 -39.77 13.91 -30.29
N ARG F 156 -39.08 14.42 -31.31
CA ARG F 156 -38.70 13.58 -32.45
C ARG F 156 -37.89 12.37 -31.98
N LEU F 157 -36.96 12.58 -31.05
CA LEU F 157 -36.13 11.48 -30.57
C LEU F 157 -36.98 10.45 -29.83
N VAL F 158 -37.85 10.91 -28.94
CA VAL F 158 -38.75 9.99 -28.23
C VAL F 158 -39.57 9.19 -29.23
N GLN F 159 -40.14 9.88 -30.22
CA GLN F 159 -40.92 9.19 -31.25
C GLN F 159 -40.07 8.16 -31.99
N ALA F 160 -38.81 8.49 -32.25
CA ALA F 160 -37.96 7.59 -33.01
C ALA F 160 -37.61 6.35 -32.21
N PHE F 161 -37.29 6.52 -30.92
CA PHE F 161 -36.92 5.39 -30.09
C PHE F 161 -38.12 4.46 -29.85
N GLN F 162 -39.30 5.04 -29.62
CA GLN F 162 -40.49 4.22 -29.44
C GLN F 162 -40.83 3.47 -30.72
N TYR F 163 -40.63 4.11 -31.88
CA TYR F 163 -40.93 3.45 -33.15
C TYR F 163 -39.96 2.30 -33.42
N THR F 164 -38.66 2.60 -33.37
CA THR F 164 -37.67 1.54 -33.56
C THR F 164 -37.80 0.46 -32.50
N ASP F 165 -38.26 0.83 -31.30
CA ASP F 165 -38.51 -0.17 -30.26
C ASP F 165 -39.53 -1.21 -30.72
N GLU F 166 -40.65 -0.75 -31.29
CA GLU F 166 -41.76 -1.64 -31.58
C GLU F 166 -41.56 -2.43 -32.86
N HIS F 167 -40.87 -1.87 -33.85
CA HIS F 167 -40.80 -2.45 -35.19
C HIS F 167 -39.46 -3.09 -35.50
N GLY F 168 -38.47 -3.00 -34.62
CA GLY F 168 -37.19 -3.66 -34.84
C GLY F 168 -36.43 -3.11 -36.03
N GLU F 169 -36.84 -1.94 -36.53
CA GLU F 169 -36.12 -1.25 -37.58
C GLU F 169 -35.35 -0.08 -36.97
N VAL F 170 -34.56 0.59 -37.81
CA VAL F 170 -33.72 1.72 -37.39
C VAL F 170 -34.12 2.95 -38.20
N SER F 171 -34.06 4.12 -37.55
CA SER F 171 -34.53 5.36 -38.16
C SER F 171 -33.36 6.13 -38.76
N PRO F 172 -33.42 6.55 -40.03
CA PRO F 172 -32.30 7.28 -40.62
C PRO F 172 -32.19 8.71 -40.13
N ALA F 173 -31.19 9.43 -40.64
CA ALA F 173 -30.97 10.81 -40.22
C ALA F 173 -32.19 11.67 -40.50
N GLY F 174 -32.63 12.42 -39.50
CA GLY F 174 -33.75 13.32 -39.66
C GLY F 174 -35.11 12.66 -39.70
N TRP F 175 -35.21 11.41 -39.27
CA TRP F 175 -36.49 10.70 -39.33
C TRP F 175 -37.53 11.42 -38.50
N LYS F 176 -38.76 11.45 -39.01
CA LYS F 176 -39.92 11.94 -38.30
C LYS F 176 -41.09 11.02 -38.62
N PRO F 177 -42.14 11.03 -37.80
CA PRO F 177 -43.29 10.18 -38.08
C PRO F 177 -43.76 10.31 -39.53
N GLY F 178 -43.85 9.18 -40.22
CA GLY F 178 -44.21 9.11 -41.62
C GLY F 178 -43.05 8.73 -42.52
N SER F 179 -41.84 9.17 -42.18
CA SER F 179 -40.67 8.83 -42.98
C SER F 179 -40.39 7.33 -42.89
N ASP F 180 -39.57 6.85 -43.82
CA ASP F 180 -39.22 5.44 -43.87
C ASP F 180 -38.12 5.11 -42.88
N THR F 181 -38.17 3.89 -42.35
CA THR F 181 -37.09 3.31 -41.56
C THR F 181 -36.39 2.24 -42.39
N ILE F 182 -35.31 1.71 -41.83
CA ILE F 182 -34.46 0.74 -42.53
C ILE F 182 -34.50 -0.58 -41.77
N LYS F 183 -34.71 -1.66 -42.50
CA LYS F 183 -34.59 -3.00 -41.94
C LYS F 183 -33.11 -3.31 -41.75
N PRO F 184 -32.62 -3.47 -40.51
CA PRO F 184 -31.16 -3.50 -40.28
C PRO F 184 -30.52 -4.86 -40.57
N ASN F 185 -30.66 -5.32 -41.80
CA ASN F 185 -29.84 -6.41 -42.30
C ASN F 185 -29.42 -6.07 -43.72
N VAL F 186 -28.35 -6.75 -44.18
CA VAL F 186 -27.74 -6.39 -45.46
CA VAL F 186 -27.74 -6.39 -45.46
C VAL F 186 -28.75 -6.47 -46.59
N ASP F 187 -29.52 -7.56 -46.64
CA ASP F 187 -30.42 -7.78 -47.76
C ASP F 187 -31.61 -6.83 -47.72
N ASP F 188 -32.33 -6.80 -46.59
CA ASP F 188 -33.57 -6.03 -46.53
C ASP F 188 -33.32 -4.53 -46.59
N SER F 189 -32.13 -4.08 -46.16
CA SER F 189 -31.82 -2.65 -46.22
C SER F 189 -31.73 -2.14 -47.66
N LYS F 190 -31.59 -3.04 -48.63
CA LYS F 190 -31.49 -2.61 -50.02
C LYS F 190 -32.76 -1.92 -50.48
N GLU F 191 -33.92 -2.37 -49.98
CA GLU F 191 -35.18 -1.72 -50.31
C GLU F 191 -35.09 -0.21 -50.09
N TYR F 192 -34.61 0.19 -48.91
CA TYR F 192 -34.52 1.62 -48.58
C TYR F 192 -33.51 2.32 -49.48
N PHE F 193 -32.29 1.81 -49.55
CA PHE F 193 -31.23 2.52 -50.26
C PHE F 193 -31.56 2.70 -51.73
N SER F 194 -32.27 1.75 -52.34
CA SER F 194 -32.65 1.89 -53.74
C SER F 194 -33.78 2.90 -53.90
N LYS F 195 -34.76 2.87 -52.99
CA LYS F 195 -35.89 3.78 -53.09
C LYS F 195 -35.47 5.23 -52.88
N HIS F 196 -34.39 5.46 -52.14
CA HIS F 196 -34.02 6.81 -51.70
C HIS F 196 -32.77 7.34 -52.39
N ASN F 197 -32.28 6.67 -53.43
CA ASN F 197 -31.11 7.14 -54.17
C ASN F 197 -31.23 6.83 -55.64
N ALA G 1 8.24 0.52 27.51
N ALA G 1 13.43 1.69 30.02
CA ALA G 1 7.15 -0.09 26.75
CA ALA G 1 12.56 1.98 28.89
C ALA G 1 6.37 0.98 25.99
C ALA G 1 11.22 2.54 29.36
N SER G 2 6.51 2.22 26.44
N SER G 2 10.83 3.68 28.79
CA SER G 2 5.91 3.36 25.76
CA SER G 2 9.53 4.29 29.11
C SER G 2 6.72 4.60 26.09
C SER G 2 9.21 5.29 28.01
N GLY G 3 6.64 5.59 25.20
N GLY G 3 8.25 4.93 27.15
CA GLY G 3 7.39 6.82 25.38
CA GLY G 3 7.88 5.79 26.05
C GLY G 3 8.78 6.72 24.79
C GLY G 3 9.06 6.17 25.17
N ASN G 4 9.65 7.63 25.26
N ASN G 4 9.62 7.35 25.41
CA ASN G 4 10.99 7.76 24.71
CA ASN G 4 10.86 7.78 24.78
C ASN G 4 12.09 7.74 25.76
C ASN G 4 12.02 7.79 25.76
N ALA G 5 11.78 7.49 27.03
CA ALA G 5 12.82 7.47 28.05
C ALA G 5 13.66 6.21 27.88
N ARG G 6 14.94 6.40 27.59
CA ARG G 6 15.86 5.29 27.35
C ARG G 6 17.15 5.53 28.12
N ILE G 7 17.56 4.55 28.92
N ILE G 7 17.57 4.54 28.91
CA ILE G 7 18.79 4.71 29.69
CA ILE G 7 18.81 4.63 29.64
C ILE G 7 19.99 4.77 28.75
C ILE G 7 19.96 4.84 28.67
N GLY G 8 20.93 5.65 29.07
CA GLY G 8 22.11 5.87 28.26
C GLY G 8 21.91 6.77 27.07
N LYS G 9 20.69 7.23 26.81
CA LYS G 9 20.39 8.14 25.71
C LYS G 9 19.83 9.44 26.26
N PRO G 10 19.87 10.52 25.47
CA PRO G 10 19.39 11.81 25.97
C PRO G 10 17.97 11.72 26.51
N ALA G 11 17.77 12.22 27.73
CA ALA G 11 16.46 12.19 28.33
C ALA G 11 15.47 13.00 27.49
N PRO G 12 14.21 12.58 27.39
CA PRO G 12 13.25 13.35 26.59
C PRO G 12 13.15 14.78 27.11
N ASP G 13 13.31 15.74 26.19
CA ASP G 13 13.21 17.15 26.55
C ASP G 13 11.81 17.45 27.05
N PHE G 14 11.71 18.48 27.90
CA PHE G 14 10.42 18.90 28.42
C PHE G 14 10.44 20.40 28.70
N LYS G 15 9.30 21.05 28.44
CA LYS G 15 9.05 22.42 28.84
C LYS G 15 7.67 22.48 29.47
N ALA G 16 7.55 23.16 30.60
CA ALA G 16 6.26 23.21 31.30
C ALA G 16 6.22 24.41 32.21
N THR G 17 5.00 24.88 32.48
CA THR G 17 4.78 25.93 33.47
C THR G 17 4.81 25.31 34.86
N ALA G 18 5.56 25.93 35.77
CA ALA G 18 5.75 25.40 37.11
C ALA G 18 5.43 26.47 38.14
N VAL G 19 5.21 26.01 39.37
CA VAL G 19 5.04 26.87 40.53
C VAL G 19 6.38 26.88 41.27
N VAL G 20 7.05 28.03 41.25
CA VAL G 20 8.33 28.20 41.93
C VAL G 20 8.17 29.34 42.93
N ASP G 21 8.37 29.04 44.21
CA ASP G 21 8.24 30.02 45.28
C ASP G 21 6.92 30.79 45.15
N GLY G 22 5.83 30.03 45.06
CA GLY G 22 4.50 30.61 44.99
C GLY G 22 4.22 31.40 43.73
N ALA G 23 5.11 31.36 42.74
CA ALA G 23 4.93 32.11 41.50
C ALA G 23 5.02 31.16 40.31
N PHE G 24 4.42 31.58 39.20
CA PHE G 24 4.45 30.81 37.97
C PHE G 24 5.71 31.13 37.19
N LYS G 25 6.36 30.09 36.67
CA LYS G 25 7.64 30.22 35.99
C LYS G 25 7.79 29.06 35.02
N GLU G 26 8.26 29.36 33.82
CA GLU G 26 8.51 28.32 32.83
C GLU G 26 9.80 27.57 33.18
N VAL G 27 9.74 26.25 33.08
CA VAL G 27 10.89 25.40 33.36
C VAL G 27 11.10 24.47 32.17
N LYS G 28 12.37 24.28 31.80
CA LYS G 28 12.72 23.41 30.69
C LYS G 28 14.01 22.67 31.02
N LEU G 29 14.16 21.49 30.41
CA LEU G 29 15.31 20.65 30.73
C LEU G 29 16.63 21.34 30.42
N SER G 30 16.64 22.22 29.43
CA SER G 30 17.89 22.91 29.07
C SER G 30 18.40 23.80 30.20
N ASP G 31 17.54 24.21 31.13
CA ASP G 31 17.96 25.06 32.23
C ASP G 31 18.88 24.36 33.20
N TYR G 32 19.07 23.05 33.08
CA TYR G 32 19.82 22.26 34.06
C TYR G 32 21.05 21.61 33.45
N LYS G 33 21.51 22.08 32.30
CA LYS G 33 22.76 21.60 31.74
C LYS G 33 23.88 21.77 32.76
N GLY G 34 24.61 20.68 33.01
CA GLY G 34 25.67 20.67 34.00
C GLY G 34 25.24 20.25 35.39
N LYS G 35 23.93 20.15 35.65
CA LYS G 35 23.41 19.73 36.93
C LYS G 35 22.59 18.46 36.75
N TYR G 36 22.62 17.59 37.76
CA TYR G 36 21.76 16.42 37.77
C TYR G 36 20.31 16.85 38.05
N VAL G 37 19.38 16.08 37.50
CA VAL G 37 17.95 16.35 37.65
C VAL G 37 17.26 15.07 38.11
N VAL G 38 16.51 15.16 39.21
CA VAL G 38 15.63 14.09 39.66
C VAL G 38 14.22 14.52 39.31
N LEU G 39 13.72 14.04 38.17
CA LEU G 39 12.35 14.31 37.74
C LEU G 39 11.46 13.17 38.22
N PHE G 40 10.45 13.50 39.03
CA PHE G 40 9.53 12.50 39.57
C PHE G 40 8.10 12.93 39.28
N PHE G 41 7.31 11.99 38.78
CA PHE G 41 5.90 12.20 38.49
C PHE G 41 5.04 11.71 39.66
N TYR G 42 3.84 12.26 39.74
CA TYR G 42 2.84 11.76 40.67
C TYR G 42 1.46 11.93 40.03
N PRO G 43 0.50 11.08 40.39
CA PRO G 43 -0.78 11.08 39.66
C PRO G 43 -1.61 12.34 39.79
N LEU G 44 -1.96 12.74 41.02
CA LEU G 44 -2.97 13.78 41.19
C LEU G 44 -2.67 14.64 42.41
N ASP G 45 -2.94 15.94 42.28
CA ASP G 45 -2.95 16.83 43.42
C ASP G 45 -4.15 16.53 44.32
N PHE G 46 -4.02 16.92 45.58
CA PHE G 46 -5.08 16.73 46.57
C PHE G 46 -5.42 15.25 46.74
N THR G 47 -4.39 14.41 46.73
CA THR G 47 -4.57 12.99 47.04
C THR G 47 -3.75 12.64 48.27
N PHE G 48 -3.16 11.45 48.33
CA PHE G 48 -2.76 10.86 49.60
C PHE G 48 -1.28 10.49 49.64
N VAL G 49 -0.80 9.58 48.79
CA VAL G 49 0.63 9.29 48.77
C VAL G 49 1.40 10.46 48.18
N CYS G 50 0.83 11.12 47.18
CA CYS G 50 1.52 12.21 46.48
C CYS G 50 2.05 13.29 47.42
N PRO G 51 1.26 13.86 48.34
CA PRO G 51 1.82 14.90 49.22
C PRO G 51 3.02 14.44 50.02
N THR G 52 2.98 13.20 50.54
CA THR G 52 4.11 12.72 51.34
C THR G 52 5.38 12.62 50.52
N GLU G 53 5.25 12.34 49.22
CA GLU G 53 6.43 12.29 48.35
C GLU G 53 6.93 13.69 48.00
N ILE G 54 6.02 14.62 47.71
CA ILE G 54 6.43 15.98 47.41
C ILE G 54 7.04 16.62 48.64
N ILE G 55 6.41 16.46 49.79
CA ILE G 55 6.92 17.05 51.03
C ILE G 55 8.29 16.46 51.37
N ALA G 56 8.41 15.13 51.25
CA ALA G 56 9.68 14.49 51.61
C ALA G 56 10.81 14.97 50.71
N PHE G 57 10.53 15.21 49.42
CA PHE G 57 11.56 15.72 48.53
C PHE G 57 11.82 17.20 48.79
N SER G 58 10.77 17.97 49.07
CA SER G 58 10.96 19.39 49.35
C SER G 58 11.80 19.59 50.61
N ASN G 59 11.52 18.82 51.66
CA ASN G 59 12.28 18.96 52.90
C ASN G 59 13.76 18.68 52.69
N ARG G 60 14.10 17.77 51.78
CA ARG G 60 15.48 17.41 51.50
C ARG G 60 15.99 17.98 50.19
N ALA G 61 15.29 18.97 49.64
CA ALA G 61 15.71 19.58 48.37
C ALA G 61 17.16 20.04 48.43
N GLU G 62 17.59 20.56 49.60
CA GLU G 62 18.93 21.08 49.71
C GLU G 62 19.97 19.97 49.74
N ASP G 63 19.60 18.79 50.26
CA ASP G 63 20.52 17.66 50.22
C ASP G 63 20.91 17.32 48.79
N PHE G 64 20.01 17.52 47.83
CA PHE G 64 20.34 17.28 46.43
C PHE G 64 21.09 18.46 45.82
N ARG G 65 20.71 19.69 46.19
CA ARG G 65 21.36 20.86 45.63
C ARG G 65 22.81 20.97 46.09
N LYS G 66 23.09 20.58 47.34
CA LYS G 66 24.48 20.52 47.79
C LYS G 66 25.32 19.66 46.86
N LEU G 67 24.74 18.61 46.29
CA LEU G 67 25.42 17.74 45.36
C LEU G 67 25.38 18.25 43.92
N GLY G 68 24.69 19.36 43.67
CA GLY G 68 24.53 19.84 42.31
C GLY G 68 23.38 19.18 41.58
N CYS G 69 22.34 18.78 42.29
CA CYS G 69 21.19 18.08 41.71
C CYS G 69 19.92 18.83 42.06
N GLU G 70 19.11 19.13 41.05
CA GLU G 70 17.84 19.81 41.24
C GLU G 70 16.69 18.80 41.16
N VAL G 71 15.73 18.95 42.07
CA VAL G 71 14.58 18.05 42.14
C VAL G 71 13.38 18.74 41.53
N LEU G 72 12.62 18.00 40.71
CA LEU G 72 11.45 18.52 40.03
C LEU G 72 10.30 17.54 40.19
N GLY G 73 9.15 18.04 40.62
CA GLY G 73 7.92 17.27 40.67
C GLY G 73 7.01 17.68 39.52
N VAL G 74 6.18 16.75 39.07
CA VAL G 74 5.29 17.02 37.94
C VAL G 74 4.07 16.10 38.03
N SER G 75 2.90 16.68 37.77
CA SER G 75 1.68 15.93 37.56
C SER G 75 0.92 16.60 36.44
N VAL G 76 -0.19 15.97 36.03
CA VAL G 76 -1.02 16.53 34.96
C VAL G 76 -1.88 17.69 35.43
N ASP G 77 -1.78 18.07 36.71
CA ASP G 77 -2.58 19.18 37.23
C ASP G 77 -2.03 20.51 36.77
N SER G 78 -2.91 21.50 36.65
CA SER G 78 -2.51 22.82 36.22
C SER G 78 -1.72 23.53 37.32
N GLN G 79 -1.03 24.60 36.92
CA GLN G 79 -0.27 25.38 37.89
C GLN G 79 -1.18 26.09 38.89
N PHE G 80 -2.44 26.32 38.53
CA PHE G 80 -3.39 26.91 39.49
C PHE G 80 -3.75 25.91 40.57
N THR G 81 -3.91 24.63 40.20
CA THR G 81 -4.13 23.60 41.21
C THR G 81 -2.91 23.41 42.09
N HIS G 82 -1.72 23.39 41.48
CA HIS G 82 -0.49 23.32 42.27
C HIS G 82 -0.43 24.45 43.29
N LEU G 83 -0.70 25.68 42.85
CA LEU G 83 -0.66 26.82 43.75
C LEU G 83 -1.68 26.68 44.86
N ALA G 84 -2.91 26.32 44.52
CA ALA G 84 -3.93 26.10 45.54
C ALA G 84 -3.49 25.04 46.54
N TRP G 85 -2.97 23.92 46.04
CA TRP G 85 -2.51 22.86 46.93
C TRP G 85 -1.37 23.35 47.81
N ILE G 86 -0.50 24.20 47.26
CA ILE G 86 0.59 24.76 48.05
C ILE G 86 0.05 25.73 49.09
N ASN G 87 -1.02 26.45 48.79
CA ASN G 87 -1.66 27.35 49.73
C ASN G 87 -2.56 26.62 50.72
N THR G 88 -2.50 25.29 50.78
CA THR G 88 -3.29 24.50 51.71
C THR G 88 -2.39 23.96 52.81
N PRO G 89 -2.78 24.07 54.08
CA PRO G 89 -1.90 23.57 55.15
C PRO G 89 -1.65 22.08 55.03
N ARG G 90 -0.45 21.67 55.45
CA ARG G 90 -0.09 20.26 55.40
C ARG G 90 -0.98 19.41 56.30
N LYS G 91 -1.42 19.98 57.43
CA LYS G 91 -2.34 19.28 58.30
C LYS G 91 -3.65 18.94 57.60
N GLU G 92 -4.01 19.68 56.55
CA GLU G 92 -5.21 19.41 55.77
C GLU G 92 -4.92 18.57 54.53
N GLY G 93 -3.74 17.96 54.45
CA GLY G 93 -3.34 17.25 53.26
C GLY G 93 -2.72 18.12 52.19
N GLY G 94 -2.36 19.36 52.52
CA GLY G 94 -1.74 20.25 51.57
C GLY G 94 -0.23 20.10 51.53
N LEU G 95 0.39 20.89 50.66
CA LEU G 95 1.84 20.88 50.51
C LEU G 95 2.54 21.92 51.36
N GLY G 96 1.85 23.00 51.73
CA GLY G 96 2.50 24.11 52.39
C GLY G 96 3.59 24.69 51.52
N PRO G 97 4.42 25.55 52.08
CA PRO G 97 5.52 26.13 51.30
C PRO G 97 6.45 25.05 50.78
N LEU G 98 6.83 25.18 49.52
CA LEU G 98 7.58 24.15 48.80
C LEU G 98 8.93 24.70 48.37
N ASN G 99 9.96 23.86 48.51
N ASN G 99 9.97 23.87 48.51
CA ASN G 99 11.33 24.21 48.14
CA ASN G 99 11.33 24.23 48.14
C ASN G 99 11.73 23.64 46.80
C ASN G 99 11.74 23.63 46.80
N ILE G 100 10.79 23.10 46.03
CA ILE G 100 11.08 22.55 44.70
C ILE G 100 10.01 22.99 43.72
N PRO G 101 10.37 23.09 42.45
CA PRO G 101 9.36 23.43 41.43
C PRO G 101 8.33 22.32 41.29
N LEU G 102 7.13 22.71 40.88
CA LEU G 102 6.01 21.79 40.68
C LEU G 102 5.42 22.07 39.31
N LEU G 103 5.71 21.18 38.36
CA LEU G 103 5.35 21.39 36.96
C LEU G 103 3.91 20.95 36.69
N ALA G 104 3.35 21.49 35.62
CA ALA G 104 1.97 21.22 35.21
C ALA G 104 1.98 20.57 33.84
N ASP G 105 1.69 19.29 33.79
CA ASP G 105 1.65 18.54 32.53
C ASP G 105 0.21 18.45 32.01
N VAL G 106 -0.38 19.62 31.79
CA VAL G 106 -1.78 19.68 31.36
C VAL G 106 -1.96 19.04 30.00
N THR G 107 -0.94 19.11 29.14
CA THR G 107 -1.00 18.46 27.84
C THR G 107 -0.66 16.98 27.90
N ARG G 108 -0.23 16.47 29.05
N ARG G 108 -0.24 16.47 29.06
CA ARG G 108 0.20 15.09 29.25
CA ARG G 108 0.18 15.09 29.24
C ARG G 108 1.42 14.73 28.42
C ARG G 108 1.38 14.72 28.37
N ARG G 109 2.02 15.70 27.72
CA ARG G 109 3.16 15.39 26.85
C ARG G 109 4.33 14.86 27.66
N LEU G 110 4.61 15.45 28.83
CA LEU G 110 5.70 14.96 29.65
C LEU G 110 5.46 13.52 30.09
N SER G 111 4.24 13.23 30.58
CA SER G 111 3.93 11.88 31.04
C SER G 111 4.02 10.89 29.89
N GLU G 112 3.58 11.28 28.70
CA GLU G 112 3.65 10.38 27.55
C GLU G 112 5.09 10.22 27.06
N ASP G 113 5.83 11.33 26.95
CA ASP G 113 7.21 11.24 26.52
C ASP G 113 8.04 10.36 27.44
N TYR G 114 7.72 10.37 28.74
CA TYR G 114 8.41 9.54 29.72
C TYR G 114 7.69 8.22 29.97
N GLY G 115 6.63 7.92 29.22
CA GLY G 115 5.97 6.63 29.30
C GLY G 115 5.47 6.27 30.68
N VAL G 116 4.87 7.22 31.40
CA VAL G 116 4.32 6.98 32.72
C VAL G 116 2.83 7.29 32.78
N LEU G 117 2.21 7.58 31.64
CA LEU G 117 0.80 7.95 31.61
C LEU G 117 -0.06 6.71 31.75
N LYS G 118 -0.75 6.58 32.88
CA LYS G 118 -1.76 5.55 33.08
C LYS G 118 -2.97 5.92 32.23
N THR G 119 -3.05 5.32 31.03
CA THR G 119 -3.94 5.84 29.99
C THR G 119 -5.40 5.77 30.41
N ASP G 120 -5.80 4.71 31.12
CA ASP G 120 -7.21 4.56 31.46
C ASP G 120 -7.69 5.63 32.44
N GLU G 121 -6.78 6.22 33.21
CA GLU G 121 -7.13 7.30 34.13
C GLU G 121 -6.53 8.64 33.74
N GLY G 122 -5.68 8.69 32.71
CA GLY G 122 -5.11 9.96 32.30
C GLY G 122 -4.22 10.61 33.33
N ILE G 123 -3.66 9.84 34.26
CA ILE G 123 -2.77 10.35 35.28
C ILE G 123 -1.43 9.62 35.16
N ALA G 124 -0.42 10.19 35.81
CA ALA G 124 0.93 9.66 35.73
C ALA G 124 1.21 8.69 36.87
N TYR G 125 1.87 7.58 36.53
CA TYR G 125 2.39 6.68 37.55
C TYR G 125 3.51 7.38 38.33
N ARG G 126 3.92 6.76 39.44
CA ARG G 126 4.97 7.30 40.29
C ARG G 126 6.34 7.00 39.66
N GLY G 127 6.56 7.63 38.51
CA GLY G 127 7.81 7.48 37.80
C GLY G 127 8.83 8.50 38.23
N LEU G 128 10.04 8.03 38.52
CA LEU G 128 11.16 8.88 38.89
C LEU G 128 12.29 8.65 37.91
N PHE G 129 12.91 9.74 37.45
CA PHE G 129 13.96 9.69 36.44
C PHE G 129 15.15 10.52 36.92
N ILE G 130 16.34 9.95 36.80
CA ILE G 130 17.58 10.62 37.17
C ILE G 130 18.33 10.96 35.89
N ILE G 131 18.61 12.25 35.70
CA ILE G 131 19.31 12.75 34.52
C ILE G 131 20.60 13.42 34.99
N ASP G 132 21.66 13.23 34.21
CA ASP G 132 22.97 13.78 34.57
C ASP G 132 23.14 15.16 33.95
N GLY G 133 24.29 15.78 34.23
CA GLY G 133 24.55 17.11 33.73
C GLY G 133 24.58 17.20 32.22
N LYS G 134 24.91 16.08 31.56
CA LYS G 134 24.95 16.02 30.11
C LYS G 134 23.61 15.68 29.49
N GLY G 135 22.54 15.69 30.29
CA GLY G 135 21.21 15.44 29.76
C GLY G 135 20.93 14.01 29.39
N VAL G 136 21.67 13.06 29.96
CA VAL G 136 21.52 11.64 29.64
C VAL G 136 20.78 10.96 30.78
N LEU G 137 19.75 10.19 30.43
CA LEU G 137 19.00 9.44 31.43
C LEU G 137 19.86 8.32 32.00
N ARG G 138 19.95 8.27 33.33
CA ARG G 138 20.76 7.27 34.00
C ARG G 138 19.95 6.23 34.77
N GLN G 139 18.71 6.52 35.12
CA GLN G 139 17.97 5.66 36.03
C GLN G 139 16.47 5.85 35.81
N ILE G 140 15.73 4.75 35.97
CA ILE G 140 14.27 4.76 35.87
C ILE G 140 13.69 4.04 37.07
N THR G 141 12.69 4.65 37.70
CA THR G 141 11.98 4.05 38.82
C THR G 141 10.51 4.40 38.67
N VAL G 142 9.66 3.39 38.51
CA VAL G 142 8.23 3.58 38.40
C VAL G 142 7.53 2.67 39.40
N ASN G 143 6.68 3.26 40.23
CA ASN G 143 5.90 2.54 41.22
C ASN G 143 4.43 2.53 40.85
N ASP G 144 3.75 1.46 41.22
CA ASP G 144 2.30 1.47 41.16
C ASP G 144 1.78 2.52 42.13
N LEU G 145 0.53 2.93 41.90
CA LEU G 145 -0.01 4.07 42.65
C LEU G 145 0.02 3.90 44.17
N PRO G 146 -0.36 2.75 44.74
CA PRO G 146 -0.55 2.69 46.20
C PRO G 146 0.74 2.66 47.01
N VAL G 147 1.92 2.75 46.40
CA VAL G 147 3.19 2.63 47.13
C VAL G 147 4.08 3.81 46.80
N GLY G 148 4.58 4.48 47.83
CA GLY G 148 5.41 5.65 47.66
C GLY G 148 6.88 5.32 47.51
N ARG G 149 7.60 6.24 46.87
CA ARG G 149 9.03 6.07 46.63
C ARG G 149 9.83 6.43 47.88
N SER G 150 11.14 6.26 47.79
CA SER G 150 12.06 6.52 48.89
C SER G 150 13.03 7.62 48.50
N VAL G 151 13.00 8.73 49.24
CA VAL G 151 13.95 9.82 48.97
C VAL G 151 15.37 9.38 49.31
N ASP G 152 15.54 8.53 50.32
CA ASP G 152 16.87 8.02 50.65
C ASP G 152 17.49 7.30 49.46
N GLU G 153 16.71 6.44 48.80
CA GLU G 153 17.25 5.68 47.67
C GLU G 153 17.53 6.58 46.49
N ALA G 154 16.63 7.52 46.19
CA ALA G 154 16.87 8.44 45.08
C ALA G 154 18.14 9.24 45.30
N LEU G 155 18.40 9.64 46.55
CA LEU G 155 19.64 10.36 46.85
C LEU G 155 20.85 9.44 46.71
N ARG G 156 20.75 8.20 47.19
CA ARG G 156 21.86 7.26 47.05
C ARG G 156 22.21 7.06 45.58
N LEU G 157 21.21 7.01 44.70
CA LEU G 157 21.48 6.80 43.29
C LEU G 157 22.17 8.02 42.67
N VAL G 158 21.70 9.23 43.00
CA VAL G 158 22.37 10.43 42.50
C VAL G 158 23.83 10.43 42.93
N GLN G 159 24.09 10.09 44.19
CA GLN G 159 25.47 10.04 44.68
C GLN G 159 26.28 9.02 43.90
N ALA G 160 25.75 7.81 43.74
CA ALA G 160 26.49 6.75 43.05
C ALA G 160 26.81 7.14 41.62
N PHE G 161 25.84 7.74 40.92
CA PHE G 161 26.08 8.11 39.53
C PHE G 161 27.10 9.24 39.42
N GLN G 162 27.15 10.14 40.40
CA GLN G 162 28.15 11.20 40.38
C GLN G 162 29.53 10.66 40.70
N TYR G 163 29.61 9.73 41.66
CA TYR G 163 30.92 9.21 42.07
C TYR G 163 31.52 8.32 40.99
N THR G 164 30.71 7.49 40.35
CA THR G 164 31.20 6.69 39.23
C THR G 164 31.45 7.57 38.01
N ASP G 165 30.77 8.70 37.89
CA ASP G 165 30.99 9.61 36.78
C ASP G 165 32.44 10.10 36.76
N GLU G 166 32.90 10.66 37.88
CA GLU G 166 34.18 11.36 37.89
C GLU G 166 35.37 10.43 38.12
N HIS G 167 35.19 9.35 38.85
CA HIS G 167 36.29 8.43 39.18
C HIS G 167 36.33 7.21 38.28
N GLY G 168 35.40 7.10 37.32
CA GLY G 168 35.47 6.02 36.35
C GLY G 168 35.46 4.62 36.95
N GLU G 169 34.84 4.45 38.11
CA GLU G 169 34.67 3.14 38.73
C GLU G 169 33.17 2.83 38.78
N VAL G 170 32.83 1.67 39.36
CA VAL G 170 31.46 1.20 39.44
C VAL G 170 31.14 0.85 40.88
N SER G 171 29.89 1.14 41.29
CA SER G 171 29.48 1.04 42.69
C SER G 171 28.78 -0.29 42.94
N PRO G 172 29.21 -1.09 43.93
CA PRO G 172 28.55 -2.38 44.17
C PRO G 172 27.11 -2.24 44.63
N ALA G 173 26.45 -3.38 44.86
CA ALA G 173 25.09 -3.36 45.39
C ALA G 173 25.07 -2.68 46.75
N GLY G 174 24.09 -1.79 46.95
CA GLY G 174 23.93 -1.11 48.21
C GLY G 174 24.97 -0.04 48.49
N TRP G 175 25.76 0.35 47.50
CA TRP G 175 26.81 1.33 47.74
C TRP G 175 26.25 2.62 48.30
N LYS G 176 26.91 3.14 49.32
CA LYS G 176 26.66 4.46 49.87
C LYS G 176 27.98 5.19 49.96
N PRO G 177 27.96 6.53 49.97
CA PRO G 177 29.22 7.27 50.09
C PRO G 177 30.07 6.75 51.23
N GLY G 178 31.37 6.60 50.98
CA GLY G 178 32.30 6.03 51.91
C GLY G 178 32.59 4.56 51.69
N SER G 179 31.75 3.86 50.94
CA SER G 179 31.95 2.46 50.64
C SER G 179 32.87 2.30 49.43
N ASP G 180 33.55 1.16 49.37
CA ASP G 180 34.45 0.89 48.26
C ASP G 180 33.70 0.78 46.94
N THR G 181 34.37 1.18 45.87
CA THR G 181 33.91 0.95 44.51
C THR G 181 34.81 -0.11 43.87
N ILE G 182 34.48 -0.47 42.64
CA ILE G 182 35.19 -1.51 41.90
C ILE G 182 35.81 -0.89 40.67
N LYS G 183 37.09 -1.17 40.44
CA LYS G 183 37.74 -0.79 39.20
C LYS G 183 37.29 -1.75 38.11
N PRO G 184 36.55 -1.29 37.09
CA PRO G 184 35.89 -2.23 36.16
C PRO G 184 36.84 -2.80 35.12
N ASN G 185 37.74 -3.66 35.57
CA ASN G 185 38.55 -4.47 34.67
C ASN G 185 39.01 -5.71 35.43
N VAL G 186 39.34 -6.75 34.67
CA VAL G 186 39.53 -8.08 35.27
C VAL G 186 40.59 -8.04 36.36
N ASP G 187 41.74 -7.43 36.06
CA ASP G 187 42.86 -7.49 37.00
C ASP G 187 42.63 -6.61 38.22
N ASP G 188 42.26 -5.35 38.01
CA ASP G 188 42.13 -4.42 39.12
C ASP G 188 40.91 -4.70 39.98
N SER G 189 39.93 -5.45 39.48
CA SER G 189 38.76 -5.77 40.28
C SER G 189 39.07 -6.80 41.37
N LYS G 190 40.17 -7.53 41.24
CA LYS G 190 40.53 -8.52 42.25
C LYS G 190 40.77 -7.86 43.61
N GLU G 191 41.21 -6.60 43.61
CA GLU G 191 41.39 -5.88 44.87
C GLU G 191 40.10 -5.89 45.69
N TYR G 192 38.99 -5.52 45.06
CA TYR G 192 37.71 -5.49 45.77
C TYR G 192 37.30 -6.91 46.19
N PHE G 193 37.33 -7.85 45.24
CA PHE G 193 36.81 -9.18 45.52
C PHE G 193 37.59 -9.88 46.63
N SER G 194 38.92 -9.69 46.65
N SER G 194 38.92 -9.72 46.64
CA SER G 194 39.72 -10.32 47.71
CA SER G 194 39.72 -10.31 47.70
C SER G 194 39.52 -9.64 49.05
C SER G 194 39.41 -9.65 49.05
N LYS G 195 39.21 -8.34 49.06
CA LYS G 195 39.02 -7.63 50.32
C LYS G 195 37.68 -7.97 50.96
N HIS G 196 36.61 -8.05 50.17
CA HIS G 196 35.27 -8.18 50.71
C HIS G 196 34.76 -9.63 50.73
N ASN G 197 35.64 -10.60 50.55
CA ASN G 197 35.25 -12.01 50.64
C ASN G 197 36.34 -12.81 51.33
N ALA H 1 6.50 0.38 32.02
N ALA H 1 9.42 2.13 26.85
CA ALA H 1 7.26 1.07 30.99
CA ALA H 1 9.80 2.58 25.52
C ALA H 1 8.56 0.34 30.69
C ALA H 1 9.91 1.40 24.57
N SER H 2 8.46 -0.76 29.95
N SER H 2 10.24 0.23 25.13
CA SER H 2 9.63 -1.52 29.55
CA SER H 2 10.28 -1.01 24.37
C SER H 2 9.26 -2.64 28.59
C SER H 2 9.91 -2.15 25.31
N GLY H 3 9.39 -2.41 27.29
N GLY H 3 9.50 -3.26 24.72
CA GLY H 3 9.05 -3.40 26.28
CA GLY H 3 9.10 -4.42 25.49
C GLY H 3 7.60 -3.82 26.35
C GLY H 3 7.62 -4.41 25.80
N ASN H 4 7.35 -5.01 26.87
N ASN H 4 7.27 -5.20 26.82
CA ASN H 4 5.99 -5.46 27.20
CA ASN H 4 5.87 -5.36 27.19
C ASN H 4 5.68 -5.32 28.67
C ASN H 4 5.65 -5.30 28.70
N ALA H 5 6.61 -4.78 29.46
CA ALA H 5 6.45 -4.66 30.91
C ALA H 5 5.66 -3.40 31.22
N ARG H 6 4.42 -3.57 31.66
CA ARG H 6 3.54 -2.45 31.96
C ARG H 6 2.96 -2.63 33.35
N ILE H 7 3.14 -1.62 34.21
CA ILE H 7 2.62 -1.69 35.56
C ILE H 7 1.10 -1.78 35.52
N GLY H 8 0.54 -2.56 36.46
CA GLY H 8 -0.88 -2.80 36.48
C GLY H 8 -1.35 -3.87 35.52
N LYS H 9 -0.50 -4.33 34.63
CA LYS H 9 -0.81 -5.37 33.67
C LYS H 9 -0.11 -6.67 34.05
N PRO H 10 -0.58 -7.81 33.53
CA PRO H 10 0.14 -9.06 33.77
C PRO H 10 1.59 -8.94 33.32
N ALA H 11 2.51 -9.34 34.19
CA ALA H 11 3.92 -9.27 33.85
C ALA H 11 4.20 -10.16 32.64
N PRO H 12 5.14 -9.76 31.78
CA PRO H 12 5.47 -10.61 30.63
C PRO H 12 5.89 -12.00 31.08
N ASP H 13 5.26 -13.02 30.51
CA ASP H 13 5.58 -14.39 30.89
C ASP H 13 7.02 -14.70 30.52
N PHE H 14 7.61 -15.66 31.23
CA PHE H 14 8.97 -16.09 30.93
C PHE H 14 9.14 -17.55 31.31
N LYS H 15 9.93 -18.26 30.50
CA LYS H 15 10.37 -19.62 30.78
C LYS H 15 11.83 -19.71 30.37
N ALA H 16 12.67 -20.21 31.27
CA ALA H 16 14.10 -20.23 31.00
C ALA H 16 14.76 -21.37 31.78
N THR H 17 15.88 -21.84 31.26
CA THR H 17 16.74 -22.76 31.99
C THR H 17 17.57 -21.97 32.99
N ALA H 18 17.66 -22.47 34.22
CA ALA H 18 18.35 -21.77 35.28
C ALA H 18 19.22 -22.76 36.05
N VAL H 19 20.13 -22.21 36.85
CA VAL H 19 20.95 -22.99 37.77
C VAL H 19 20.29 -22.88 39.15
N VAL H 20 19.88 -24.00 39.70
CA VAL H 20 19.18 -24.05 40.99
C VAL H 20 19.86 -25.10 41.84
N ASP H 21 20.44 -24.67 42.97
CA ASP H 21 21.18 -25.56 43.85
C ASP H 21 22.24 -26.34 43.07
N GLY H 22 22.90 -25.66 42.14
CA GLY H 22 23.99 -26.24 41.39
C GLY H 22 23.60 -27.13 40.24
N ALA H 23 22.30 -27.24 39.93
CA ALA H 23 21.82 -28.08 38.85
C ALA H 23 20.94 -27.27 37.91
N PHE H 24 20.78 -27.79 36.70
CA PHE H 24 19.93 -27.15 35.70
C PHE H 24 18.48 -27.55 35.91
N LYS H 25 17.59 -26.57 35.83
CA LYS H 25 16.17 -26.80 36.06
C LYS H 25 15.38 -25.67 35.41
N GLU H 26 14.20 -26.02 34.91
CA GLU H 26 13.34 -25.03 34.26
C GLU H 26 12.72 -24.11 35.31
N VAL H 27 12.46 -22.86 34.89
CA VAL H 27 11.83 -21.86 35.74
C VAL H 27 10.84 -21.08 34.89
N LYS H 28 9.57 -21.06 35.33
CA LYS H 28 8.51 -20.36 34.64
C LYS H 28 7.86 -19.37 35.59
N LEU H 29 7.30 -18.30 35.03
CA LEU H 29 6.54 -17.37 35.85
C LEU H 29 5.36 -18.05 36.51
N SER H 30 4.78 -19.05 35.85
CA SER H 30 3.66 -19.78 36.43
C SER H 30 4.04 -20.53 37.69
N ASP H 31 5.34 -20.83 37.88
CA ASP H 31 5.77 -21.50 39.09
C ASP H 31 5.54 -20.66 40.35
N TYR H 32 5.27 -19.36 40.19
CA TYR H 32 5.21 -18.44 41.32
C TYR H 32 3.84 -17.79 41.46
N LYS H 33 2.80 -18.41 40.93
CA LYS H 33 1.44 -17.96 41.21
C LYS H 33 1.19 -18.02 42.71
N GLY H 34 0.57 -16.97 43.24
CA GLY H 34 0.35 -16.88 44.67
C GLY H 34 1.53 -16.38 45.46
N LYS H 35 2.64 -16.04 44.81
CA LYS H 35 3.82 -15.54 45.49
C LYS H 35 4.36 -14.34 44.74
N TYR H 36 5.00 -13.43 45.48
CA TYR H 36 5.67 -12.30 44.86
C TYR H 36 6.98 -12.76 44.22
N VAL H 37 7.37 -12.05 43.17
CA VAL H 37 8.60 -12.34 42.43
C VAL H 37 9.37 -11.04 42.25
N VAL H 38 10.65 -11.07 42.61
CA VAL H 38 11.59 -10.01 42.27
C VAL H 38 12.49 -10.56 41.18
N LEU H 39 12.28 -10.10 39.94
CA LEU H 39 13.08 -10.49 38.79
C LEU H 39 14.03 -9.35 38.48
N PHE H 40 15.34 -9.61 38.58
CA PHE H 40 16.35 -8.60 38.32
C PHE H 40 17.32 -9.10 37.26
N PHE H 41 17.49 -8.29 36.21
CA PHE H 41 18.44 -8.57 35.15
C PHE H 41 19.79 -7.93 35.47
N TYR H 42 20.85 -8.58 35.01
CA TYR H 42 22.18 -8.01 35.06
C TYR H 42 22.87 -8.27 33.72
N PRO H 43 23.80 -7.40 33.32
CA PRO H 43 24.33 -7.46 31.95
C PRO H 43 25.14 -8.72 31.61
N LEU H 44 26.19 -9.01 32.38
CA LEU H 44 27.15 -10.03 31.98
C LEU H 44 27.66 -10.80 33.20
N ASP H 45 27.90 -12.09 32.98
CA ASP H 45 28.60 -12.89 33.97
C ASP H 45 30.09 -12.55 33.97
N PHE H 46 30.74 -12.90 35.07
CA PHE H 46 32.18 -12.69 35.23
C PHE H 46 32.57 -11.21 35.11
N THR H 47 31.67 -10.31 35.51
CA THR H 47 32.00 -8.88 35.54
C THR H 47 32.10 -8.41 37.00
N PHE H 48 31.62 -7.20 37.29
CA PHE H 48 32.07 -6.48 38.48
C PHE H 48 30.92 -6.07 39.39
N VAL H 49 30.01 -5.21 38.94
CA VAL H 49 28.86 -4.88 39.79
C VAL H 49 27.93 -6.08 39.92
N CYS H 50 27.87 -6.92 38.89
CA CYS H 50 26.89 -8.00 38.87
C CYS H 50 27.07 -8.98 40.01
N PRO H 51 28.25 -9.54 40.26
CA PRO H 51 28.37 -10.51 41.37
C PRO H 51 27.98 -9.94 42.72
N THR H 52 28.21 -8.64 42.95
CA THR H 52 27.84 -8.06 44.24
C THR H 52 26.32 -8.00 44.39
N GLU H 53 25.61 -7.71 43.30
CA GLU H 53 24.15 -7.73 43.35
C GLU H 53 23.62 -9.15 43.52
N ILE H 54 24.15 -10.09 42.73
CA ILE H 54 23.70 -11.47 42.82
C ILE H 54 23.98 -12.04 44.21
N ILE H 55 25.17 -11.73 44.75
CA ILE H 55 25.51 -12.21 46.08
C ILE H 55 24.62 -11.58 47.14
N ALA H 56 24.32 -10.29 46.99
CA ALA H 56 23.48 -9.60 47.97
C ALA H 56 22.09 -10.22 48.03
N PHE H 57 21.44 -10.37 46.87
CA PHE H 57 20.11 -10.99 46.86
C PHE H 57 20.15 -12.42 47.36
N SER H 58 21.23 -13.15 47.07
CA SER H 58 21.35 -14.52 47.55
C SER H 58 21.46 -14.56 49.07
N ASN H 59 22.25 -13.64 49.65
CA ASN H 59 22.37 -13.58 51.11
C ASN H 59 21.04 -13.23 51.75
N ARG H 60 20.28 -12.32 51.15
CA ARG H 60 19.00 -11.88 51.68
C ARG H 60 17.83 -12.71 51.17
N ALA H 61 18.11 -13.82 50.48
CA ALA H 61 17.04 -14.58 49.83
C ALA H 61 15.96 -14.99 50.83
N GLU H 62 16.36 -15.48 52.00
CA GLU H 62 15.37 -15.93 52.98
C GLU H 62 14.53 -14.78 53.50
N ASP H 63 15.10 -13.58 53.61
CA ASP H 63 14.33 -12.43 54.03
C ASP H 63 13.13 -12.21 53.10
N PHE H 64 13.32 -12.43 51.80
CA PHE H 64 12.22 -12.32 50.86
C PHE H 64 11.31 -13.54 50.94
N ARG H 65 11.88 -14.73 51.16
CA ARG H 65 11.07 -15.94 51.14
C ARG H 65 10.14 -16.03 52.36
N LYS H 66 10.61 -15.56 53.51
CA LYS H 66 9.73 -15.53 54.68
C LYS H 66 8.56 -14.58 54.49
N LEU H 67 8.63 -13.68 53.51
CA LEU H 67 7.51 -12.83 53.12
C LEU H 67 6.71 -13.41 51.96
N GLY H 68 7.07 -14.60 51.48
CA GLY H 68 6.41 -15.16 50.32
C GLY H 68 6.84 -14.54 49.02
N CYS H 69 8.09 -14.11 48.91
CA CYS H 69 8.62 -13.49 47.70
C CYS H 69 9.83 -14.28 47.23
N GLU H 70 9.83 -14.67 45.96
CA GLU H 70 10.91 -15.43 45.36
C GLU H 70 11.74 -14.52 44.47
N VAL H 71 13.05 -14.53 44.67
CA VAL H 71 13.98 -13.67 43.94
C VAL H 71 14.63 -14.48 42.84
N LEU H 72 14.71 -13.91 41.64
CA LEU H 72 15.28 -14.55 40.47
C LEU H 72 16.23 -13.61 39.77
N GLY H 73 17.45 -14.08 39.50
CA GLY H 73 18.39 -13.35 38.67
C GLY H 73 18.39 -13.89 37.25
N VAL H 74 18.86 -13.06 36.31
CA VAL H 74 18.84 -13.44 34.90
C VAL H 74 19.84 -12.56 34.15
N SER H 75 20.54 -13.19 33.20
CA SER H 75 21.36 -12.47 32.23
C SER H 75 21.29 -13.24 30.90
N VAL H 76 21.95 -12.69 29.88
CA VAL H 76 21.97 -13.35 28.58
C VAL H 76 22.95 -14.51 28.53
N ASP H 77 23.72 -14.72 29.58
CA ASP H 77 24.68 -15.81 29.61
C ASP H 77 23.97 -17.16 29.71
N SER H 78 24.65 -18.21 29.26
CA SER H 78 24.10 -19.55 29.31
C SER H 78 24.14 -20.10 30.73
N GLN H 79 23.41 -21.18 30.95
CA GLN H 79 23.45 -21.83 32.26
C GLN H 79 24.82 -22.47 32.51
N PHE H 80 25.53 -22.85 31.45
CA PHE H 80 26.88 -23.38 31.62
C PHE H 80 27.83 -22.32 32.13
N THR H 81 27.72 -21.09 31.60
CA THR H 81 28.50 -19.98 32.14
C THR H 81 28.08 -19.65 33.56
N HIS H 82 26.78 -19.66 33.84
CA HIS H 82 26.31 -19.45 35.21
C HIS H 82 26.96 -20.44 36.16
N LEU H 83 26.88 -21.74 35.84
CA LEU H 83 27.43 -22.76 36.72
C LEU H 83 28.93 -22.56 36.93
N ALA H 84 29.66 -22.30 35.85
CA ALA H 84 31.09 -22.03 35.98
C ALA H 84 31.33 -20.86 36.94
N TRP H 85 30.52 -19.81 36.83
CA TRP H 85 30.67 -18.66 37.71
C TRP H 85 30.34 -19.03 39.15
N ILE H 86 29.28 -19.82 39.35
CA ILE H 86 28.93 -20.29 40.69
C ILE H 86 30.06 -21.12 41.27
N ASN H 87 30.74 -21.90 40.43
CA ASN H 87 31.85 -22.73 40.87
C ASN H 87 33.15 -21.95 41.04
N THR H 88 33.14 -20.64 40.83
CA THR H 88 34.31 -19.81 41.05
C THR H 88 34.22 -19.16 42.43
N PRO H 89 35.29 -19.17 43.23
CA PRO H 89 35.19 -18.56 44.56
C PRO H 89 34.88 -17.08 44.48
N ARG H 90 34.08 -16.60 45.44
CA ARG H 90 33.77 -15.17 45.51
C ARG H 90 35.04 -14.35 45.70
N LYS H 91 36.07 -14.92 46.31
CA LYS H 91 37.33 -14.22 46.49
C LYS H 91 37.98 -13.89 45.15
N GLU H 92 37.64 -14.63 44.10
CA GLU H 92 38.20 -14.42 42.77
C GLU H 92 37.21 -13.77 41.82
N GLY H 93 36.17 -13.12 42.35
CA GLY H 93 35.13 -12.52 41.54
C GLY H 93 34.00 -13.46 41.19
N GLY H 94 34.02 -14.69 41.71
CA GLY H 94 32.95 -15.63 41.44
C GLY H 94 31.74 -15.37 42.31
N LEU H 95 30.79 -16.32 42.24
CA LEU H 95 29.56 -16.23 43.01
C LEU H 95 29.49 -17.17 44.19
N GLY H 96 30.25 -18.27 44.18
CA GLY H 96 30.13 -19.27 45.20
C GLY H 96 28.75 -19.91 45.19
N PRO H 97 28.45 -20.71 46.20
CA PRO H 97 27.11 -21.29 46.29
C PRO H 97 26.05 -20.21 46.40
N LEU H 98 24.96 -20.38 45.65
CA LEU H 98 23.88 -19.42 45.60
C LEU H 98 22.62 -19.99 46.25
N ASN H 99 21.75 -19.07 46.68
CA ASN H 99 20.46 -19.42 47.25
CA ASN H 99 20.45 -19.44 47.24
C ASN H 99 19.29 -18.94 46.40
N ILE H 100 19.55 -18.51 45.16
CA ILE H 100 18.50 -18.06 44.25
C ILE H 100 18.77 -18.63 42.87
N PRO H 101 17.71 -18.87 42.10
CA PRO H 101 17.92 -19.31 40.71
C PRO H 101 18.65 -18.26 39.90
N LEU H 102 19.43 -18.72 38.92
CA LEU H 102 20.14 -17.85 38.00
C LEU H 102 19.73 -18.27 36.59
N LEU H 103 18.88 -17.46 35.97
CA LEU H 103 18.27 -17.81 34.70
C LEU H 103 19.18 -17.44 33.54
N ALA H 104 19.12 -18.25 32.48
CA ALA H 104 19.88 -18.01 31.25
C ALA H 104 18.93 -17.45 30.18
N ASP H 105 19.30 -16.30 29.63
CA ASP H 105 18.48 -15.65 28.61
C ASP H 105 19.23 -15.59 27.29
N VAL H 106 19.60 -16.76 26.76
CA VAL H 106 20.48 -16.79 25.60
C VAL H 106 19.76 -16.32 24.34
N THR H 107 18.46 -16.52 24.27
CA THR H 107 17.67 -15.98 23.15
C THR H 107 17.35 -14.50 23.31
N ARG H 108 17.74 -13.89 24.43
CA ARG H 108 17.45 -12.49 24.75
CA ARG H 108 17.45 -12.48 24.70
C ARG H 108 15.96 -12.19 24.69
N ARG H 109 15.11 -13.22 24.79
CA ARG H 109 13.66 -12.99 24.77
C ARG H 109 13.19 -12.36 26.08
N LEU H 110 13.70 -12.84 27.22
CA LEU H 110 13.34 -12.24 28.50
CA LEU H 110 13.33 -12.24 28.49
C LEU H 110 13.72 -10.76 28.53
N SER H 111 14.98 -10.47 28.20
CA SER H 111 15.43 -9.08 28.20
C SER H 111 14.60 -8.23 27.26
N GLU H 112 14.24 -8.77 26.09
CA GLU H 112 13.45 -8.01 25.13
C GLU H 112 12.01 -7.85 25.61
N ASP H 113 11.44 -8.89 26.21
CA ASP H 113 10.08 -8.79 26.71
C ASP H 113 9.97 -7.79 27.84
N TYR H 114 11.01 -7.67 28.66
CA TYR H 114 11.05 -6.70 29.75
C TYR H 114 11.79 -5.42 29.36
N GLY H 115 12.06 -5.22 28.07
CA GLY H 115 12.59 -3.94 27.61
C GLY H 115 13.80 -3.43 28.36
N VAL H 116 14.76 -4.30 28.64
CA VAL H 116 16.00 -3.91 29.31
C VAL H 116 17.23 -4.25 28.49
N LEU H 117 17.05 -4.64 27.23
CA LEU H 117 18.18 -5.05 26.39
C LEU H 117 18.88 -3.82 25.85
N LYS H 118 20.16 -3.67 26.19
CA LYS H 118 21.01 -2.64 25.59
C LYS H 118 21.39 -3.11 24.19
N THR H 119 20.67 -2.62 23.18
CA THR H 119 20.72 -3.23 21.86
C THR H 119 22.13 -3.17 21.26
N ASP H 120 22.85 -2.08 21.49
CA ASP H 120 24.16 -1.93 20.85
C ASP H 120 25.23 -2.83 21.47
N GLU H 121 24.99 -3.40 22.65
CA GLU H 121 25.89 -4.37 23.25
C GLU H 121 25.28 -5.77 23.38
N GLY H 122 23.96 -5.90 23.33
CA GLY H 122 23.33 -7.20 23.47
C GLY H 122 23.25 -7.71 24.88
N ILE H 123 23.32 -6.83 25.87
CA ILE H 123 23.25 -7.21 27.27
C ILE H 123 22.11 -6.44 27.93
N ALA H 124 21.59 -7.01 29.02
CA ALA H 124 20.46 -6.41 29.72
C ALA H 124 20.94 -5.33 30.69
N TYR H 125 20.21 -4.21 30.71
CA TYR H 125 20.43 -3.22 31.75
C TYR H 125 20.08 -3.82 33.11
N ARG H 126 20.43 -3.08 34.17
CA ARG H 126 20.17 -3.52 35.54
C ARG H 126 18.70 -3.23 35.87
N GLY H 127 17.82 -3.96 35.18
CA GLY H 127 16.39 -3.83 35.37
C GLY H 127 15.89 -4.80 36.44
N LEU H 128 15.02 -4.30 37.30
CA LEU H 128 14.43 -5.08 38.37
C LEU H 128 12.92 -4.87 38.36
N PHE H 129 12.18 -5.96 38.55
CA PHE H 129 10.73 -5.96 38.42
C PHE H 129 10.12 -6.72 39.59
N ILE H 130 9.08 -6.14 40.17
CA ILE H 130 8.36 -6.74 41.29
C ILE H 130 6.99 -7.17 40.78
N ILE H 131 6.71 -8.46 40.89
CA ILE H 131 5.46 -9.05 40.42
C ILE H 131 4.75 -9.65 41.63
N ASP H 132 3.43 -9.46 41.69
CA ASP H 132 2.66 -9.93 42.83
C ASP H 132 2.12 -11.34 42.57
N GLY H 133 1.45 -11.90 43.57
CA GLY H 133 0.97 -13.26 43.47
C GLY H 133 -0.04 -13.46 42.36
N LYS H 134 -0.73 -12.40 41.96
CA LYS H 134 -1.69 -12.49 40.85
C LYS H 134 -1.02 -12.36 39.49
N GLY H 135 0.30 -12.27 39.44
CA GLY H 135 1.01 -12.15 38.18
C GLY H 135 1.06 -10.75 37.59
N VAL H 136 0.71 -9.73 38.36
CA VAL H 136 0.67 -8.36 37.88
C VAL H 136 1.97 -7.67 38.22
N LEU H 137 2.49 -6.89 37.28
CA LEU H 137 3.70 -6.11 37.51
C LEU H 137 3.38 -4.90 38.37
N ARG H 138 4.16 -4.70 39.45
CA ARG H 138 3.90 -3.64 40.40
C ARG H 138 4.98 -2.56 40.44
N GLN H 139 6.20 -2.87 40.03
CA GLN H 139 7.30 -1.94 40.20
C GLN H 139 8.36 -2.20 39.13
N ILE H 140 8.93 -1.11 38.59
CA ILE H 140 10.01 -1.19 37.61
C ILE H 140 11.17 -0.35 38.12
N THR H 141 12.36 -0.95 38.16
CA THR H 141 13.59 -0.26 38.52
C THR H 141 14.66 -0.63 37.50
N VAL H 142 15.21 0.38 36.83
CA VAL H 142 16.26 0.17 35.84
C VAL H 142 17.39 1.17 36.09
N ASN H 143 18.58 0.65 36.37
CA ASN H 143 19.77 1.45 36.55
C ASN H 143 20.67 1.35 35.33
N ASP H 144 21.45 2.40 35.10
CA ASP H 144 22.53 2.30 34.12
C ASP H 144 23.57 1.31 34.64
N LEU H 145 24.45 0.88 33.72
CA LEU H 145 25.35 -0.22 34.04
C LEU H 145 26.32 0.08 35.18
N PRO H 146 26.86 1.31 35.35
CA PRO H 146 27.92 1.51 36.34
C PRO H 146 27.45 1.46 37.80
N VAL H 147 26.15 1.53 38.07
CA VAL H 147 25.64 1.69 39.42
C VAL H 147 24.74 0.52 39.77
N GLY H 148 25.05 -0.17 40.88
CA GLY H 148 24.25 -1.28 41.33
C GLY H 148 23.01 -0.84 42.09
N ARG H 149 22.11 -1.80 42.27
CA ARG H 149 20.83 -1.56 42.91
C ARG H 149 20.95 -1.77 44.42
N SER H 150 19.82 -1.60 45.12
CA SER H 150 19.76 -1.74 46.57
C SER H 150 18.81 -2.86 46.93
N VAL H 151 19.31 -3.87 47.65
CA VAL H 151 18.44 -4.94 48.11
C VAL H 151 17.49 -4.44 49.19
N ASP H 152 17.98 -3.52 50.04
CA ASP H 152 17.12 -2.97 51.09
C ASP H 152 15.89 -2.29 50.51
N GLU H 153 16.07 -1.49 49.45
CA GLU H 153 14.93 -0.83 48.83
C GLU H 153 14.01 -1.83 48.16
N ALA H 154 14.57 -2.87 47.54
CA ALA H 154 13.73 -3.90 46.93
C ALA H 154 12.88 -4.59 47.98
N LEU H 155 13.45 -4.89 49.13
CA LEU H 155 12.69 -5.51 50.21
C LEU H 155 11.60 -4.57 50.71
N ARG H 156 11.93 -3.29 50.88
CA ARG H 156 10.93 -2.32 51.33
C ARG H 156 9.76 -2.25 50.37
N LEU H 157 10.04 -2.21 49.07
CA LEU H 157 8.97 -2.14 48.07
C LEU H 157 8.09 -3.38 48.14
N VAL H 158 8.70 -4.57 48.23
CA VAL H 158 7.93 -5.79 48.38
C VAL H 158 7.07 -5.73 49.63
N GLN H 159 7.65 -5.23 50.73
CA GLN H 159 6.88 -5.12 51.97
C GLN H 159 5.73 -4.14 51.82
N ALA H 160 5.97 -2.99 51.19
CA ALA H 160 4.92 -1.99 51.05
C ALA H 160 3.80 -2.50 50.14
N PHE H 161 4.15 -3.19 49.05
CA PHE H 161 3.12 -3.70 48.16
C PHE H 161 2.32 -4.80 48.84
N GLN H 162 2.97 -5.65 49.62
CA GLN H 162 2.24 -6.69 50.35
C GLN H 162 1.33 -6.08 51.41
N TYR H 163 1.80 -5.04 52.11
CA TYR H 163 0.99 -4.43 53.14
C TYR H 163 -0.21 -3.69 52.55
N THR H 164 0.04 -2.83 51.56
CA THR H 164 -1.07 -2.13 50.91
C THR H 164 -2.02 -3.11 50.23
N ASP H 165 -1.50 -4.21 49.70
CA ASP H 165 -2.37 -5.24 49.13
C ASP H 165 -3.35 -5.77 50.18
N GLU H 166 -2.86 -6.04 51.39
CA GLU H 166 -3.67 -6.72 52.39
C GLU H 166 -4.70 -5.79 53.01
N HIS H 167 -4.32 -4.56 53.34
CA HIS H 167 -5.14 -3.68 54.15
C HIS H 167 -5.82 -2.58 53.34
N GLY H 168 -5.75 -2.64 52.00
CA GLY H 168 -6.45 -1.66 51.19
C GLY H 168 -6.08 -0.23 51.46
N GLU H 169 -4.90 0.01 52.01
CA GLU H 169 -4.39 1.36 52.26
C GLU H 169 -3.16 1.60 51.38
N VAL H 170 -2.58 2.79 51.51
CA VAL H 170 -1.46 3.22 50.68
C VAL H 170 -0.32 3.65 51.59
N SER H 171 0.92 3.38 51.15
CA SER H 171 2.09 3.65 51.97
C SER H 171 2.68 5.01 51.62
N PRO H 172 2.97 5.87 52.59
CA PRO H 172 3.59 7.17 52.27
C PRO H 172 5.03 7.03 51.84
N ALA H 173 5.67 8.16 51.51
CA ALA H 173 7.06 8.13 51.08
C ALA H 173 7.96 7.61 52.20
N GLY H 174 8.88 6.73 51.84
CA GLY H 174 9.80 6.16 52.80
C GLY H 174 9.18 5.20 53.78
N TRP H 175 7.96 4.73 53.52
CA TRP H 175 7.29 3.81 54.43
C TRP H 175 8.14 2.58 54.67
N LYS H 176 8.14 2.12 55.92
CA LYS H 176 8.75 0.86 56.31
C LYS H 176 7.82 0.19 57.30
N PRO H 177 7.97 -1.12 57.50
CA PRO H 177 7.09 -1.82 58.44
C PRO H 177 7.08 -1.14 59.80
N GLY H 178 5.88 -0.95 60.34
CA GLY H 178 5.67 -0.21 61.57
C GLY H 178 5.20 1.21 61.34
N SER H 179 5.60 1.82 60.22
CA SER H 179 5.14 3.16 59.89
C SER H 179 3.64 3.13 59.57
N ASP H 180 3.03 4.31 59.66
CA ASP H 180 1.60 4.44 59.37
C ASP H 180 1.37 4.53 57.86
N THR H 181 0.25 3.95 57.43
CA THR H 181 -0.22 4.09 56.06
C THR H 181 -1.38 5.09 56.04
N ILE H 182 -1.91 5.33 54.84
CA ILE H 182 -2.95 6.33 54.63
C ILE H 182 -4.20 5.65 54.08
N LYS H 183 -5.35 6.05 54.61
CA LYS H 183 -6.62 5.60 54.05
C LYS H 183 -6.94 6.44 52.81
N PRO H 184 -7.00 5.83 51.61
CA PRO H 184 -7.05 6.64 50.38
C PRO H 184 -8.46 7.13 50.05
N ASN H 185 -9.00 8.00 50.90
CA ASN H 185 -10.18 8.77 50.57
C ASN H 185 -10.11 10.09 51.34
N VAL H 186 -10.84 11.09 50.81
CA VAL H 186 -10.67 12.45 51.30
C VAL H 186 -10.93 12.53 52.80
N ASP H 187 -11.99 11.89 53.27
CA ASP H 187 -12.37 12.02 54.69
C ASP H 187 -11.36 11.31 55.59
N ASP H 188 -11.16 10.01 55.39
CA ASP H 188 -10.34 9.24 56.30
C ASP H 188 -8.86 9.57 56.20
N SER H 189 -8.42 10.18 55.10
CA SER H 189 -7.01 10.55 54.97
C SER H 189 -6.61 11.64 55.95
N LYS H 190 -7.57 12.36 56.53
CA LYS H 190 -7.24 13.42 57.47
C LYS H 190 -6.62 12.86 58.76
N GLU H 191 -6.98 11.63 59.14
CA GLU H 191 -6.36 11.00 60.30
C GLU H 191 -4.84 11.07 60.21
N TYR H 192 -4.29 10.75 59.04
CA TYR H 192 -2.85 10.72 58.87
C TYR H 192 -2.26 12.12 58.79
N PHE H 193 -2.82 12.97 57.91
CA PHE H 193 -2.22 14.28 57.67
C PHE H 193 -2.17 15.12 58.94
N SER H 194 -3.24 15.08 59.74
CA SER H 194 -3.24 15.83 60.99
C SER H 194 -2.25 15.24 61.99
N LYS H 195 -2.14 13.90 62.04
CA LYS H 195 -1.27 13.25 63.00
C LYS H 195 0.20 13.56 62.72
N HIS H 196 0.58 13.63 61.45
CA HIS H 196 1.98 13.75 61.06
C HIS H 196 2.38 15.18 60.69
N ASN H 197 1.47 16.13 60.78
CA ASN H 197 1.79 17.53 60.51
C ASN H 197 1.30 18.42 61.65
N ALA I 1 -16.25 18.60 14.10
N ALA I 1 -15.09 23.94 17.03
CA ALA I 1 -16.44 17.25 13.58
CA ALA I 1 -14.75 23.05 15.93
C ALA I 1 -16.22 17.22 12.07
C ALA I 1 -15.92 22.94 14.95
N SER I 2 -16.44 18.37 11.43
N SER I 2 -15.61 22.98 13.66
CA SER I 2 -16.20 18.51 10.01
CA SER I 2 -16.60 22.77 12.62
C SER I 2 -15.84 19.96 9.73
C SER I 2 -15.92 22.68 11.26
N GLY I 3 -15.17 20.18 8.61
N GLY I 3 -15.64 21.46 10.80
CA GLY I 3 -14.79 21.52 8.22
CA GLY I 3 -14.93 21.26 9.56
C GLY I 3 -13.46 21.94 8.82
C GLY I 3 -13.52 21.79 9.60
N ASN I 4 -13.21 23.25 8.78
N ASN I 4 -13.34 23.03 9.12
CA ASN I 4 -11.94 23.80 9.23
CA ASN I 4 -12.07 23.73 9.22
C ASN I 4 -12.09 24.97 10.19
C ASN I 4 -12.11 24.91 10.18
N ALA I 5 -13.29 25.23 10.72
CA ALA I 5 -13.45 26.33 11.65
C ALA I 5 -13.00 25.90 13.04
N ARG I 6 -11.98 26.57 13.58
CA ARG I 6 -11.43 26.25 14.89
CA ARG I 6 -11.44 26.26 14.89
C ARG I 6 -11.29 27.54 15.69
N ILE I 7 -11.81 27.53 16.92
CA ILE I 7 -11.69 28.70 17.78
C ILE I 7 -10.22 29.04 17.96
N GLY I 8 -9.92 30.34 17.99
CA GLY I 8 -8.56 30.80 18.21
C GLY I 8 -7.64 30.70 17.02
N LYS I 9 -8.10 30.16 15.90
CA LYS I 9 -7.33 30.08 14.68
C LYS I 9 -7.97 30.92 13.59
N PRO I 10 -7.22 31.28 12.55
CA PRO I 10 -7.79 32.11 11.48
C PRO I 10 -9.08 31.51 10.93
N ALA I 11 -10.11 32.33 10.85
CA ALA I 11 -11.38 31.87 10.31
C ALA I 11 -11.18 31.38 8.88
N PRO I 12 -11.86 30.31 8.48
CA PRO I 12 -11.74 29.86 7.08
C PRO I 12 -12.06 30.98 6.11
N ASP I 13 -11.15 31.22 5.18
CA ASP I 13 -11.36 32.26 4.18
C ASP I 13 -12.53 31.90 3.29
N PHE I 14 -13.21 32.92 2.79
CA PHE I 14 -14.37 32.70 1.92
C PHE I 14 -14.51 33.85 0.95
N LYS I 15 -15.11 33.56 -0.19
CA LYS I 15 -15.40 34.53 -1.24
C LYS I 15 -16.67 34.07 -1.94
N ALA I 16 -17.57 34.99 -2.20
CA ALA I 16 -18.86 34.61 -2.77
C ALA I 16 -19.53 35.81 -3.41
N THR I 17 -20.39 35.52 -4.38
CA THR I 17 -21.30 36.52 -4.91
C THR I 17 -22.43 36.74 -3.91
N ALA I 18 -22.73 38.00 -3.63
CA ALA I 18 -23.76 38.36 -2.66
C ALA I 18 -24.68 39.40 -3.26
N VAL I 19 -25.86 39.53 -2.65
CA VAL I 19 -26.81 40.59 -2.98
C VAL I 19 -26.58 41.71 -1.97
N VAL I 20 -26.20 42.88 -2.47
CA VAL I 20 -25.93 44.06 -1.65
C VAL I 20 -26.69 45.23 -2.26
N ASP I 21 -27.64 45.78 -1.50
CA ASP I 21 -28.43 46.92 -1.96
C ASP I 21 -29.17 46.58 -3.25
N GLY I 22 -29.66 45.35 -3.34
CA GLY I 22 -30.42 44.93 -4.50
C GLY I 22 -29.59 44.68 -5.74
N ALA I 23 -28.29 44.51 -5.59
CA ALA I 23 -27.41 44.29 -6.73
C ALA I 23 -26.36 43.26 -6.36
N PHE I 24 -25.82 42.60 -7.39
CA PHE I 24 -24.82 41.56 -7.20
C PHE I 24 -23.44 42.18 -7.01
N LYS I 25 -22.71 41.68 -6.03
CA LYS I 25 -21.39 42.19 -5.68
C LYS I 25 -20.59 41.07 -5.02
N GLU I 26 -19.31 40.99 -5.35
CA GLU I 26 -18.44 39.99 -4.75
C GLU I 26 -18.07 40.41 -3.33
N VAL I 27 -18.19 39.48 -2.39
CA VAL I 27 -17.84 39.70 -1.00
C VAL I 27 -16.78 38.68 -0.62
N LYS I 28 -15.80 39.11 0.17
CA LYS I 28 -14.77 38.21 0.65
C LYS I 28 -14.31 38.64 2.03
N LEU I 29 -13.73 37.68 2.77
CA LEU I 29 -13.38 37.93 4.16
C LEU I 29 -12.34 39.03 4.30
N SER I 30 -11.44 39.16 3.31
CA SER I 30 -10.42 40.20 3.39
C SER I 30 -11.02 41.59 3.39
N ASP I 31 -12.22 41.76 2.81
CA ASP I 31 -12.87 43.06 2.79
C ASP I 31 -13.11 43.60 4.20
N TYR I 32 -13.09 42.75 5.22
CA TYR I 32 -13.46 43.13 6.57
C TYR I 32 -12.28 43.07 7.54
N LYS I 33 -11.06 43.08 7.02
CA LYS I 33 -9.89 43.08 7.88
C LYS I 33 -9.95 44.29 8.81
N GLY I 34 -9.69 44.04 10.10
CA GLY I 34 -9.81 45.07 11.11
C GLY I 34 -11.19 45.29 11.64
N LYS I 35 -12.21 44.66 11.06
CA LYS I 35 -13.58 44.73 11.54
C LYS I 35 -14.01 43.35 12.05
N TYR I 36 -14.85 43.37 13.08
CA TYR I 36 -15.49 42.14 13.52
C TYR I 36 -16.54 41.71 12.50
N VAL I 37 -16.71 40.40 12.37
CA VAL I 37 -17.62 39.83 11.37
C VAL I 37 -18.51 38.81 12.07
N VAL I 38 -19.82 38.97 11.89
CA VAL I 38 -20.80 37.97 12.31
C VAL I 38 -21.30 37.30 11.03
N LEU I 39 -20.85 36.07 10.81
CA LEU I 39 -21.24 35.28 9.64
C LEU I 39 -22.20 34.20 10.12
N PHE I 40 -23.44 34.25 9.64
CA PHE I 40 -24.47 33.29 10.06
C PHE I 40 -25.02 32.61 8.82
N PHE I 41 -24.98 31.28 8.82
CA PHE I 41 -25.57 30.47 7.78
C PHE I 41 -27.03 30.20 8.10
N TYR I 42 -27.81 29.97 7.06
CA TYR I 42 -29.18 29.50 7.21
C TYR I 42 -29.48 28.52 6.09
N PRO I 43 -30.34 27.53 6.34
CA PRO I 43 -30.49 26.42 5.37
C PRO I 43 -31.00 26.83 4.00
N LEU I 44 -32.15 27.50 3.92
CA LEU I 44 -32.84 27.65 2.65
C LEU I 44 -33.59 28.97 2.57
N ASP I 45 -33.51 29.60 1.41
CA ASP I 45 -34.37 30.73 1.09
C ASP I 45 -35.82 30.26 0.98
N PHE I 46 -36.74 31.18 1.24
CA PHE I 46 -38.18 30.93 1.11
C PHE I 46 -38.67 29.87 2.10
N THR I 47 -38.07 29.83 3.29
CA THR I 47 -38.59 28.98 4.36
C THR I 47 -39.13 29.86 5.48
N PHE I 48 -38.90 29.50 6.74
CA PHE I 48 -39.72 30.01 7.84
C PHE I 48 -38.91 30.68 8.94
N VAL I 49 -38.04 29.94 9.62
CA VAL I 49 -37.20 30.57 10.63
C VAL I 49 -36.19 31.51 9.97
N CYS I 50 -35.65 31.11 8.83
CA CYS I 50 -34.62 31.88 8.15
C CYS I 50 -35.01 33.34 7.91
N PRO I 51 -36.15 33.65 7.30
CA PRO I 51 -36.49 35.07 7.11
C PRO I 51 -36.54 35.87 8.40
N THR I 52 -36.95 35.25 9.51
CA THR I 52 -37.03 36.00 10.76
C THR I 52 -35.65 36.27 11.34
N GLU I 53 -34.68 35.39 11.08
CA GLU I 53 -33.31 35.64 11.50
C GLU I 53 -32.64 36.67 10.60
N ILE I 54 -32.91 36.61 9.30
CA ILE I 54 -32.33 37.58 8.37
C ILE I 54 -32.88 38.97 8.65
N ILE I 55 -34.20 39.08 8.83
CA ILE I 55 -34.81 40.36 9.12
C ILE I 55 -34.33 40.90 10.46
N ALA I 56 -34.23 40.03 11.47
CA ALA I 56 -33.77 40.46 12.78
C ALA I 56 -32.36 41.05 12.69
N PHE I 57 -31.44 40.33 12.04
CA PHE I 57 -30.08 40.85 11.90
C PHE I 57 -30.04 42.08 11.01
N SER I 58 -30.92 42.15 10.01
CA SER I 58 -30.94 43.31 9.13
C SER I 58 -31.39 44.55 9.87
N ASN I 59 -32.50 44.46 10.62
CA ASN I 59 -32.99 45.61 11.37
C ASN I 59 -31.98 46.10 12.38
N ARG I 60 -31.11 45.21 12.88
CA ARG I 60 -30.11 45.55 13.87
C ARG I 60 -28.73 45.77 13.25
N ALA I 61 -28.66 45.91 11.92
CA ALA I 61 -27.37 46.01 11.25
C ALA I 61 -26.53 47.14 11.82
N GLU I 62 -27.12 48.33 11.97
CA GLU I 62 -26.36 49.48 12.44
C GLU I 62 -25.86 49.29 13.87
N ASP I 63 -26.64 48.60 14.72
CA ASP I 63 -26.18 48.31 16.07
C ASP I 63 -24.82 47.59 16.04
N PHE I 64 -24.59 46.75 15.04
CA PHE I 64 -23.29 46.10 14.91
C PHE I 64 -22.27 47.02 14.26
N ARG I 65 -22.67 47.76 13.22
CA ARG I 65 -21.73 48.65 12.54
C ARG I 65 -21.22 49.75 13.47
N LYS I 66 -22.06 50.23 14.39
CA LYS I 66 -21.60 51.21 15.36
C LYS I 66 -20.40 50.68 16.14
N LEU I 67 -20.32 49.36 16.34
CA LEU I 67 -19.20 48.73 17.03
C LEU I 67 -18.07 48.34 16.08
N GLY I 68 -18.19 48.64 14.79
CA GLY I 68 -17.22 48.17 13.83
C GLY I 68 -17.36 46.70 13.54
N CYS I 69 -18.59 46.20 13.49
CA CYS I 69 -18.87 44.79 13.23
C CYS I 69 -19.84 44.69 12.05
N GLU I 70 -19.52 43.83 11.09
CA GLU I 70 -20.34 43.65 9.90
C GLU I 70 -21.03 42.28 9.95
N VAL I 71 -22.30 42.27 9.55
CA VAL I 71 -23.14 41.08 9.60
C VAL I 71 -23.31 40.55 8.18
N LEU I 72 -23.04 39.26 7.99
CA LEU I 72 -23.18 38.61 6.70
C LEU I 72 -24.10 37.40 6.83
N GLY I 73 -25.08 37.30 5.95
CA GLY I 73 -25.92 36.12 5.84
C GLY I 73 -25.52 35.30 4.63
N VAL I 74 -25.70 33.98 4.74
CA VAL I 74 -25.29 33.07 3.66
C VAL I 74 -26.14 31.81 3.72
N SER I 75 -26.57 31.36 2.54
CA SER I 75 -27.15 30.04 2.36
C SER I 75 -26.63 29.48 1.04
N VAL I 76 -26.99 28.23 0.76
CA VAL I 76 -26.58 27.60 -0.50
C VAL I 76 -27.37 28.11 -1.70
N ASP I 77 -28.41 28.92 -1.47
CA ASP I 77 -29.19 29.47 -2.56
C ASP I 77 -28.36 30.45 -3.38
N SER I 78 -28.72 30.59 -4.66
CA SER I 78 -28.00 31.48 -5.55
C SER I 78 -28.39 32.94 -5.26
N GLN I 79 -27.61 33.86 -5.84
CA GLN I 79 -27.91 35.28 -5.69
C GLN I 79 -29.23 35.64 -6.38
N PHE I 80 -29.57 34.94 -7.46
CA PHE I 80 -30.84 35.20 -8.13
C PHE I 80 -32.02 34.84 -7.23
N THR I 81 -31.90 33.76 -6.47
CA THR I 81 -32.93 33.41 -5.51
C THR I 81 -32.95 34.38 -4.35
N HIS I 82 -31.78 34.77 -3.86
CA HIS I 82 -31.70 35.82 -2.84
C HIS I 82 -32.47 37.06 -3.28
N LEU I 83 -32.23 37.52 -4.51
CA LEU I 83 -32.85 38.75 -4.98
C LEU I 83 -34.36 38.58 -5.14
N ALA I 84 -34.79 37.43 -5.64
CA ALA I 84 -36.22 37.16 -5.72
C ALA I 84 -36.86 37.18 -4.34
N TRP I 85 -36.17 36.64 -3.35
CA TRP I 85 -36.70 36.63 -1.98
C TRP I 85 -36.70 38.04 -1.40
N ILE I 86 -35.67 38.83 -1.71
CA ILE I 86 -35.65 40.22 -1.25
C ILE I 86 -36.79 41.01 -1.87
N ASN I 87 -37.11 40.73 -3.13
CA ASN I 87 -38.19 41.40 -3.82
C ASN I 87 -39.56 40.83 -3.47
N THR I 88 -39.63 39.92 -2.50
CA THR I 88 -40.90 39.42 -1.97
C THR I 88 -41.23 40.15 -0.69
N PRO I 89 -42.44 40.69 -0.51
CA PRO I 89 -42.74 41.45 0.71
C PRO I 89 -42.68 40.57 1.94
N ARG I 90 -42.33 41.19 3.07
CA ARG I 90 -42.22 40.45 4.32
C ARG I 90 -43.55 39.83 4.73
N LYS I 91 -44.66 40.46 4.34
CA LYS I 91 -45.97 39.94 4.72
C LYS I 91 -46.23 38.58 4.08
N GLU I 92 -45.63 38.31 2.92
CA GLU I 92 -45.81 37.06 2.21
C GLU I 92 -44.69 36.06 2.48
N GLY I 93 -43.90 36.29 3.53
CA GLY I 93 -42.78 35.44 3.84
C GLY I 93 -41.47 35.85 3.20
N GLY I 94 -41.42 37.03 2.59
CA GLY I 94 -40.20 37.52 1.97
C GLY I 94 -39.32 38.28 2.94
N LEU I 95 -38.24 38.84 2.40
CA LEU I 95 -37.30 39.63 3.18
C LEU I 95 -37.50 41.12 3.05
N GLY I 96 -38.07 41.58 1.93
CA GLY I 96 -38.14 42.99 1.66
C GLY I 96 -36.75 43.57 1.54
N PRO I 97 -36.63 44.89 1.47
CA PRO I 97 -35.30 45.50 1.41
C PRO I 97 -34.45 45.12 2.61
N LEU I 98 -33.16 44.91 2.36
CA LEU I 98 -32.23 44.43 3.37
C LEU I 98 -31.10 45.44 3.59
N ASN I 99 -30.52 45.39 4.78
N ASN I 99 -30.52 45.41 4.78
CA ASN I 99 -29.39 46.23 5.15
CA ASN I 99 -29.38 46.25 5.11
C ASN I 99 -28.11 45.44 5.33
C ASN I 99 -28.12 45.42 5.39
N ILE I 100 -28.12 44.14 5.02
CA ILE I 100 -26.95 43.29 5.18
C ILE I 100 -26.70 42.52 3.89
N PRO I 101 -25.45 42.16 3.57
CA PRO I 101 -25.22 41.32 2.40
C PRO I 101 -25.76 39.91 2.60
N LEU I 102 -26.24 39.33 1.51
CA LEU I 102 -26.72 37.95 1.48
CA LEU I 102 -26.72 37.95 1.47
C LEU I 102 -25.84 37.17 0.51
N LEU I 103 -24.97 36.32 1.05
CA LEU I 103 -24.03 35.56 0.24
C LEU I 103 -24.67 34.32 -0.34
N ALA I 104 -24.21 33.93 -1.52
CA ALA I 104 -24.69 32.74 -2.22
C ALA I 104 -23.60 31.69 -2.18
N ASP I 105 -23.91 30.53 -1.59
CA ASP I 105 -22.95 29.45 -1.45
C ASP I 105 -23.37 28.27 -2.32
N VAL I 106 -23.53 28.50 -3.63
CA VAL I 106 -24.06 27.46 -4.51
C VAL I 106 -23.10 26.28 -4.59
N THR I 107 -21.80 26.52 -4.47
CA THR I 107 -20.82 25.44 -4.48
C THR I 107 -20.71 24.72 -3.14
N ARG I 108 -21.45 25.16 -2.11
N ARG I 108 -21.45 25.15 -2.11
CA ARG I 108 -21.38 24.61 -0.77
CA ARG I 108 -21.39 24.60 -0.77
C ARG I 108 -20.00 24.75 -0.13
C ARG I 108 -20.00 24.73 -0.15
N ARG I 109 -19.09 25.48 -0.78
CA ARG I 109 -17.73 25.60 -0.26
C ARG I 109 -17.72 26.24 1.13
N LEU I 110 -18.40 27.37 1.28
CA LEU I 110 -18.45 28.04 2.58
C LEU I 110 -19.01 27.11 3.65
N SER I 111 -20.17 26.51 3.38
CA SER I 111 -20.79 25.63 4.36
C SER I 111 -19.89 24.46 4.72
N GLU I 112 -19.18 23.91 3.74
CA GLU I 112 -18.26 22.81 4.01
C GLU I 112 -17.05 23.30 4.80
N ASP I 113 -16.48 24.45 4.42
CA ASP I 113 -15.33 24.97 5.14
C ASP I 113 -15.66 25.30 6.59
N TYR I 114 -16.90 25.70 6.86
CA TYR I 114 -17.35 26.03 8.21
C TYR I 114 -18.06 24.88 8.89
N GLY I 115 -18.08 23.70 8.28
CA GLY I 115 -18.57 22.51 8.94
C GLY I 115 -20.01 22.59 9.42
N VAL I 116 -20.88 23.26 8.65
CA VAL I 116 -22.27 23.41 9.01
C VAL I 116 -23.21 22.79 7.97
N LEU I 117 -22.65 22.12 6.97
CA LEU I 117 -23.47 21.52 5.92
C LEU I 117 -24.14 20.26 6.45
N LYS I 118 -25.48 20.24 6.41
CA LYS I 118 -26.26 19.04 6.71
C LYS I 118 -26.21 18.16 5.46
N THR I 119 -25.24 17.23 5.44
CA THR I 119 -24.85 16.59 4.20
C THR I 119 -26.01 15.82 3.56
N ASP I 120 -26.85 15.18 4.38
CA ASP I 120 -27.94 14.39 3.81
C ASP I 120 -29.00 15.24 3.13
N GLU I 121 -29.00 16.55 3.35
CA GLU I 121 -29.94 17.45 2.68
C GLU I 121 -29.27 18.50 1.80
N GLY I 122 -27.96 18.70 1.93
CA GLY I 122 -27.27 19.68 1.12
C GLY I 122 -27.51 21.11 1.53
N ILE I 123 -27.89 21.35 2.78
CA ILE I 123 -28.18 22.68 3.28
C ILE I 123 -27.37 22.91 4.55
N ALA I 124 -27.18 24.18 4.89
CA ALA I 124 -26.37 24.55 6.04
C ALA I 124 -27.23 24.62 7.29
N TYR I 125 -26.67 24.15 8.40
CA TYR I 125 -27.30 24.36 9.70
C TYR I 125 -27.24 25.84 10.07
N ARG I 126 -27.97 26.19 11.13
CA ARG I 126 -28.03 27.57 11.62
C ARG I 126 -26.74 27.86 12.40
N GLY I 127 -25.64 27.93 11.66
CA GLY I 127 -24.34 28.17 12.22
C GLY I 127 -23.98 29.64 12.16
N LEU I 128 -23.67 30.21 13.33
CA LEU I 128 -23.24 31.60 13.45
C LEU I 128 -21.81 31.61 13.96
N PHE I 129 -20.98 32.47 13.35
CA PHE I 129 -19.56 32.55 13.65
C PHE I 129 -19.17 34.00 13.84
N ILE I 130 -18.45 34.28 14.92
CA ILE I 130 -17.96 35.62 15.22
C ILE I 130 -16.46 35.64 14.96
N ILE I 131 -16.04 36.47 14.01
CA ILE I 131 -14.65 36.62 13.61
C ILE I 131 -14.19 38.01 14.00
N ASP I 132 -13.00 38.11 14.61
CA ASP I 132 -12.50 39.41 15.06
C ASP I 132 -11.79 40.13 13.92
N GLY I 133 -11.30 41.33 14.22
CA GLY I 133 -10.67 42.17 13.21
C GLY I 133 -9.41 41.57 12.61
N LYS I 134 -8.77 40.64 13.32
CA LYS I 134 -7.58 39.98 12.83
C LYS I 134 -7.90 38.70 12.08
N GLY I 135 -9.17 38.44 11.79
CA GLY I 135 -9.56 37.24 11.06
C GLY I 135 -9.56 35.97 11.88
N VAL I 136 -9.47 36.06 13.20
CA VAL I 136 -9.43 34.88 14.07
C VAL I 136 -10.85 34.55 14.50
N LEU I 137 -11.20 33.27 14.44
CA LEU I 137 -12.50 32.82 14.88
C LEU I 137 -12.58 32.88 16.40
N ARG I 138 -13.59 33.57 16.92
CA ARG I 138 -13.74 33.76 18.36
C ARG I 138 -14.91 33.01 18.97
N GLN I 139 -15.90 32.62 18.17
CA GLN I 139 -17.14 32.09 18.73
C GLN I 139 -17.84 31.24 17.67
N ILE I 140 -18.44 30.14 18.11
CA ILE I 140 -19.21 29.25 17.23
C ILE I 140 -20.56 29.01 17.87
N THR I 141 -21.63 29.21 17.10
CA THR I 141 -22.99 28.92 17.53
C THR I 141 -23.68 28.16 16.41
N VAL I 142 -24.13 26.95 16.70
CA VAL I 142 -24.83 26.12 15.72
C VAL I 142 -26.13 25.65 16.34
N ASN I 143 -27.24 25.98 15.69
CA ASN I 143 -28.57 25.58 16.12
C ASN I 143 -29.15 24.56 15.15
N ASP I 144 -29.82 23.55 15.70
CA ASP I 144 -30.65 22.70 14.86
C ASP I 144 -31.66 23.56 14.12
N LEU I 145 -32.22 23.01 13.05
CA LEU I 145 -33.02 23.84 12.13
C LEU I 145 -34.25 24.46 12.75
N PRO I 146 -35.02 23.79 13.61
CA PRO I 146 -36.33 24.35 14.02
C PRO I 146 -36.27 25.48 15.03
N VAL I 147 -35.10 25.86 15.54
CA VAL I 147 -34.98 26.89 16.56
C VAL I 147 -34.13 28.03 16.03
N GLY I 148 -34.71 29.23 16.00
CA GLY I 148 -33.97 30.39 15.56
C GLY I 148 -32.99 30.90 16.60
N ARG I 149 -32.03 31.68 16.12
CA ARG I 149 -30.98 32.23 16.97
C ARG I 149 -31.45 33.56 17.58
N SER I 150 -30.59 34.15 18.42
CA SER I 150 -30.90 35.40 19.11
C SER I 150 -29.89 36.46 18.69
N VAL I 151 -30.39 37.54 18.09
CA VAL I 151 -29.51 38.64 17.71
C VAL I 151 -28.94 39.33 18.96
N ASP I 152 -29.74 39.42 20.02
CA ASP I 152 -29.27 40.06 21.24
C ASP I 152 -28.03 39.37 21.79
N GLU I 153 -28.03 38.04 21.81
CA GLU I 153 -26.87 37.31 22.31
C GLU I 153 -25.67 37.49 21.39
N ALA I 154 -25.91 37.53 20.08
CA ALA I 154 -24.82 37.80 19.14
C ALA I 154 -24.19 39.15 19.43
N LEU I 155 -25.03 40.19 19.55
CA LEU I 155 -24.51 41.52 19.87
C LEU I 155 -23.73 41.51 21.17
N ARG I 156 -24.28 40.86 22.20
CA ARG I 156 -23.59 40.78 23.49
C ARG I 156 -22.21 40.16 23.31
N LEU I 157 -22.13 39.05 22.59
CA LEU I 157 -20.85 38.37 22.41
C LEU I 157 -19.85 39.27 21.69
N VAL I 158 -20.28 39.97 20.64
CA VAL I 158 -19.37 40.88 19.94
C VAL I 158 -18.87 41.95 20.90
N GLN I 159 -19.75 42.49 21.74
CA GLN I 159 -19.33 43.50 22.71
C GLN I 159 -18.31 42.93 23.69
N ALA I 160 -18.58 41.74 24.22
CA ALA I 160 -17.66 41.15 25.19
C ALA I 160 -16.28 40.90 24.57
N PHE I 161 -16.24 40.35 23.35
CA PHE I 161 -14.95 40.09 22.73
C PHE I 161 -14.19 41.38 22.45
N GLN I 162 -14.91 42.43 22.05
CA GLN I 162 -14.23 43.71 21.79
C GLN I 162 -13.73 44.33 23.08
N TYR I 163 -14.51 44.25 24.16
CA TYR I 163 -14.07 44.79 25.44
C TYR I 163 -12.87 44.02 25.98
N THR I 164 -12.98 42.68 26.02
CA THR I 164 -11.84 41.87 26.46
C THR I 164 -10.64 42.06 25.55
N ASP I 165 -10.87 42.26 24.25
CA ASP I 165 -9.77 42.53 23.34
C ASP I 165 -8.98 43.76 23.77
N GLU I 166 -9.69 44.85 24.10
CA GLU I 166 -9.02 46.12 24.34
C GLU I 166 -8.40 46.19 25.73
N HIS I 167 -9.11 45.69 26.75
CA HIS I 167 -8.70 45.88 28.13
C HIS I 167 -7.97 44.67 28.71
N GLY I 168 -7.67 43.66 27.89
CA GLY I 168 -6.89 42.53 28.35
C GLY I 168 -7.45 41.81 29.55
N GLU I 169 -8.74 41.95 29.81
CA GLU I 169 -9.41 41.25 30.89
C GLU I 169 -10.38 40.22 30.31
N VAL I 170 -11.07 39.50 31.19
CA VAL I 170 -11.97 38.43 30.81
C VAL I 170 -13.36 38.74 31.36
N SER I 171 -14.38 38.52 30.55
CA SER I 171 -15.75 38.88 30.92
C SER I 171 -16.45 37.68 31.55
N PRO I 172 -17.04 37.82 32.74
CA PRO I 172 -17.74 36.68 33.37
C PRO I 172 -19.05 36.34 32.68
N ALA I 173 -19.77 35.36 33.23
CA ALA I 173 -21.01 34.91 32.62
C ALA I 173 -22.05 36.02 32.60
N GLY I 174 -22.72 36.18 31.46
CA GLY I 174 -23.76 37.17 31.32
C GLY I 174 -23.27 38.60 31.27
N TRP I 175 -21.97 38.82 31.10
CA TRP I 175 -21.44 40.17 31.04
C TRP I 175 -22.12 40.96 29.93
N LYS I 176 -22.45 42.22 30.23
CA LYS I 176 -22.96 43.17 29.26
C LYS I 176 -22.25 44.50 29.50
N PRO I 177 -22.27 45.40 28.52
CA PRO I 177 -21.58 46.68 28.69
C PRO I 177 -21.99 47.37 29.99
N GLY I 178 -20.99 47.81 30.76
CA GLY I 178 -21.20 48.42 32.05
C GLY I 178 -20.90 47.51 33.22
N SER I 179 -20.89 46.20 33.01
N SER I 179 -20.88 46.19 33.01
CA SER I 179 -20.60 45.25 34.07
CA SER I 179 -20.60 45.25 34.08
C SER I 179 -19.09 45.11 34.26
C SER I 179 -19.10 45.04 34.24
N ASP I 180 -18.72 44.56 35.41
CA ASP I 180 -17.30 44.38 35.73
C ASP I 180 -16.72 43.17 35.00
N THR I 181 -15.44 43.28 34.66
CA THR I 181 -14.65 42.19 34.12
C THR I 181 -13.61 41.76 35.15
N ILE I 182 -12.88 40.70 34.83
CA ILE I 182 -11.97 40.05 35.76
C ILE I 182 -10.55 40.20 35.23
N LYS I 183 -9.64 40.61 36.11
CA LYS I 183 -8.21 40.65 35.79
C LYS I 183 -7.67 39.22 35.89
N PRO I 184 -7.24 38.60 34.78
CA PRO I 184 -7.00 37.15 34.80
C PRO I 184 -5.63 36.76 35.35
N ASN I 185 -5.43 37.01 36.64
CA ASN I 185 -4.31 36.43 37.37
C ASN I 185 -4.74 36.22 38.81
N VAL I 186 -4.01 35.36 39.52
CA VAL I 186 -4.45 34.91 40.82
C VAL I 186 -4.59 36.07 41.79
N ASP I 187 -3.68 37.04 41.72
CA ASP I 187 -3.66 38.11 42.71
C ASP I 187 -4.70 39.18 42.40
N ASP I 188 -4.88 39.54 41.14
CA ASP I 188 -5.79 40.62 40.77
C ASP I 188 -7.23 40.18 40.62
N SER I 189 -7.47 38.91 40.30
CA SER I 189 -8.85 38.42 40.19
C SER I 189 -9.58 38.48 41.53
N LYS I 190 -8.84 38.54 42.64
CA LYS I 190 -9.48 38.62 43.95
C LYS I 190 -10.32 39.88 44.08
N GLU I 191 -9.95 40.96 43.38
CA GLU I 191 -10.75 42.18 43.39
C GLU I 191 -12.20 41.89 42.99
N TYR I 192 -12.38 41.15 41.90
CA TYR I 192 -13.72 40.84 41.43
C TYR I 192 -14.42 39.86 42.37
N PHE I 193 -13.69 38.84 42.84
CA PHE I 193 -14.34 37.76 43.58
C PHE I 193 -14.80 38.20 44.97
N SER I 194 -14.09 39.13 45.59
CA SER I 194 -14.51 39.61 46.90
C SER I 194 -15.61 40.65 46.81
N LYS I 195 -15.62 41.46 45.74
CA LYS I 195 -16.68 42.45 45.58
C LYS I 195 -18.02 41.79 45.30
N HIS I 196 -18.04 40.79 44.43
CA HIS I 196 -19.28 40.19 43.95
C HIS I 196 -19.73 39.00 44.78
N ASN I 197 -19.04 38.68 45.87
CA ASN I 197 -19.46 37.59 46.75
C ASN I 197 -19.39 38.01 48.21
N ALA J 1 -21.08 20.09 14.72
N ALA J 1 -14.99 20.26 13.38
CA ALA J 1 -19.71 20.42 14.35
CA ALA J 1 -13.66 20.09 12.81
C ALA J 1 -18.82 20.46 15.59
C ALA J 1 -12.95 18.92 13.47
N SER J 2 -18.28 19.30 15.96
N SER J 2 -13.36 18.61 14.70
CA SER J 2 -17.41 19.18 17.13
CA SER J 2 -12.84 17.46 15.42
C SER J 2 -16.95 17.75 17.34
C SER J 2 -13.90 16.97 16.38
N GLY J 3 -15.80 17.39 16.78
N GLY J 3 -13.80 15.69 16.73
CA GLY J 3 -15.27 16.05 16.92
CA GLY J 3 -14.76 15.09 17.63
C GLY J 3 -16.26 14.98 16.48
C GLY J 3 -15.91 14.44 16.88
N ASN J 4 -16.93 14.37 17.45
N ASN J 4 -16.97 14.13 17.64
CA ASN J 4 -18.06 13.49 17.17
CA ASN J 4 -18.14 13.46 17.09
C ASN J 4 -19.40 14.18 17.44
C ASN J 4 -19.44 14.18 17.42
N ALA J 5 -19.39 15.35 18.06
CA ALA J 5 -20.60 16.11 18.32
C ALA J 5 -21.14 16.63 16.99
N ARG J 6 -22.32 16.14 16.59
CA ARG J 6 -22.94 16.52 15.34
C ARG J 6 -24.41 16.81 15.59
N ILE J 7 -24.85 18.01 15.16
CA ILE J 7 -26.26 18.36 15.31
C ILE J 7 -27.12 17.31 14.64
N GLY J 8 -28.19 16.91 15.33
CA GLY J 8 -29.14 15.96 14.78
C GLY J 8 -28.76 14.51 14.93
N LYS J 9 -27.65 14.21 15.57
CA LYS J 9 -27.18 12.84 15.78
C LYS J 9 -27.05 12.56 17.27
N PRO J 10 -27.01 11.30 17.68
CA PRO J 10 -26.81 10.98 19.09
C PRO J 10 -25.56 11.68 19.64
N ALA J 11 -25.74 12.42 20.72
CA ALA J 11 -24.63 13.13 21.32
C ALA J 11 -23.56 12.14 21.77
N PRO J 12 -22.27 12.51 21.68
CA PRO J 12 -21.21 11.62 22.17
C PRO J 12 -21.49 11.13 23.58
N ASP J 13 -21.55 9.82 23.76
CA ASP J 13 -21.74 9.26 25.09
C ASP J 13 -20.57 9.65 26.00
N PHE J 14 -20.87 9.81 27.29
CA PHE J 14 -19.82 10.17 28.24
C PHE J 14 -20.09 9.49 29.56
N LYS J 15 -19.02 9.39 30.36
CA LYS J 15 -19.06 8.74 31.67
C LYS J 15 -17.87 9.25 32.46
N ALA J 16 -18.12 9.83 33.63
CA ALA J 16 -17.04 10.47 34.36
C ALA J 16 -17.37 10.50 35.85
N THR J 17 -16.33 10.53 36.66
CA THR J 17 -16.49 10.78 38.09
C THR J 17 -16.78 12.27 38.31
N ALA J 18 -17.77 12.57 39.13
CA ALA J 18 -18.22 13.93 39.34
C ALA J 18 -18.41 14.20 40.83
N VAL J 19 -18.38 15.48 41.18
CA VAL J 19 -18.65 15.94 42.54
C VAL J 19 -20.11 16.35 42.59
N VAL J 20 -20.86 15.77 43.53
CA VAL J 20 -22.29 16.03 43.66
C VAL J 20 -22.61 16.10 45.15
N ASP J 21 -23.13 17.24 45.60
CA ASP J 21 -23.45 17.45 47.01
C ASP J 21 -22.23 17.15 47.88
N GLY J 22 -21.05 17.52 47.39
CA GLY J 22 -19.83 17.38 48.15
C GLY J 22 -19.23 15.99 48.18
N ALA J 23 -19.75 15.05 47.39
CA ALA J 23 -19.24 13.68 47.36
C ALA J 23 -19.03 13.25 45.92
N PHE J 24 -18.24 12.19 45.76
CA PHE J 24 -17.95 11.65 44.44
C PHE J 24 -19.05 10.70 43.98
N LYS J 25 -19.35 10.74 42.69
CA LYS J 25 -20.44 9.96 42.13
C LYS J 25 -20.26 9.86 40.63
N GLU J 26 -20.32 8.64 40.10
CA GLU J 26 -20.22 8.45 38.66
C GLU J 26 -21.46 9.03 37.98
N VAL J 27 -21.24 9.73 36.86
CA VAL J 27 -22.30 10.34 36.09
C VAL J 27 -22.10 9.95 34.63
N LYS J 28 -23.18 9.50 33.98
CA LYS J 28 -23.12 9.07 32.59
C LYS J 28 -24.35 9.57 31.85
N LEU J 29 -24.20 9.74 30.54
CA LEU J 29 -25.27 10.33 29.73
C LEU J 29 -26.56 9.51 29.83
N SER J 30 -26.45 8.19 29.94
CA SER J 30 -27.64 7.35 30.00
C SER J 30 -28.52 7.69 31.20
N ASP J 31 -27.95 8.26 32.26
CA ASP J 31 -28.73 8.62 33.44
C ASP J 31 -29.77 9.68 33.15
N TYR J 32 -29.67 10.38 32.01
CA TYR J 32 -30.52 11.53 31.71
C TYR J 32 -31.46 11.27 30.53
N LYS J 33 -31.85 10.01 30.34
CA LYS J 33 -32.83 9.69 29.32
C LYS J 33 -34.18 10.33 29.68
N GLY J 34 -34.88 10.81 28.65
CA GLY J 34 -36.13 11.52 28.87
C GLY J 34 -35.98 12.93 29.40
N LYS J 35 -34.76 13.38 29.67
CA LYS J 35 -34.50 14.72 30.19
C LYS J 35 -33.51 15.44 29.29
N TYR J 36 -33.71 16.75 29.12
CA TYR J 36 -32.72 17.56 28.42
C TYR J 36 -31.48 17.73 29.28
N VAL J 37 -30.35 17.95 28.62
CA VAL J 37 -29.07 18.13 29.29
C VAL J 37 -28.39 19.36 28.71
N VAL J 38 -27.82 20.18 29.59
CA VAL J 38 -26.95 21.28 29.20
C VAL J 38 -25.56 20.93 29.73
N LEU J 39 -24.69 20.47 28.82
CA LEU J 39 -23.32 20.09 29.14
C LEU J 39 -22.41 21.23 28.71
N PHE J 40 -21.77 21.88 29.68
CA PHE J 40 -20.90 23.02 29.41
C PHE J 40 -19.52 22.75 29.98
N PHE J 41 -18.50 22.87 29.12
CA PHE J 41 -17.11 22.72 29.51
C PHE J 41 -16.55 24.05 29.96
N TYR J 42 -15.52 23.99 30.81
CA TYR J 42 -14.75 25.17 31.19
C TYR J 42 -13.29 24.75 31.33
N PRO J 43 -12.36 25.66 31.04
CA PRO J 43 -10.94 25.24 30.94
C PRO J 43 -10.32 24.71 32.22
N LEU J 44 -10.34 25.48 33.30
CA LEU J 44 -9.53 25.12 34.47
C LEU J 44 -10.23 25.52 35.76
N ASP J 45 -9.98 24.74 36.80
CA ASP J 45 -10.38 25.10 38.14
C ASP J 45 -9.40 26.13 38.71
N PHE J 46 -9.87 26.88 39.70
CA PHE J 46 -9.08 27.94 40.33
C PHE J 46 -8.61 28.98 39.31
N THR J 47 -9.43 29.23 38.29
CA THR J 47 -9.16 30.33 37.36
C THR J 47 -10.21 31.42 37.56
N PHE J 48 -10.70 32.03 36.47
CA PHE J 48 -11.31 33.35 36.61
C PHE J 48 -12.70 33.46 36.00
N VAL J 49 -12.86 33.20 34.70
CA VAL J 49 -14.21 33.23 34.15
C VAL J 49 -14.99 31.97 34.53
N CYS J 50 -14.30 30.84 34.68
CA CYS J 50 -14.97 29.58 34.99
C CYS J 50 -15.85 29.66 36.22
N PRO J 51 -15.37 30.14 37.38
CA PRO J 51 -16.25 30.17 38.55
C PRO J 51 -17.51 31.01 38.35
N THR J 52 -17.41 32.11 37.59
CA THR J 52 -18.59 32.95 37.38
C THR J 52 -19.63 32.21 36.55
N GLU J 53 -19.20 31.43 35.55
CA GLU J 53 -20.13 30.62 34.78
C GLU J 53 -20.70 29.48 35.62
N ILE J 54 -19.82 28.76 36.32
CA ILE J 54 -20.27 27.62 37.13
C ILE J 54 -21.26 28.10 38.20
N ILE J 55 -20.95 29.22 38.85
CA ILE J 55 -21.85 29.75 39.87
C ILE J 55 -23.18 30.17 39.24
N ALA J 56 -23.11 30.83 38.08
CA ALA J 56 -24.33 31.30 37.43
C ALA J 56 -25.26 30.14 37.07
N PHE J 57 -24.70 29.06 36.52
CA PHE J 57 -25.53 27.91 36.18
C PHE J 57 -26.04 27.21 37.44
N SER J 58 -25.22 27.16 38.49
CA SER J 58 -25.66 26.55 39.74
C SER J 58 -26.80 27.35 40.36
N ASN J 59 -26.73 28.69 40.30
CA ASN J 59 -27.79 29.51 40.86
C ASN J 59 -29.10 29.34 40.10
N ARG J 60 -29.04 29.11 38.79
CA ARG J 60 -30.22 28.91 37.96
C ARG J 60 -30.54 27.43 37.77
N ALA J 61 -29.90 26.54 38.53
CA ALA J 61 -30.04 25.11 38.26
C ALA J 61 -31.49 24.66 38.32
N GLU J 62 -32.25 25.13 39.32
CA GLU J 62 -33.62 24.68 39.47
C GLU J 62 -34.51 25.21 38.35
N ASP J 63 -34.20 26.40 37.82
CA ASP J 63 -34.93 26.88 36.65
C ASP J 63 -34.82 25.89 35.49
N PHE J 64 -33.66 25.23 35.36
CA PHE J 64 -33.51 24.20 34.33
C PHE J 64 -34.20 22.91 34.74
N ARG J 65 -34.14 22.56 36.03
CA ARG J 65 -34.75 21.30 36.47
C ARG J 65 -36.26 21.36 36.42
N LYS J 66 -36.84 22.53 36.73
CA LYS J 66 -38.29 22.67 36.60
C LYS J 66 -38.74 22.37 35.17
N LEU J 67 -37.89 22.66 34.19
CA LEU J 67 -38.18 22.33 32.80
C LEU J 67 -37.83 20.90 32.43
N GLY J 68 -37.27 20.13 33.36
CA GLY J 68 -36.81 18.79 33.04
C GLY J 68 -35.46 18.75 32.38
N CYS J 69 -34.59 19.71 32.69
CA CYS J 69 -33.27 19.81 32.09
C CYS J 69 -32.21 19.84 33.18
N GLU J 70 -31.19 19.00 33.03
CA GLU J 70 -30.10 18.92 33.98
C GLU J 70 -28.85 19.60 33.42
N VAL J 71 -28.18 20.37 34.27
CA VAL J 71 -26.99 21.13 33.88
C VAL J 71 -25.77 20.44 34.49
N LEU J 72 -24.77 20.18 33.64
CA LEU J 72 -23.54 19.53 34.07
C LEU J 72 -22.36 20.36 33.64
N GLY J 73 -21.44 20.61 34.57
CA GLY J 73 -20.17 21.25 34.27
C GLY J 73 -19.06 20.22 34.21
N VAL J 74 -18.02 20.53 33.46
CA VAL J 74 -16.91 19.60 33.29
C VAL J 74 -15.67 20.38 32.88
N SER J 75 -14.55 20.02 33.50
CA SER J 75 -13.23 20.43 33.06
C SER J 75 -12.31 19.22 33.14
N VAL J 76 -11.08 19.39 32.62
CA VAL J 76 -10.10 18.30 32.68
C VAL J 76 -9.51 18.14 34.07
N ASP J 77 -9.95 18.92 35.05
CA ASP J 77 -9.49 18.77 36.42
C ASP J 77 -10.06 17.50 37.04
N SER J 78 -9.37 17.00 38.07
CA SER J 78 -9.82 15.80 38.76
C SER J 78 -10.96 16.12 39.72
N GLN J 79 -11.60 15.06 40.23
CA GLN J 79 -12.65 15.25 41.22
C GLN J 79 -12.11 15.73 42.55
N PHE J 80 -10.83 15.47 42.84
CA PHE J 80 -10.23 15.99 44.06
C PHE J 80 -9.99 17.49 43.96
N THR J 81 -9.60 17.96 42.78
CA THR J 81 -9.48 19.40 42.57
C THR J 81 -10.84 20.09 42.60
N HIS J 82 -11.84 19.48 41.96
CA HIS J 82 -13.20 20.02 42.02
C HIS J 82 -13.65 20.21 43.46
N LEU J 83 -13.53 19.16 44.27
CA LEU J 83 -13.97 19.24 45.66
C LEU J 83 -13.23 20.34 46.41
N ALA J 84 -11.90 20.38 46.28
CA ALA J 84 -11.12 21.43 46.92
C ALA J 84 -11.61 22.82 46.49
N TRP J 85 -11.89 22.98 45.20
CA TRP J 85 -12.39 24.27 44.72
C TRP J 85 -13.76 24.57 45.31
N ILE J 86 -14.62 23.55 45.41
CA ILE J 86 -15.93 23.74 46.03
C ILE J 86 -15.80 24.09 47.49
N ASN J 87 -14.78 23.55 48.16
CA ASN J 87 -14.53 23.86 49.56
C ASN J 87 -13.75 25.15 49.76
N THR J 88 -13.54 25.93 48.69
CA THR J 88 -12.96 27.26 48.81
C THR J 88 -14.07 28.30 48.76
N PRO J 89 -14.11 29.26 49.69
CA PRO J 89 -15.19 30.25 49.65
C PRO J 89 -15.19 31.05 48.35
N ARG J 90 -16.39 31.43 47.91
CA ARG J 90 -16.51 32.17 46.65
C ARG J 90 -15.72 33.48 46.71
N LYS J 91 -15.77 34.17 47.85
CA LYS J 91 -15.03 35.42 47.96
CA LYS J 91 -15.03 35.42 48.00
C LYS J 91 -13.54 35.23 47.71
N GLU J 92 -13.02 34.04 47.92
CA GLU J 92 -11.62 33.72 47.65
C GLU J 92 -11.40 33.22 46.22
N GLY J 93 -12.39 33.36 45.35
CA GLY J 93 -12.32 32.78 44.02
C GLY J 93 -12.78 31.35 43.94
N GLY J 94 -13.11 30.73 45.06
CA GLY J 94 -13.64 29.38 45.05
C GLY J 94 -15.03 29.33 44.45
N LEU J 95 -15.60 28.13 44.45
CA LEU J 95 -16.95 27.92 43.96
C LEU J 95 -18.00 27.93 45.06
N GLY J 96 -17.61 27.65 46.31
CA GLY J 96 -18.57 27.44 47.35
C GLY J 96 -19.48 26.27 47.02
N PRO J 97 -20.55 26.10 47.80
CA PRO J 97 -21.48 25.00 47.51
C PRO J 97 -22.09 25.15 46.12
N LEU J 98 -22.23 24.03 45.42
CA LEU J 98 -22.81 23.99 44.09
C LEU J 98 -24.09 23.17 44.08
N ASN J 99 -24.97 23.50 43.14
CA ASN J 99 -26.22 22.78 42.94
CA ASN J 99 -26.23 22.79 42.93
C ASN J 99 -26.24 22.02 41.62
N ILE J 100 -25.09 21.88 40.96
CA ILE J 100 -24.98 21.12 39.72
C ILE J 100 -23.80 20.17 39.84
N PRO J 101 -23.82 19.03 39.15
CA PRO J 101 -22.64 18.15 39.19
C PRO J 101 -21.44 18.82 38.53
N LEU J 102 -20.26 18.38 38.93
CA LEU J 102 -18.99 18.89 38.39
C LEU J 102 -18.17 17.68 37.93
N LEU J 103 -18.26 17.37 36.64
CA LEU J 103 -17.62 16.20 36.10
C LEU J 103 -16.12 16.44 35.90
N ALA J 104 -15.34 15.37 36.04
CA ALA J 104 -13.90 15.41 35.84
C ALA J 104 -13.57 14.73 34.52
N ASP J 105 -12.88 15.46 33.64
CA ASP J 105 -12.48 14.92 32.36
C ASP J 105 -10.95 14.79 32.30
N VAL J 106 -10.38 14.04 33.23
CA VAL J 106 -8.92 14.03 33.33
C VAL J 106 -8.33 13.18 32.21
N THR J 107 -9.08 12.21 31.69
CA THR J 107 -8.65 11.50 30.49
C THR J 107 -8.84 12.32 29.21
N ARG J 108 -9.46 13.50 29.31
N ARG J 108 -9.46 13.50 29.31
CA ARG J 108 -9.75 14.37 28.18
CA ARG J 108 -9.75 14.37 28.18
C ARG J 108 -10.64 13.70 27.13
C ARG J 108 -10.67 13.72 27.15
N ARG J 109 -11.25 12.56 27.47
CA ARG J 109 -12.10 11.87 26.49
C ARG J 109 -13.33 12.70 26.16
N LEU J 110 -13.97 13.30 27.18
CA LEU J 110 -15.15 14.11 26.92
C LEU J 110 -14.81 15.33 26.08
N SER J 111 -13.74 16.04 26.44
CA SER J 111 -13.34 17.22 25.67
C SER J 111 -12.98 16.82 24.24
N GLU J 112 -12.27 15.72 24.06
CA GLU J 112 -11.94 15.25 22.72
C GLU J 112 -13.19 14.84 21.95
N ASP J 113 -14.09 14.10 22.61
CA ASP J 113 -15.28 13.61 21.92
C ASP J 113 -16.20 14.75 21.50
N TYR J 114 -16.21 15.85 22.25
CA TYR J 114 -17.02 17.02 21.93
C TYR J 114 -16.24 18.10 21.21
N GLY J 115 -15.00 17.81 20.80
CA GLY J 115 -14.25 18.72 19.96
C GLY J 115 -14.09 20.13 20.52
N VAL J 116 -13.81 20.24 21.82
CA VAL J 116 -13.61 21.52 22.47
C VAL J 116 -12.25 21.60 23.15
N LEU J 117 -11.35 20.67 22.86
CA LEU J 117 -10.05 20.62 23.52
C LEU J 117 -9.09 21.57 22.84
N LYS J 118 -8.63 22.58 23.58
CA LYS J 118 -7.56 23.46 23.11
C LYS J 118 -6.26 22.67 23.18
N THR J 119 -5.84 22.13 22.03
CA THR J 119 -4.80 21.10 22.03
C THR J 119 -3.49 21.62 22.60
N ASP J 120 -3.15 22.88 22.33
CA ASP J 120 -1.83 23.38 22.73
C ASP J 120 -1.70 23.58 24.23
N GLU J 121 -2.81 23.72 24.95
CA GLU J 121 -2.79 23.85 26.40
C GLU J 121 -3.36 22.66 27.14
N GLY J 122 -4.10 21.78 26.45
CA GLY J 122 -4.69 20.64 27.11
C GLY J 122 -5.90 20.95 27.96
N ILE J 123 -6.63 22.02 27.63
CA ILE J 123 -7.81 22.43 28.37
C ILE J 123 -8.97 22.59 27.40
N ALA J 124 -10.18 22.59 27.95
CA ALA J 124 -11.40 22.62 27.15
C ALA J 124 -11.84 24.06 26.93
N TYR J 125 -12.19 24.39 25.69
CA TYR J 125 -12.82 25.67 25.41
C TYR J 125 -14.16 25.76 26.13
N ARG J 126 -14.72 26.97 26.16
CA ARG J 126 -16.01 27.22 26.79
C ARG J 126 -17.12 26.72 25.86
N GLY J 127 -17.19 25.40 25.74
CA GLY J 127 -18.16 24.75 24.89
C GLY J 127 -19.37 24.31 25.67
N LEU J 128 -20.55 24.68 25.16
CA LEU J 128 -21.83 24.31 25.75
C LEU J 128 -22.64 23.54 24.73
N PHE J 129 -23.29 22.46 25.19
CA PHE J 129 -24.04 21.57 24.32
C PHE J 129 -25.39 21.28 24.93
N ILE J 130 -26.42 21.25 24.09
CA ILE J 130 -27.80 20.99 24.52
C ILE J 130 -28.23 19.66 23.92
N ILE J 131 -28.54 18.70 24.77
CA ILE J 131 -28.96 17.36 24.36
C ILE J 131 -30.40 17.17 24.81
N ASP J 132 -31.22 16.60 23.92
CA ASP J 132 -32.62 16.41 24.24
C ASP J 132 -32.82 15.12 25.03
N GLY J 133 -34.06 14.90 25.46
CA GLY J 133 -34.40 13.72 26.22
C GLY J 133 -34.19 12.41 25.47
N LYS J 134 -33.94 12.47 24.17
CA LYS J 134 -33.66 11.29 23.36
C LYS J 134 -32.17 11.12 23.09
N GLY J 135 -31.31 11.88 23.76
CA GLY J 135 -29.88 11.77 23.57
C GLY J 135 -29.34 12.40 22.32
N VAL J 136 -30.15 13.17 21.59
CA VAL J 136 -29.73 13.80 20.36
C VAL J 136 -29.15 15.18 20.66
N LEU J 137 -28.06 15.52 19.99
CA LEU J 137 -27.47 16.85 20.12
C LEU J 137 -28.27 17.85 19.29
N ARG J 138 -28.65 18.97 19.92
CA ARG J 138 -29.47 19.97 19.27
C ARG J 138 -28.81 21.33 19.13
N GLN J 139 -27.79 21.64 19.94
CA GLN J 139 -27.21 22.97 19.95
C GLN J 139 -25.75 22.89 20.33
N ILE J 140 -24.93 23.73 19.70
CA ILE J 140 -23.50 23.83 19.98
C ILE J 140 -23.16 25.29 20.19
N THR J 141 -22.50 25.59 21.31
CA THR J 141 -22.02 26.93 21.62
C THR J 141 -20.60 26.82 22.15
N VAL J 142 -19.64 27.38 21.43
CA VAL J 142 -18.24 27.36 21.84
C VAL J 142 -17.73 28.79 21.84
N ASN J 143 -17.19 29.23 22.97
CA ASN J 143 -16.65 30.57 23.12
C ASN J 143 -15.15 30.50 23.31
N ASP J 144 -14.44 31.50 22.78
CA ASP J 144 -13.05 31.67 23.13
C ASP J 144 -12.94 31.89 24.64
N LEU J 145 -11.75 31.61 25.17
CA LEU J 145 -11.59 31.60 26.63
C LEU J 145 -11.99 32.90 27.32
N PRO J 146 -11.66 34.09 26.81
CA PRO J 146 -11.85 35.30 27.61
C PRO J 146 -13.29 35.82 27.68
N VAL J 147 -14.28 35.12 27.12
CA VAL J 147 -15.65 35.60 27.11
C VAL J 147 -16.57 34.50 27.61
N GLY J 148 -17.28 34.76 28.71
CA GLY J 148 -18.19 33.79 29.28
C GLY J 148 -19.50 33.69 28.52
N ARG J 149 -20.24 32.63 28.83
CA ARG J 149 -21.50 32.35 28.17
C ARG J 149 -22.66 32.99 28.91
N SER J 150 -23.87 32.82 28.38
CA SER J 150 -25.08 33.42 28.92
C SER J 150 -26.04 32.32 29.35
N VAL J 151 -26.39 32.29 30.63
CA VAL J 151 -27.34 31.30 31.12
C VAL J 151 -28.74 31.60 30.60
N ASP J 152 -29.06 32.89 30.40
CA ASP J 152 -30.37 33.24 29.86
C ASP J 152 -30.58 32.65 28.47
N GLU J 153 -29.59 32.81 27.59
CA GLU J 153 -29.71 32.27 26.24
C GLU J 153 -29.75 30.75 26.27
N ALA J 154 -28.92 30.13 27.11
CA ALA J 154 -28.95 28.68 27.25
C ALA J 154 -30.34 28.21 27.67
N LEU J 155 -30.93 28.88 28.66
CA LEU J 155 -32.28 28.53 29.09
C LEU J 155 -33.29 28.78 27.97
N ARG J 156 -33.18 29.92 27.30
CA ARG J 156 -34.08 30.22 26.19
C ARG J 156 -34.01 29.13 25.12
N LEU J 157 -32.82 28.61 24.85
CA LEU J 157 -32.68 27.59 23.81
C LEU J 157 -33.29 26.27 24.25
N VAL J 158 -33.10 25.88 25.51
CA VAL J 158 -33.75 24.67 26.01
C VAL J 158 -35.26 24.78 25.89
N GLN J 159 -35.82 25.93 26.27
CA GLN J 159 -37.26 26.13 26.14
C GLN J 159 -37.68 26.06 24.69
N ALA J 160 -36.92 26.69 23.79
CA ALA J 160 -37.29 26.71 22.38
C ALA J 160 -37.28 25.30 21.78
N PHE J 161 -36.25 24.51 22.11
CA PHE J 161 -36.18 23.15 21.58
C PHE J 161 -37.29 22.28 22.16
N GLN J 162 -37.58 22.42 23.46
CA GLN J 162 -38.67 21.67 24.06
C GLN J 162 -40.00 22.07 23.45
N TYR J 163 -40.24 23.38 23.29
CA TYR J 163 -41.50 23.84 22.71
C TYR J 163 -41.64 23.34 21.28
N THR J 164 -40.65 23.61 20.43
CA THR J 164 -40.71 23.15 19.05
C THR J 164 -40.83 21.63 18.98
N ASP J 165 -40.19 20.91 19.90
CA ASP J 165 -40.31 19.46 19.93
C ASP J 165 -41.77 19.01 20.06
N GLU J 166 -42.49 19.58 21.03
CA GLU J 166 -43.78 19.01 21.40
C GLU J 166 -44.90 19.44 20.44
N HIS J 167 -44.75 20.59 19.77
CA HIS J 167 -45.78 21.08 18.86
C HIS J 167 -45.42 20.93 17.39
N GLY J 168 -44.21 20.49 17.08
CA GLY J 168 -43.83 20.37 15.68
C GLY J 168 -43.86 21.68 14.93
N GLU J 169 -43.48 22.77 15.59
CA GLU J 169 -43.37 24.08 14.97
C GLU J 169 -41.94 24.58 15.11
N VAL J 170 -41.68 25.76 14.58
CA VAL J 170 -40.33 26.33 14.55
C VAL J 170 -40.36 27.72 15.17
N SER J 171 -39.36 28.00 16.02
CA SER J 171 -39.33 29.24 16.80
C SER J 171 -38.56 30.32 16.05
N PRO J 172 -39.16 31.50 15.81
CA PRO J 172 -38.43 32.57 15.12
C PRO J 172 -37.22 33.06 15.90
N ALA J 173 -36.51 34.03 15.32
CA ALA J 173 -35.35 34.62 16.00
C ALA J 173 -35.80 35.34 17.27
N GLY J 174 -35.00 35.18 18.33
CA GLY J 174 -35.30 35.82 19.59
C GLY J 174 -36.52 35.28 20.30
N TRP J 175 -37.11 34.20 19.81
CA TRP J 175 -38.31 33.63 20.42
C TRP J 175 -38.09 33.39 21.91
N LYS J 176 -39.13 33.62 22.70
CA LYS J 176 -39.15 33.34 24.12
CA LYS J 176 -39.14 33.32 24.11
C LYS J 176 -40.50 32.79 24.49
N PRO J 177 -40.60 32.04 25.59
CA PRO J 177 -41.89 31.47 26.00
C PRO J 177 -42.98 32.54 26.03
N GLY J 178 -44.13 32.21 25.43
CA GLY J 178 -45.23 33.12 25.28
C GLY J 178 -45.35 33.72 23.89
N SER J 179 -44.25 33.82 23.16
CA SER J 179 -44.25 34.40 21.83
C SER J 179 -44.82 33.42 20.82
N ASP J 180 -44.97 33.88 19.58
CA ASP J 180 -45.55 33.05 18.53
C ASP J 180 -44.48 32.17 17.88
N THR J 181 -44.95 31.04 17.34
CA THR J 181 -44.12 30.15 16.54
C THR J 181 -44.71 30.08 15.12
N ILE J 182 -43.99 29.40 14.24
CA ILE J 182 -44.37 29.30 12.83
C ILE J 182 -44.69 27.84 12.52
N LYS J 183 -45.79 27.65 11.80
CA LYS J 183 -46.12 26.33 11.25
C LYS J 183 -45.30 26.13 10.00
N PRO J 184 -44.33 25.20 10.00
CA PRO J 184 -43.36 25.13 8.89
C PRO J 184 -43.91 24.50 7.63
N ASN J 185 -44.87 25.17 7.00
CA ASN J 185 -45.29 24.83 5.65
C ASN J 185 -45.79 26.10 4.99
N VAL J 186 -45.73 26.12 3.65
CA VAL J 186 -45.89 27.38 2.91
C VAL J 186 -47.19 28.07 3.29
N ASP J 187 -48.31 27.35 3.19
CA ASP J 187 -49.60 27.98 3.41
C ASP J 187 -49.75 28.46 4.85
N ASP J 188 -49.65 27.54 5.81
CA ASP J 188 -49.88 27.89 7.21
C ASP J 188 -48.85 28.89 7.73
N SER J 189 -47.66 28.96 7.14
CA SER J 189 -46.67 29.94 7.56
C SER J 189 -47.15 31.36 7.30
N LYS J 190 -48.09 31.55 6.38
CA LYS J 190 -48.56 32.90 6.07
C LYS J 190 -49.24 33.55 7.26
N GLU J 191 -49.85 32.75 8.14
CA GLU J 191 -50.48 33.30 9.34
C GLU J 191 -49.50 34.16 10.13
N TYR J 192 -48.31 33.62 10.39
CA TYR J 192 -47.30 34.36 11.15
C TYR J 192 -46.80 35.57 10.37
N PHE J 193 -46.50 35.38 9.08
CA PHE J 193 -45.85 36.44 8.31
C PHE J 193 -46.75 37.66 8.18
N SER J 194 -48.03 37.46 7.88
CA SER J 194 -48.94 38.60 7.77
C SER J 194 -49.17 39.26 9.12
N LYS J 195 -49.17 38.48 10.20
CA LYS J 195 -49.47 39.04 11.52
C LYS J 195 -48.32 39.93 12.01
N HIS J 196 -47.08 39.54 11.74
CA HIS J 196 -45.92 40.23 12.28
C HIS J 196 -45.28 41.19 11.28
N ASN J 197 -45.93 41.46 10.15
CA ASN J 197 -45.41 42.40 9.17
C ASN J 197 -46.53 43.26 8.59
#